data_4NKY
#
_entry.id   4NKY
#
_cell.length_a   91.285
_cell.length_b   151.778
_cell.length_c   168.045
_cell.angle_alpha   90.00
_cell.angle_beta   90.00
_cell.angle_gamma   90.00
#
_symmetry.space_group_name_H-M   'P 21 21 21'
#
loop_
_entity.id
_entity.type
_entity.pdbx_description
1 polymer 'Steroid 17-alpha-hydroxylase/17,20 lyase'
2 non-polymer 'PROTOPORPHYRIN IX CONTAINING FE'
3 non-polymer (9beta)-17-hydroxypregn-4-ene-3,20-dione
4 water water
#
_entity_poly.entity_id   1
_entity_poly.type   'polypeptide(L)'
_entity_poly.pdbx_seq_one_letter_code
;MAKKTGAKYPKSLLSLPLVGSLPFLPRHGHMHNNFFKLQKKYGPIYSVRMGTKTTVIVGHHQLAKEVLIKKGKDFSGRPQ
MATLDILSNNRKGIAFADSGAHWQLHRRLAMATFALFKDGDQKLEKIICQEISTLCDMLATHNGQSIDISFPVFVAVTNV
ISLICFNTSYKNGDPELNVIQNYNEGIIDNLSKDSLVDLVPWLKIFPNKTLEKLKSHVKIRNDLLNKILENYKEKFRSDS
ITNMLDTLMQAKMNSDNGNAGPDQDSELLSDNHILTTIGDIFGAGVETTTSVVKWTLAFLLHNPQVKKKLYEEIDQNVGF
SRTPTISDRNRLLLLEATIREVLRLRPVAPMLIPHKANVDSSIGEFAVDKGTEVIINLWALHHNEKEWHQPDQFMPERFL
NPAGTQLISPSVSYLPFGAGPRSCIGEILARQELFLIMAWLLQRFDLEVPDDGQLPSLEGIPKVVFLIDSFKVKIKVRQA
WREAQAEGSTHHHH
;
_entity_poly.pdbx_strand_id   A,B,C,D
#
loop_
_chem_comp.id
_chem_comp.type
_chem_comp.name
_chem_comp.formula
3QZ non-polymer (9beta)-17-hydroxypregn-4-ene-3,20-dione 'C21 H30 O3'
HEM non-polymer 'PROTOPORPHYRIN IX CONTAINING FE' 'C34 H32 Fe N4 O4'
#
# COMPACT_ATOMS: atom_id res chain seq x y z
N LEU A 13 38.70 -2.74 -28.84
CA LEU A 13 37.80 -1.99 -27.96
C LEU A 13 37.98 -2.41 -26.50
N LEU A 14 38.20 -1.43 -25.61
CA LEU A 14 38.64 -1.72 -24.24
C LEU A 14 37.54 -1.71 -23.19
N SER A 15 37.89 -2.26 -22.02
CA SER A 15 36.98 -2.37 -20.89
C SER A 15 37.01 -1.10 -20.09
N LEU A 16 35.85 -0.68 -19.59
CA LEU A 16 35.78 0.53 -18.80
C LEU A 16 36.56 0.35 -17.50
N PRO A 17 37.28 1.39 -17.07
CA PRO A 17 37.86 1.32 -15.72
C PRO A 17 36.77 1.02 -14.69
N LEU A 18 37.14 0.26 -13.66
CA LEU A 18 36.18 -0.16 -12.65
C LEU A 18 36.61 0.29 -11.25
N VAL A 19 35.86 1.21 -10.64
CA VAL A 19 36.20 1.71 -9.33
C VAL A 19 35.62 0.85 -8.21
N GLY A 20 34.56 0.12 -8.52
CA GLY A 20 33.88 -0.69 -7.52
C GLY A 20 33.02 -1.79 -8.12
N SER A 21 32.81 -2.85 -7.35
CA SER A 21 32.02 -4.00 -7.77
C SER A 21 31.39 -4.72 -6.56
N LEU A 22 30.07 -4.92 -6.62
CA LEU A 22 29.35 -5.75 -5.64
C LEU A 22 28.59 -6.85 -6.37
N PRO A 23 28.52 -8.05 -5.77
CA PRO A 23 27.96 -9.21 -6.48
C PRO A 23 26.45 -9.20 -6.62
N PHE A 24 25.77 -8.38 -5.83
CA PHE A 24 24.33 -8.24 -5.98
C PHE A 24 23.86 -6.82 -5.63
N LEU A 25 22.60 -6.55 -5.89
CA LEU A 25 22.04 -5.20 -5.71
C LEU A 25 21.78 -4.88 -4.25
N PRO A 26 22.22 -3.69 -3.80
CA PRO A 26 21.89 -3.32 -2.42
C PRO A 26 20.39 -3.12 -2.29
N ARG A 27 19.84 -3.52 -1.15
CA ARG A 27 18.41 -3.36 -0.84
C ARG A 27 17.47 -4.06 -1.82
N HIS A 28 17.91 -5.20 -2.36
CA HIS A 28 17.03 -6.03 -3.17
C HIS A 28 17.04 -7.46 -2.67
N GLY A 29 15.91 -7.91 -2.12
CA GLY A 29 15.85 -9.22 -1.50
C GLY A 29 16.53 -9.22 -0.14
N HIS A 30 16.34 -10.28 0.62
CA HIS A 30 16.95 -10.37 1.93
C HIS A 30 18.44 -10.67 1.83
N MET A 31 19.23 -9.97 2.63
CA MET A 31 20.68 -10.11 2.61
C MET A 31 21.13 -11.54 2.85
N HIS A 32 20.57 -12.18 3.86
CA HIS A 32 21.01 -13.50 4.29
C HIS A 32 20.78 -14.52 3.18
N ASN A 33 19.84 -14.22 2.30
CA ASN A 33 19.52 -15.13 1.22
C ASN A 33 20.34 -14.82 -0.03
N ASN A 34 20.68 -13.55 -0.21
CA ASN A 34 21.51 -13.15 -1.34
C ASN A 34 22.90 -13.72 -1.14
N PHE A 35 23.32 -13.74 0.12
CA PHE A 35 24.62 -14.30 0.47
C PHE A 35 24.59 -15.80 0.23
N PHE A 36 23.54 -16.45 0.71
CA PHE A 36 23.34 -17.87 0.50
C PHE A 36 23.42 -18.25 -1.00
N LYS A 37 22.74 -17.47 -1.84
CA LYS A 37 22.71 -17.77 -3.27
C LYS A 37 24.10 -17.68 -3.89
N LEU A 38 24.92 -16.75 -3.42
CA LEU A 38 26.25 -16.57 -3.99
C LEU A 38 27.11 -17.83 -3.83
N GLN A 39 26.75 -18.67 -2.86
CA GLN A 39 27.56 -19.82 -2.53
C GLN A 39 27.63 -20.82 -3.68
N LYS A 40 26.62 -20.81 -4.56
CA LYS A 40 26.63 -21.71 -5.73
C LYS A 40 27.82 -21.43 -6.64
N LYS A 41 28.35 -20.23 -6.52
CA LYS A 41 29.31 -19.67 -7.45
C LYS A 41 30.70 -19.60 -6.82
N TYR A 42 30.73 -19.29 -5.53
CA TYR A 42 31.98 -18.93 -4.85
C TYR A 42 32.31 -19.92 -3.74
N GLY A 43 31.37 -20.82 -3.45
CA GLY A 43 31.57 -21.79 -2.38
C GLY A 43 31.03 -21.23 -1.08
N PRO A 44 31.13 -22.01 0.00
CA PRO A 44 30.50 -21.67 1.28
C PRO A 44 31.18 -20.53 2.06
N ILE A 45 32.31 -20.03 1.60
CA ILE A 45 33.02 -18.95 2.30
C ILE A 45 33.68 -17.97 1.34
N TYR A 46 33.53 -16.68 1.60
CA TYR A 46 34.07 -15.66 0.72
C TYR A 46 34.08 -14.32 1.43
N SER A 47 34.73 -13.35 0.81
CA SER A 47 34.98 -12.08 1.47
C SER A 47 34.57 -10.92 0.56
N VAL A 48 34.23 -9.81 1.23
CA VAL A 48 33.88 -8.57 0.57
C VAL A 48 34.62 -7.44 1.29
N ARG A 49 35.06 -6.43 0.53
CA ARG A 49 35.86 -5.33 1.08
C ARG A 49 35.18 -3.96 0.89
N MET A 50 34.98 -3.25 1.99
CA MET A 50 34.38 -1.92 1.99
C MET A 50 35.36 -0.87 2.46
N GLY A 51 35.98 -0.15 1.53
CA GLY A 51 37.04 0.77 1.87
C GLY A 51 38.25 0.03 2.43
N THR A 52 38.30 -0.07 3.76
CA THR A 52 39.37 -0.77 4.47
C THR A 52 38.85 -2.03 5.14
N LYS A 53 37.62 -1.97 5.62
CA LYS A 53 36.98 -3.11 6.28
C LYS A 53 36.83 -4.29 5.33
N THR A 54 37.23 -5.47 5.79
CA THR A 54 37.00 -6.69 5.05
C THR A 54 36.02 -7.54 5.86
N THR A 55 35.08 -8.14 5.15
CA THR A 55 34.05 -8.95 5.77
C THR A 55 34.06 -10.32 5.13
N VAL A 56 34.05 -11.36 5.96
CA VAL A 56 34.02 -12.74 5.50
C VAL A 56 32.67 -13.33 5.88
N ILE A 57 32.01 -13.97 4.91
CA ILE A 57 30.70 -14.60 5.15
C ILE A 57 30.89 -16.12 5.10
N VAL A 58 30.38 -16.82 6.12
CA VAL A 58 30.46 -18.26 6.23
C VAL A 58 29.07 -18.90 6.16
N GLY A 59 28.90 -19.91 5.31
CA GLY A 59 27.61 -20.54 5.09
C GLY A 59 27.61 -22.06 5.19
N HIS A 60 28.62 -22.60 5.85
CA HIS A 60 28.71 -24.04 6.09
C HIS A 60 28.95 -24.31 7.56
N HIS A 61 28.31 -25.36 8.08
CA HIS A 61 28.27 -25.60 9.52
C HIS A 61 29.64 -26.01 10.07
N GLN A 62 30.41 -26.73 9.27
CA GLN A 62 31.75 -27.08 9.70
C GLN A 62 32.59 -25.83 9.89
N LEU A 63 32.52 -24.92 8.92
CA LEU A 63 33.23 -23.64 9.02
C LEU A 63 32.67 -22.77 10.14
N ALA A 64 31.35 -22.79 10.29
CA ALA A 64 30.68 -22.00 11.30
C ALA A 64 31.11 -22.42 12.71
N LYS A 65 31.16 -23.73 12.92
CA LYS A 65 31.56 -24.30 14.21
C LYS A 65 33.07 -24.14 14.46
N GLU A 66 33.85 -23.95 13.40
CA GLU A 66 35.24 -23.56 13.59
C GLU A 66 35.29 -22.13 14.14
N VAL A 67 34.54 -21.22 13.54
CA VAL A 67 34.53 -19.80 13.95
C VAL A 67 33.97 -19.61 15.35
N LEU A 68 32.97 -20.41 15.72
CA LEU A 68 32.24 -20.22 16.97
C LEU A 68 32.72 -21.08 18.15
N ILE A 69 33.32 -22.22 17.86
CA ILE A 69 33.70 -23.16 18.89
C ILE A 69 35.19 -23.48 18.87
N LYS A 70 35.60 -24.24 17.86
CA LYS A 70 37.00 -24.68 17.67
C LYS A 70 38.02 -23.54 17.77
N LYS A 71 37.62 -22.33 17.39
CA LYS A 71 38.44 -21.12 17.53
C LYS A 71 37.58 -19.96 18.09
N GLY A 72 36.61 -20.31 18.92
CA GLY A 72 35.73 -19.35 19.57
C GLY A 72 36.38 -18.10 20.10
N LYS A 73 37.42 -18.24 20.91
CA LYS A 73 38.06 -17.09 21.51
C LYS A 73 38.66 -16.18 20.44
N ASP A 74 39.06 -16.75 19.32
CA ASP A 74 39.69 -15.95 18.26
C ASP A 74 38.71 -15.00 17.59
N PHE A 75 37.47 -15.48 17.41
CA PHE A 75 36.45 -14.73 16.65
C PHE A 75 35.36 -14.17 17.58
N SER A 76 35.70 -13.91 18.82
CA SER A 76 34.72 -13.58 19.83
C SER A 76 34.50 -12.09 19.93
N GLY A 77 35.14 -11.34 19.03
CA GLY A 77 35.00 -9.89 19.03
C GLY A 77 33.71 -9.43 18.36
N ARG A 78 33.36 -8.16 18.56
CA ARG A 78 32.26 -7.52 17.83
C ARG A 78 32.79 -6.34 17.03
N PRO A 79 32.34 -6.17 15.78
CA PRO A 79 32.68 -4.93 15.08
C PRO A 79 32.02 -3.69 15.69
N GLN A 80 32.54 -2.52 15.34
CA GLN A 80 32.02 -1.24 15.81
C GLN A 80 31.08 -0.63 14.77
N MET A 81 29.87 -0.26 15.21
CA MET A 81 28.90 0.38 14.33
C MET A 81 28.32 1.60 15.02
N ALA A 82 28.02 2.62 14.23
CA ALA A 82 27.49 3.88 14.75
C ALA A 82 26.19 3.71 15.52
N THR A 83 25.28 2.90 14.99
CA THR A 83 24.00 2.70 15.65
C THR A 83 24.19 1.87 16.92
N LEU A 84 24.98 0.82 16.84
CA LEU A 84 25.20 -0.03 18.00
C LEU A 84 25.89 0.73 19.11
N ASP A 85 26.74 1.68 18.75
CA ASP A 85 27.40 2.53 19.73
C ASP A 85 26.42 3.29 20.59
N ILE A 86 25.37 3.81 19.96
CA ILE A 86 24.34 4.58 20.66
C ILE A 86 23.52 3.71 21.61
N LEU A 87 23.10 2.55 21.12
CA LEU A 87 22.28 1.62 21.90
C LEU A 87 23.06 0.98 23.07
N SER A 88 24.34 0.68 22.85
CA SER A 88 25.16 -0.01 23.83
C SER A 88 25.93 0.95 24.72
N ASN A 89 25.68 2.25 24.54
CA ASN A 89 26.35 3.30 25.29
C ASN A 89 27.87 3.11 25.15
N ASN A 90 28.32 3.16 23.89
CA ASN A 90 29.73 2.98 23.51
C ASN A 90 30.32 1.61 23.90
N ARG A 91 29.64 0.55 23.45
CA ARG A 91 30.16 -0.82 23.55
C ARG A 91 30.19 -1.37 24.97
N LYS A 92 29.21 -0.96 25.78
CA LYS A 92 29.01 -1.54 27.10
C LYS A 92 27.93 -2.60 27.01
N GLY A 93 27.53 -3.14 28.15
CA GLY A 93 26.61 -4.26 28.17
C GLY A 93 27.29 -5.57 27.78
N ILE A 94 26.55 -6.38 27.04
CA ILE A 94 26.98 -7.73 26.68
C ILE A 94 27.00 -7.91 25.16
N ALA A 95 25.82 -7.81 24.55
CA ALA A 95 25.59 -8.30 23.19
C ALA A 95 26.43 -7.63 22.09
N PHE A 96 26.67 -6.32 22.25
CA PHE A 96 27.34 -5.51 21.24
C PHE A 96 28.68 -5.02 21.75
N ALA A 97 29.04 -5.50 22.94
CA ALA A 97 30.34 -5.21 23.53
C ALA A 97 31.41 -6.04 22.83
N ASP A 98 32.61 -5.49 22.73
CA ASP A 98 33.74 -6.22 22.19
C ASP A 98 34.17 -7.17 23.29
N SER A 99 34.93 -8.20 22.92
CA SER A 99 35.44 -9.16 23.90
C SER A 99 36.44 -8.42 24.79
N GLY A 100 36.28 -8.57 26.10
CA GLY A 100 37.09 -7.83 27.05
C GLY A 100 36.67 -8.11 28.48
N ALA A 101 37.26 -7.36 29.41
CA ALA A 101 37.05 -7.59 30.83
C ALA A 101 35.62 -7.27 31.23
N HIS A 102 35.07 -6.22 30.63
CA HIS A 102 33.71 -5.81 30.96
C HIS A 102 32.67 -6.83 30.44
N TRP A 103 32.82 -7.24 29.18
CA TRP A 103 31.90 -8.19 28.55
C TRP A 103 31.84 -9.49 29.34
N GLN A 104 33.01 -10.09 29.53
CA GLN A 104 33.13 -11.36 30.24
C GLN A 104 32.51 -11.29 31.64
N LEU A 105 32.78 -10.18 32.33
CA LEU A 105 32.26 -9.99 33.67
C LEU A 105 30.75 -10.00 33.69
N HIS A 106 30.15 -9.08 32.92
CA HIS A 106 28.70 -8.91 32.91
C HIS A 106 28.01 -10.14 32.35
N ARG A 107 28.65 -10.79 31.38
CA ARG A 107 28.11 -12.04 30.85
C ARG A 107 28.06 -13.08 31.95
N ARG A 108 29.13 -13.15 32.75
CA ARG A 108 29.20 -14.12 33.82
C ARG A 108 28.11 -13.84 34.86
N LEU A 109 28.07 -12.59 35.32
CA LEU A 109 27.10 -12.18 36.33
C LEU A 109 25.67 -12.39 35.83
N ALA A 110 25.43 -12.03 34.58
CA ALA A 110 24.10 -12.18 34.01
C ALA A 110 23.73 -13.66 34.01
N MET A 111 24.67 -14.49 33.57
CA MET A 111 24.44 -15.94 33.55
C MET A 111 24.20 -16.45 34.97
N ALA A 112 24.88 -15.82 35.94
CA ALA A 112 24.82 -16.27 37.33
C ALA A 112 23.44 -16.05 37.93
N THR A 113 22.82 -14.94 37.53
CA THR A 113 21.50 -14.59 38.03
C THR A 113 20.49 -15.69 37.74
N PHE A 114 20.60 -16.31 36.57
CA PHE A 114 19.64 -17.34 36.17
C PHE A 114 19.58 -18.50 37.17
N ALA A 115 20.64 -18.66 37.96
CA ALA A 115 20.69 -19.71 38.97
C ALA A 115 19.66 -19.43 40.07
N LEU A 116 19.44 -18.15 40.36
CA LEU A 116 18.56 -17.73 41.45
C LEU A 116 17.07 -18.00 41.18
N PHE A 117 16.77 -18.77 40.12
CA PHE A 117 15.38 -19.09 39.75
C PHE A 117 15.19 -20.55 39.34
N LYS A 118 16.01 -21.46 39.89
CA LYS A 118 16.06 -22.85 39.42
C LYS A 118 15.09 -23.81 40.14
N ASP A 119 14.72 -23.51 41.37
CA ASP A 119 13.75 -24.34 42.10
C ASP A 119 13.36 -23.74 43.46
N GLN A 122 10.44 -18.39 43.84
CA GLN A 122 10.83 -17.77 42.58
C GLN A 122 11.40 -18.79 41.59
N LYS A 123 10.74 -19.94 41.46
CA LYS A 123 11.08 -20.91 40.44
C LYS A 123 10.65 -20.36 39.08
N LEU A 124 11.55 -20.41 38.10
CA LEU A 124 11.33 -19.74 36.82
C LEU A 124 10.00 -20.12 36.19
N GLU A 125 9.69 -21.42 36.22
CA GLU A 125 8.42 -21.93 35.70
C GLU A 125 7.21 -21.24 36.33
N LYS A 126 7.33 -20.86 37.59
CA LYS A 126 6.22 -20.25 38.31
C LYS A 126 6.12 -18.76 37.98
N ILE A 127 7.26 -18.15 37.69
CA ILE A 127 7.25 -16.78 37.20
C ILE A 127 6.55 -16.76 35.84
N ILE A 128 6.97 -17.65 34.95
CA ILE A 128 6.41 -17.70 33.59
C ILE A 128 4.92 -18.01 33.61
N CYS A 129 4.52 -19.07 34.30
CA CYS A 129 3.13 -19.53 34.25
C CYS A 129 2.19 -18.52 34.89
N GLN A 130 2.73 -17.71 35.80
CA GLN A 130 1.97 -16.64 36.45
C GLN A 130 1.47 -15.66 35.39
N GLU A 131 2.39 -15.17 34.56
CA GLU A 131 2.09 -14.15 33.57
C GLU A 131 1.30 -14.68 32.38
N ILE A 132 1.44 -15.97 32.11
CA ILE A 132 0.71 -16.61 31.02
C ILE A 132 -0.76 -16.72 31.39
N SER A 133 -1.01 -16.98 32.67
CA SER A 133 -2.37 -17.11 33.14
C SER A 133 -3.11 -15.80 32.92
N THR A 134 -2.43 -14.70 33.23
CA THR A 134 -2.98 -13.38 33.02
C THR A 134 -3.14 -13.11 31.53
N LEU A 135 -2.13 -13.50 30.75
CA LEU A 135 -2.20 -13.38 29.30
C LEU A 135 -3.45 -14.06 28.73
N CYS A 136 -3.74 -15.25 29.24
CA CYS A 136 -4.86 -16.05 28.74
C CYS A 136 -6.20 -15.51 29.21
N ASP A 137 -6.21 -14.89 30.40
CA ASP A 137 -7.43 -14.25 30.89
C ASP A 137 -7.74 -13.01 30.07
N MET A 138 -6.72 -12.22 29.73
CA MET A 138 -6.90 -11.07 28.85
C MET A 138 -7.58 -11.55 27.57
N LEU A 139 -6.98 -12.55 26.94
CA LEU A 139 -7.40 -13.01 25.62
C LEU A 139 -8.76 -13.66 25.60
N ALA A 140 -9.17 -14.22 26.73
CA ALA A 140 -10.49 -14.83 26.86
C ALA A 140 -11.58 -13.77 26.67
N THR A 141 -11.30 -12.55 27.14
CA THR A 141 -12.26 -11.45 27.01
C THR A 141 -12.53 -11.13 25.55
N HIS A 142 -11.58 -11.47 24.67
CA HIS A 142 -11.70 -11.18 23.24
C HIS A 142 -12.35 -12.33 22.50
N ASN A 143 -13.06 -13.18 23.25
CA ASN A 143 -13.77 -14.32 22.67
C ASN A 143 -14.62 -13.92 21.48
N GLY A 144 -14.28 -14.46 20.32
CA GLY A 144 -15.08 -14.27 19.13
C GLY A 144 -14.56 -13.15 18.25
N GLN A 145 -13.50 -12.48 18.69
CA GLN A 145 -12.94 -11.34 17.97
C GLN A 145 -11.59 -11.64 17.30
N SER A 146 -11.25 -10.86 16.27
CA SER A 146 -9.93 -10.93 15.62
C SER A 146 -9.03 -9.81 16.13
N ILE A 147 -7.89 -10.20 16.71
CA ILE A 147 -6.96 -9.24 17.28
C ILE A 147 -5.52 -9.52 16.81
N ASP A 148 -4.67 -8.51 16.94
CA ASP A 148 -3.23 -8.68 16.88
C ASP A 148 -2.83 -9.07 18.30
N ILE A 149 -2.07 -10.16 18.45
CA ILE A 149 -1.71 -10.66 19.79
C ILE A 149 -0.34 -10.17 20.24
N SER A 150 0.24 -9.27 19.46
CA SER A 150 1.56 -8.74 19.76
C SER A 150 1.72 -8.21 21.17
N PHE A 151 0.89 -7.23 21.52
CA PHE A 151 1.06 -6.49 22.77
C PHE A 151 0.78 -7.33 24.02
N PRO A 152 -0.35 -8.05 24.08
CA PRO A 152 -0.58 -8.92 25.24
C PRO A 152 0.58 -9.90 25.51
N VAL A 153 1.16 -10.45 24.47
CA VAL A 153 2.34 -11.31 24.62
C VAL A 153 3.54 -10.46 25.05
N PHE A 154 3.67 -9.27 24.46
CA PHE A 154 4.76 -8.36 24.83
C PHE A 154 4.73 -8.12 26.35
N VAL A 155 3.54 -7.91 26.88
CA VAL A 155 3.36 -7.61 28.29
C VAL A 155 3.77 -8.78 29.16
N ALA A 156 3.41 -9.99 28.73
CA ALA A 156 3.67 -11.18 29.53
C ALA A 156 5.17 -11.32 29.75
N VAL A 157 5.92 -11.32 28.65
CA VAL A 157 7.36 -11.56 28.71
C VAL A 157 8.07 -10.38 29.33
N THR A 158 7.49 -9.19 29.20
CA THR A 158 8.11 -8.00 29.79
C THR A 158 8.12 -8.16 31.30
N ASN A 159 7.03 -8.69 31.84
CA ASN A 159 6.87 -8.89 33.27
C ASN A 159 7.81 -9.99 33.79
N VAL A 160 7.92 -11.08 33.03
CA VAL A 160 8.84 -12.14 33.39
C VAL A 160 10.24 -11.59 33.53
N ILE A 161 10.68 -10.81 32.55
CA ILE A 161 12.06 -10.33 32.54
C ILE A 161 12.22 -9.27 33.62
N SER A 162 11.13 -8.57 33.91
CA SER A 162 11.19 -7.51 34.91
C SER A 162 11.31 -8.12 36.30
N LEU A 163 10.52 -9.17 36.55
CA LEU A 163 10.59 -9.94 37.80
C LEU A 163 11.98 -10.53 37.98
N ILE A 164 12.58 -10.98 36.89
CA ILE A 164 13.89 -11.57 36.94
C ILE A 164 14.95 -10.51 37.22
N CYS A 165 14.75 -9.30 36.71
CA CYS A 165 15.74 -8.24 36.82
C CYS A 165 15.58 -7.43 38.11
N PHE A 166 14.35 -7.15 38.50
CA PHE A 166 14.07 -6.23 39.62
C PHE A 166 13.10 -6.77 40.66
N ASN A 167 12.55 -7.97 40.44
CA ASN A 167 11.44 -8.47 41.24
C ASN A 167 10.25 -7.50 41.27
N THR A 168 10.05 -6.79 40.15
CA THR A 168 8.87 -5.95 39.94
C THR A 168 8.13 -6.42 38.67
N SER A 169 6.81 -6.19 38.67
CA SER A 169 5.98 -6.47 37.50
C SER A 169 4.90 -5.39 37.34
N TYR A 170 4.54 -5.10 36.09
CA TYR A 170 3.56 -4.07 35.77
C TYR A 170 2.14 -4.61 35.85
N LYS A 171 1.21 -3.81 36.40
CA LYS A 171 -0.19 -4.20 36.41
C LYS A 171 -0.90 -3.79 35.12
N ASN A 172 -2.08 -4.35 34.90
CA ASN A 172 -2.84 -4.05 33.69
C ASN A 172 -3.03 -2.55 33.56
N GLY A 173 -2.74 -2.02 32.38
CA GLY A 173 -3.00 -0.62 32.10
C GLY A 173 -1.89 0.31 32.52
N ASP A 174 -0.78 -0.23 33.00
CA ASP A 174 0.37 0.61 33.30
C ASP A 174 0.87 1.17 31.97
N PRO A 175 0.80 2.50 31.77
CA PRO A 175 1.15 3.06 30.45
C PRO A 175 2.65 3.04 30.17
N GLU A 176 3.46 2.78 31.19
CA GLU A 176 4.89 2.61 31.01
C GLU A 176 5.13 1.42 30.06
N LEU A 177 4.20 0.47 30.04
CA LEU A 177 4.30 -0.65 29.11
C LEU A 177 4.26 -0.16 27.64
N ASN A 178 3.41 0.83 27.37
CA ASN A 178 3.26 1.35 26.02
C ASN A 178 4.45 2.24 25.62
N VAL A 179 5.03 2.91 26.60
CA VAL A 179 6.24 3.70 26.39
C VAL A 179 7.41 2.77 26.02
N ILE A 180 7.49 1.63 26.71
CA ILE A 180 8.50 0.62 26.40
C ILE A 180 8.28 0.00 25.03
N GLN A 181 7.04 -0.34 24.72
CA GLN A 181 6.71 -0.86 23.40
C GLN A 181 7.15 0.15 22.33
N ASN A 182 6.94 1.43 22.61
CA ASN A 182 7.18 2.49 21.63
C ASN A 182 8.65 2.65 21.28
N TYR A 183 9.52 2.68 22.30
CA TYR A 183 10.95 2.86 22.05
C TYR A 183 11.64 1.58 21.60
N ASN A 184 11.06 0.43 21.91
CA ASN A 184 11.55 -0.81 21.35
C ASN A 184 11.29 -0.86 19.87
N GLU A 185 10.10 -0.44 19.43
CA GLU A 185 9.85 -0.41 17.99
C GLU A 185 10.77 0.61 17.31
N GLY A 186 11.01 1.72 17.99
CA GLY A 186 11.87 2.76 17.43
C GLY A 186 13.35 2.45 17.34
N ILE A 187 13.88 1.84 18.41
CA ILE A 187 15.23 1.33 18.41
C ILE A 187 15.44 0.33 17.26
N ILE A 188 14.53 -0.62 17.14
CA ILE A 188 14.69 -1.65 16.11
C ILE A 188 14.60 -1.03 14.73
N ASP A 189 13.67 -0.09 14.55
CA ASP A 189 13.44 0.55 13.27
C ASP A 189 14.68 1.27 12.75
N ASN A 190 15.41 1.93 13.65
CA ASN A 190 16.56 2.73 13.27
C ASN A 190 17.95 2.11 13.50
N LEU A 191 18.01 1.01 14.25
CA LEU A 191 19.29 0.35 14.51
C LEU A 191 19.92 -0.04 13.18
N SER A 192 19.06 -0.47 12.27
CA SER A 192 19.46 -0.89 10.95
C SER A 192 18.23 -0.83 10.05
N LYS A 193 18.43 -0.48 8.79
CA LYS A 193 17.32 -0.40 7.85
C LYS A 193 16.72 -1.79 7.65
N ASP A 194 17.54 -2.69 7.15
CA ASP A 194 17.18 -4.09 7.08
C ASP A 194 17.99 -4.82 8.18
N SER A 195 18.84 -5.75 7.78
CA SER A 195 19.69 -6.46 8.73
C SER A 195 20.79 -5.55 9.29
N LEU A 196 21.53 -6.02 10.30
CA LEU A 196 22.74 -5.32 10.79
C LEU A 196 23.88 -5.33 9.79
N VAL A 197 23.78 -6.20 8.81
CA VAL A 197 24.84 -6.36 7.82
C VAL A 197 24.52 -5.56 6.58
N ASP A 198 25.06 -4.35 6.53
CA ASP A 198 24.97 -3.51 5.34
C ASP A 198 26.26 -3.57 4.54
N LEU A 199 26.13 -3.81 3.25
CA LEU A 199 27.29 -3.73 2.37
C LEU A 199 27.76 -2.28 2.30
N VAL A 200 26.87 -1.42 1.83
CA VAL A 200 27.20 -0.01 1.67
C VAL A 200 26.79 0.78 2.92
N PRO A 201 27.72 1.55 3.52
CA PRO A 201 27.40 2.35 4.70
C PRO A 201 26.63 3.62 4.33
N TRP A 202 25.34 3.45 4.02
CA TRP A 202 24.54 4.52 3.45
C TRP A 202 24.39 5.71 4.39
N LEU A 203 24.37 5.45 5.69
CA LEU A 203 24.05 6.51 6.64
C LEU A 203 25.17 7.54 6.75
N LYS A 204 26.38 7.13 6.40
CA LYS A 204 27.53 8.02 6.39
C LYS A 204 27.69 8.71 5.05
N ILE A 205 26.80 8.41 4.10
CA ILE A 205 26.94 8.89 2.73
C ILE A 205 25.97 10.04 2.45
N PHE A 206 24.68 9.82 2.69
CA PHE A 206 23.67 10.85 2.45
C PHE A 206 23.15 11.46 3.74
N PRO A 207 22.64 12.69 3.67
CA PRO A 207 21.99 13.30 4.83
C PRO A 207 20.73 12.53 5.26
N ASN A 208 20.66 12.21 6.54
CA ASN A 208 19.57 11.43 7.13
C ASN A 208 19.47 11.67 8.63
N LYS A 209 18.29 11.47 9.19
CA LYS A 209 18.02 11.75 10.60
C LYS A 209 18.07 10.47 11.42
N THR A 210 18.64 9.43 10.83
CA THR A 210 18.61 8.11 11.43
C THR A 210 19.21 8.08 12.84
N LEU A 211 20.42 8.62 12.98
CA LEU A 211 21.13 8.50 14.26
C LEU A 211 20.47 9.38 15.30
N GLU A 212 19.93 10.51 14.84
CA GLU A 212 19.20 11.41 15.70
C GLU A 212 18.00 10.67 16.30
N LYS A 213 17.24 9.99 15.44
CA LYS A 213 16.02 9.31 15.88
C LYS A 213 16.34 8.22 16.90
N LEU A 214 17.38 7.45 16.60
CA LEU A 214 17.82 6.38 17.48
C LEU A 214 18.19 6.90 18.88
N LYS A 215 18.95 8.00 18.92
CA LYS A 215 19.34 8.60 20.19
C LYS A 215 18.11 8.98 21.02
N SER A 216 17.05 9.42 20.36
CA SER A 216 15.85 9.84 21.06
C SER A 216 15.08 8.67 21.70
N HIS A 217 14.99 7.54 20.99
CA HIS A 217 14.36 6.38 21.58
C HIS A 217 15.24 5.84 22.68
N VAL A 218 16.55 5.83 22.45
CA VAL A 218 17.47 5.27 23.42
C VAL A 218 17.51 6.19 24.64
N LYS A 219 17.41 7.49 24.41
CA LYS A 219 17.40 8.42 25.53
C LYS A 219 16.24 8.12 26.47
N ILE A 220 15.06 7.92 25.91
CA ILE A 220 13.88 7.64 26.71
C ILE A 220 14.11 6.34 27.47
N ARG A 221 14.59 5.31 26.77
CA ARG A 221 14.85 4.01 27.40
C ARG A 221 15.84 4.16 28.55
N ASN A 222 16.89 4.93 28.34
CA ASN A 222 17.91 5.13 29.36
C ASN A 222 17.40 5.90 30.57
N ASP A 223 16.72 7.03 30.32
CA ASP A 223 16.15 7.84 31.39
C ASP A 223 15.25 6.98 32.27
N LEU A 224 14.55 6.05 31.64
CA LEU A 224 13.66 5.16 32.36
C LEU A 224 14.40 4.13 33.23
N LEU A 225 15.59 3.73 32.79
CA LEU A 225 16.35 2.73 33.52
C LEU A 225 17.13 3.36 34.66
N ASN A 226 17.53 4.62 34.49
CA ASN A 226 18.15 5.35 35.57
C ASN A 226 17.17 5.48 36.74
N LYS A 227 15.91 5.72 36.41
CA LYS A 227 14.90 5.98 37.44
C LYS A 227 14.58 4.69 38.18
N ILE A 228 14.79 3.56 37.54
CA ILE A 228 14.62 2.28 38.21
C ILE A 228 15.83 1.96 39.10
N LEU A 229 17.01 2.40 38.69
CA LEU A 229 18.23 2.15 39.47
C LEU A 229 18.26 2.99 40.73
N GLU A 230 18.01 4.29 40.59
CA GLU A 230 18.07 5.21 41.71
C GLU A 230 17.08 4.86 42.82
N ASN A 231 15.87 4.47 42.45
CA ASN A 231 14.89 4.06 43.43
C ASN A 231 15.31 2.76 44.10
N TYR A 232 16.09 1.96 43.39
CA TYR A 232 16.47 0.63 43.85
C TYR A 232 17.69 0.68 44.75
N LYS A 233 18.48 1.74 44.65
CA LYS A 233 19.62 1.92 45.53
C LYS A 233 19.18 2.02 47.00
N GLU A 234 17.94 2.44 47.22
CA GLU A 234 17.37 2.50 48.55
C GLU A 234 16.94 1.11 49.05
N LYS A 235 16.50 0.27 48.10
CA LYS A 235 15.93 -1.04 48.44
C LYS A 235 16.98 -2.14 48.59
N PHE A 236 18.14 -1.94 47.97
CA PHE A 236 19.17 -2.96 47.91
C PHE A 236 19.76 -3.34 49.27
N ARG A 237 19.74 -4.64 49.56
CA ARG A 237 20.35 -5.17 50.78
C ARG A 237 21.14 -6.46 50.49
N SER A 238 22.43 -6.45 50.81
CA SER A 238 23.32 -7.58 50.55
C SER A 238 22.87 -8.89 51.22
N ASP A 239 22.00 -8.79 52.23
CA ASP A 239 21.43 -9.98 52.88
C ASP A 239 20.41 -10.68 51.97
N SER A 240 20.06 -10.01 50.87
CA SER A 240 19.11 -10.53 49.90
C SER A 240 19.65 -10.36 48.49
N ILE A 241 19.92 -11.48 47.82
CA ILE A 241 20.28 -11.48 46.40
C ILE A 241 19.31 -12.39 45.66
N THR A 242 18.34 -11.77 44.99
CA THR A 242 17.21 -12.50 44.43
C THR A 242 17.01 -12.25 42.95
N ASN A 243 17.77 -11.29 42.40
CA ASN A 243 17.61 -10.88 41.00
C ASN A 243 18.91 -10.38 40.37
N MET A 244 18.83 -10.00 39.10
CA MET A 244 20.01 -9.60 38.34
C MET A 244 20.65 -8.31 38.86
N LEU A 245 19.83 -7.34 39.25
CA LEU A 245 20.37 -6.06 39.68
C LEU A 245 21.06 -6.18 41.05
N ASP A 246 20.55 -7.07 41.91
CA ASP A 246 21.22 -7.38 43.17
C ASP A 246 22.59 -8.00 42.85
N THR A 247 22.58 -9.02 42.01
CA THR A 247 23.80 -9.70 41.58
C THR A 247 24.86 -8.73 41.07
N LEU A 248 24.41 -7.68 40.42
CA LEU A 248 25.30 -6.69 39.82
C LEU A 248 25.78 -5.64 40.83
N MET A 249 24.89 -5.26 41.75
CA MET A 249 25.25 -4.29 42.79
C MET A 249 26.14 -4.94 43.85
N GLN A 250 25.89 -6.21 44.13
CA GLN A 250 26.76 -7.02 45.00
C GLN A 250 28.22 -7.04 44.51
N ALA A 251 28.40 -7.40 43.24
CA ALA A 251 29.73 -7.44 42.62
C ALA A 251 30.43 -6.07 42.70
N LYS A 252 29.64 -5.01 42.57
CA LYS A 252 30.16 -3.65 42.60
C LYS A 252 30.77 -3.33 43.97
N MET A 253 30.05 -3.69 45.03
CA MET A 253 30.48 -3.38 46.38
C MET A 253 31.67 -4.25 46.80
N ASN A 254 31.89 -5.34 46.06
CA ASN A 254 33.07 -6.18 46.26
C ASN A 254 34.25 -5.69 45.40
N SER A 255 34.42 -4.37 45.34
CA SER A 255 35.52 -3.73 44.63
C SER A 255 35.91 -2.43 45.33
N ASP A 265 37.94 -4.09 39.30
CA ASP A 265 36.65 -4.40 38.69
C ASP A 265 35.59 -3.31 38.91
N SER A 266 35.85 -2.38 39.83
CA SER A 266 34.86 -1.34 40.13
C SER A 266 34.57 -0.48 38.92
N GLU A 267 35.59 -0.26 38.09
CA GLU A 267 35.45 0.53 36.87
C GLU A 267 34.45 -0.13 35.91
N LEU A 268 34.39 -1.45 35.98
CA LEU A 268 33.62 -2.24 35.04
C LEU A 268 32.16 -2.39 35.47
N LEU A 269 31.86 -1.95 36.69
CA LEU A 269 30.51 -2.08 37.23
C LEU A 269 29.86 -0.72 37.53
N SER A 270 30.25 0.30 36.77
CA SER A 270 29.66 1.63 36.95
C SER A 270 28.17 1.62 36.59
N ASP A 271 27.48 2.72 36.89
CA ASP A 271 26.03 2.81 36.68
C ASP A 271 25.64 2.58 35.21
N ASN A 272 26.40 3.18 34.29
CA ASN A 272 26.17 2.98 32.85
C ASN A 272 26.46 1.56 32.39
N HIS A 273 27.46 0.92 33.02
CA HIS A 273 27.79 -0.46 32.69
C HIS A 273 26.66 -1.40 33.11
N ILE A 274 26.09 -1.16 34.29
CA ILE A 274 25.02 -1.98 34.84
C ILE A 274 23.77 -1.75 34.01
N LEU A 275 23.54 -0.48 33.70
CA LEU A 275 22.35 -0.02 32.99
C LEU A 275 22.27 -0.70 31.63
N THR A 276 23.36 -0.61 30.86
CA THR A 276 23.39 -1.16 29.51
C THR A 276 23.16 -2.67 29.51
N THR A 277 23.75 -3.36 30.47
CA THR A 277 23.59 -4.81 30.58
C THR A 277 22.12 -5.21 30.79
N ILE A 278 21.44 -4.50 31.71
CA ILE A 278 20.02 -4.73 31.92
C ILE A 278 19.26 -4.40 30.65
N GLY A 279 19.69 -3.33 29.99
CA GLY A 279 19.13 -2.92 28.71
C GLY A 279 19.07 -4.07 27.73
N ASP A 280 20.23 -4.69 27.45
CA ASP A 280 20.30 -5.86 26.56
C ASP A 280 19.39 -6.99 27.03
N ILE A 281 19.47 -7.32 28.31
CA ILE A 281 18.66 -8.42 28.84
C ILE A 281 17.18 -8.12 28.66
N PHE A 282 16.78 -6.90 28.99
CA PHE A 282 15.38 -6.47 28.83
C PHE A 282 14.96 -6.55 27.37
N GLY A 283 15.84 -6.06 26.50
CA GLY A 283 15.64 -6.09 25.06
C GLY A 283 15.49 -7.48 24.48
N ALA A 284 16.50 -8.33 24.69
CA ALA A 284 16.49 -9.70 24.15
C ALA A 284 15.37 -10.57 24.74
N GLY A 285 15.07 -10.38 26.02
CA GLY A 285 14.10 -11.21 26.68
C GLY A 285 12.68 -10.98 26.21
N VAL A 286 12.44 -9.83 25.57
CA VAL A 286 11.11 -9.45 25.11
C VAL A 286 10.96 -9.62 23.59
N GLU A 287 11.82 -8.95 22.84
CA GLU A 287 11.67 -8.92 21.39
C GLU A 287 11.89 -10.28 20.69
N THR A 288 12.71 -11.16 21.27
CA THR A 288 12.98 -12.44 20.62
C THR A 288 11.81 -13.40 20.80
N THR A 289 11.36 -13.52 22.04
CA THR A 289 10.33 -14.51 22.37
C THR A 289 8.96 -14.07 21.81
N THR A 290 8.70 -12.76 21.84
CA THR A 290 7.48 -12.22 21.27
C THR A 290 7.46 -12.53 19.77
N SER A 291 8.59 -12.36 19.09
CA SER A 291 8.63 -12.58 17.66
C SER A 291 8.44 -14.07 17.31
N VAL A 292 9.02 -14.97 18.10
CA VAL A 292 8.90 -16.39 17.80
C VAL A 292 7.46 -16.86 18.06
N VAL A 293 6.77 -16.24 19.02
CA VAL A 293 5.38 -16.59 19.27
C VAL A 293 4.50 -16.18 18.08
N LYS A 294 4.71 -14.95 17.58
CA LYS A 294 3.95 -14.46 16.44
C LYS A 294 4.22 -15.27 15.17
N TRP A 295 5.50 -15.63 14.97
CA TRP A 295 5.90 -16.46 13.82
C TRP A 295 5.30 -17.85 13.89
N THR A 296 5.24 -18.41 15.10
CA THR A 296 4.72 -19.76 15.29
C THR A 296 3.22 -19.81 15.03
N LEU A 297 2.49 -18.86 15.60
CA LEU A 297 1.06 -18.72 15.34
C LEU A 297 0.82 -18.58 13.86
N ALA A 298 1.64 -17.75 13.21
CA ALA A 298 1.52 -17.54 11.78
C ALA A 298 1.64 -18.87 11.01
N PHE A 299 2.65 -19.68 11.35
CA PHE A 299 2.81 -20.98 10.67
C PHE A 299 1.63 -21.91 10.90
N LEU A 300 1.04 -21.83 12.09
CA LEU A 300 -0.08 -22.70 12.40
C LEU A 300 -1.32 -22.26 11.63
N LEU A 301 -1.46 -20.97 11.39
CA LEU A 301 -2.57 -20.48 10.58
C LEU A 301 -2.45 -21.01 9.16
N HIS A 302 -1.21 -21.10 8.67
CA HIS A 302 -0.95 -21.60 7.32
C HIS A 302 -0.98 -23.11 7.23
N ASN A 303 -0.86 -23.77 8.39
CA ASN A 303 -0.80 -25.23 8.46
C ASN A 303 -1.82 -25.80 9.45
N PRO A 304 -3.10 -25.81 9.05
CA PRO A 304 -4.16 -26.26 9.97
C PRO A 304 -4.02 -27.72 10.41
N GLN A 305 -3.47 -28.60 9.56
CA GLN A 305 -3.31 -30.00 9.93
C GLN A 305 -2.42 -30.17 11.15
N VAL A 306 -1.32 -29.41 11.17
CA VAL A 306 -0.38 -29.50 12.28
C VAL A 306 -1.04 -29.03 13.56
N LYS A 307 -1.80 -27.94 13.45
CA LYS A 307 -2.47 -27.33 14.59
C LYS A 307 -3.48 -28.30 15.19
N LYS A 308 -4.27 -28.94 14.34
CA LYS A 308 -5.22 -29.96 14.77
C LYS A 308 -4.53 -31.07 15.55
N LYS A 309 -3.37 -31.52 15.06
CA LYS A 309 -2.59 -32.55 15.76
C LYS A 309 -1.94 -32.00 17.02
N LEU A 310 -1.75 -30.69 17.11
CA LEU A 310 -1.23 -30.12 18.33
C LEU A 310 -2.32 -30.14 19.40
N TYR A 311 -3.54 -29.85 19.00
CA TYR A 311 -4.70 -29.93 19.90
C TYR A 311 -4.87 -31.38 20.37
N GLU A 312 -4.85 -32.30 19.42
CA GLU A 312 -4.97 -33.71 19.72
C GLU A 312 -3.91 -34.09 20.75
N GLU A 313 -2.66 -33.75 20.45
CA GLU A 313 -1.56 -34.08 21.35
C GLU A 313 -1.82 -33.59 22.77
N ILE A 314 -2.10 -32.30 22.93
CA ILE A 314 -2.23 -31.71 24.27
C ILE A 314 -3.50 -32.15 25.00
N ASP A 315 -4.54 -32.47 24.23
CA ASP A 315 -5.77 -33.01 24.80
C ASP A 315 -5.47 -34.39 25.38
N GLN A 316 -4.68 -35.17 24.66
CA GLN A 316 -4.32 -36.52 25.07
C GLN A 316 -3.44 -36.52 26.33
N ASN A 317 -2.35 -35.75 26.29
CA ASN A 317 -1.30 -35.85 27.32
C ASN A 317 -1.41 -34.84 28.48
N VAL A 318 -2.35 -33.91 28.40
CA VAL A 318 -2.50 -32.91 29.47
C VAL A 318 -3.95 -32.82 29.90
N GLY A 319 -4.86 -32.90 28.93
CA GLY A 319 -6.28 -32.72 29.18
C GLY A 319 -6.61 -31.34 29.75
N PHE A 320 -7.71 -31.28 30.50
CA PHE A 320 -8.23 -30.03 31.04
C PHE A 320 -8.27 -30.06 32.56
N SER A 321 -7.51 -30.99 33.15
CA SER A 321 -7.53 -31.19 34.60
C SER A 321 -6.62 -30.18 35.29
N ARG A 322 -5.61 -29.72 34.57
CA ARG A 322 -4.62 -28.80 35.12
C ARG A 322 -4.09 -27.93 33.99
N THR A 323 -3.25 -26.95 34.32
CA THR A 323 -2.57 -26.18 33.29
C THR A 323 -1.17 -26.74 33.03
N PRO A 324 -0.69 -26.63 31.77
CA PRO A 324 0.58 -27.24 31.36
C PRO A 324 1.76 -26.84 32.22
N THR A 325 2.81 -27.65 32.17
CA THR A 325 4.03 -27.42 32.94
C THR A 325 5.26 -27.86 32.15
N ILE A 326 6.44 -27.48 32.62
CA ILE A 326 7.68 -27.81 31.93
C ILE A 326 7.88 -29.31 31.77
N SER A 327 7.28 -30.09 32.66
CA SER A 327 7.43 -31.55 32.62
C SER A 327 6.71 -32.11 31.41
N ASP A 328 5.81 -31.32 30.82
CA ASP A 328 4.98 -31.79 29.72
C ASP A 328 5.73 -31.85 28.37
N ARG A 329 6.96 -31.33 28.34
CA ARG A 329 7.82 -31.44 27.16
C ARG A 329 8.10 -32.90 26.82
N ASN A 330 8.06 -33.76 27.83
CA ASN A 330 8.21 -35.20 27.63
C ASN A 330 7.08 -35.77 26.82
N ARG A 331 5.90 -35.16 26.94
CA ARG A 331 4.70 -35.69 26.34
C ARG A 331 4.30 -34.95 25.08
N LEU A 332 4.50 -33.64 25.08
CA LEU A 332 4.09 -32.79 23.96
C LEU A 332 5.24 -32.62 22.96
N LEU A 333 5.58 -33.71 22.28
CA LEU A 333 6.75 -33.75 21.41
C LEU A 333 6.54 -33.01 20.09
N LEU A 334 5.31 -33.06 19.59
CA LEU A 334 4.99 -32.40 18.33
C LEU A 334 5.11 -30.89 18.49
N LEU A 335 4.76 -30.41 19.67
CA LEU A 335 4.83 -29.00 19.95
C LEU A 335 6.31 -28.63 20.03
N GLU A 336 7.07 -29.34 20.84
CA GLU A 336 8.49 -29.06 20.97
C GLU A 336 9.18 -29.04 19.61
N ALA A 337 8.70 -29.88 18.70
CA ALA A 337 9.27 -29.97 17.35
C ALA A 337 8.85 -28.77 16.50
N THR A 338 7.60 -28.36 16.64
CA THR A 338 7.09 -27.20 15.92
C THR A 338 7.96 -26.00 16.25
N ILE A 339 8.23 -25.82 17.54
CA ILE A 339 9.06 -24.73 18.01
C ILE A 339 10.46 -24.80 17.41
N ARG A 340 11.03 -26.01 17.37
CA ARG A 340 12.34 -26.19 16.80
C ARG A 340 12.31 -25.80 15.33
N GLU A 341 11.23 -26.16 14.67
CA GLU A 341 11.15 -25.98 13.23
C GLU A 341 11.03 -24.50 12.86
N VAL A 342 10.38 -23.70 13.70
CA VAL A 342 10.21 -22.26 13.41
C VAL A 342 11.55 -21.55 13.57
N LEU A 343 12.30 -21.96 14.58
CA LEU A 343 13.64 -21.44 14.79
C LEU A 343 14.63 -21.88 13.71
N ARG A 344 14.31 -22.94 12.96
CA ARG A 344 15.13 -23.34 11.84
C ARG A 344 14.77 -22.51 10.60
N LEU A 345 13.47 -22.41 10.33
CA LEU A 345 12.93 -21.71 9.16
C LEU A 345 13.02 -20.19 9.24
N ARG A 346 12.76 -19.65 10.43
CA ARG A 346 12.81 -18.22 10.66
C ARG A 346 13.63 -17.99 11.92
N PRO A 347 14.96 -18.11 11.78
CA PRO A 347 15.76 -17.82 12.95
C PRO A 347 15.63 -16.35 13.33
N VAL A 348 15.54 -16.08 14.63
CA VAL A 348 15.53 -14.72 15.16
C VAL A 348 16.65 -13.87 14.54
N ALA A 349 17.82 -14.49 14.41
CA ALA A 349 19.01 -13.84 13.89
C ALA A 349 19.59 -14.72 12.79
N PRO A 350 19.06 -14.61 11.55
CA PRO A 350 19.53 -15.49 10.48
C PRO A 350 21.00 -15.28 10.11
N MET A 351 21.64 -14.28 10.71
CA MET A 351 23.07 -14.08 10.55
C MET A 351 23.72 -13.75 11.88
N LEU A 352 23.16 -14.33 12.94
CA LEU A 352 23.61 -14.08 14.31
C LEU A 352 23.80 -12.60 14.55
N ILE A 353 24.74 -12.26 15.42
CA ILE A 353 25.32 -10.92 15.50
C ILE A 353 26.71 -11.04 14.91
N PRO A 354 27.20 -9.99 14.24
CA PRO A 354 28.49 -10.16 13.58
C PRO A 354 29.61 -10.44 14.58
N HIS A 355 30.61 -11.19 14.12
CA HIS A 355 31.78 -11.51 14.94
C HIS A 355 32.97 -10.78 14.35
N LYS A 356 34.02 -10.67 15.13
CA LYS A 356 35.26 -10.02 14.71
C LYS A 356 36.42 -10.89 15.18
N ALA A 357 37.41 -11.07 14.31
CA ALA A 357 38.65 -11.75 14.65
C ALA A 357 39.50 -10.88 15.56
N ASN A 358 39.71 -11.32 16.80
CA ASN A 358 40.55 -10.61 17.76
C ASN A 358 42.06 -10.72 17.45
N VAL A 359 42.46 -11.84 16.86
CA VAL A 359 43.84 -12.05 16.44
C VAL A 359 43.88 -12.53 14.99
N ASP A 360 45.07 -12.53 14.40
CA ASP A 360 45.29 -13.23 13.13
C ASP A 360 44.96 -14.70 13.34
N SER A 361 44.00 -15.20 12.56
CA SER A 361 43.56 -16.61 12.68
C SER A 361 43.30 -17.20 11.30
N SER A 362 42.53 -18.28 11.24
CA SER A 362 42.16 -18.89 9.96
C SER A 362 40.74 -19.44 10.04
N ILE A 363 40.16 -19.71 8.88
CA ILE A 363 38.91 -20.46 8.82
C ILE A 363 39.00 -21.39 7.62
N GLY A 364 38.85 -22.69 7.86
CA GLY A 364 39.03 -23.68 6.81
C GLY A 364 40.36 -23.51 6.10
N GLU A 365 41.39 -23.18 6.89
CA GLU A 365 42.76 -23.02 6.38
C GLU A 365 42.92 -21.85 5.42
N PHE A 366 41.92 -20.97 5.40
CA PHE A 366 42.07 -19.68 4.72
C PHE A 366 42.46 -18.66 5.77
N ALA A 367 43.33 -17.73 5.39
CA ALA A 367 43.78 -16.72 6.33
C ALA A 367 42.69 -15.69 6.65
N VAL A 368 42.57 -15.35 7.92
CA VAL A 368 41.70 -14.27 8.35
C VAL A 368 42.47 -13.32 9.24
N ASP A 369 42.68 -12.10 8.76
CA ASP A 369 43.44 -11.11 9.48
C ASP A 369 42.66 -10.59 10.69
N LYS A 370 43.40 -10.10 11.67
CA LYS A 370 42.82 -9.51 12.87
C LYS A 370 41.96 -8.31 12.50
N GLY A 371 40.84 -8.16 13.20
CA GLY A 371 39.95 -7.03 12.98
C GLY A 371 38.97 -7.25 11.84
N THR A 372 39.13 -8.36 11.13
CA THR A 372 38.23 -8.72 10.03
C THR A 372 36.89 -9.08 10.63
N GLU A 373 35.84 -8.78 9.90
CA GLU A 373 34.49 -9.08 10.33
C GLU A 373 34.09 -10.46 9.78
N VAL A 374 33.45 -11.27 10.61
CA VAL A 374 33.08 -12.63 10.23
C VAL A 374 31.61 -12.86 10.54
N ILE A 375 30.84 -13.20 9.51
CA ILE A 375 29.39 -13.35 9.66
C ILE A 375 29.00 -14.77 9.35
N ILE A 376 28.30 -15.38 10.29
CA ILE A 376 27.82 -16.73 10.11
C ILE A 376 26.45 -16.60 9.51
N ASN A 377 26.30 -17.10 8.29
CA ASN A 377 25.01 -17.13 7.64
C ASN A 377 24.23 -18.36 8.11
N LEU A 378 23.56 -18.22 9.25
CA LEU A 378 22.70 -19.27 9.81
C LEU A 378 21.57 -19.67 8.87
N TRP A 379 21.12 -18.74 8.04
CA TRP A 379 20.10 -19.04 7.04
C TRP A 379 20.60 -20.12 6.09
N ALA A 380 21.88 -20.02 5.70
CA ALA A 380 22.48 -20.98 4.77
C ALA A 380 22.61 -22.34 5.45
N LEU A 381 22.82 -22.34 6.75
CA LEU A 381 22.98 -23.59 7.49
C LEU A 381 21.64 -24.27 7.61
N HIS A 382 20.60 -23.47 7.77
CA HIS A 382 19.28 -24.02 8.07
C HIS A 382 18.55 -24.44 6.81
N HIS A 383 19.11 -24.06 5.66
CA HIS A 383 18.45 -24.31 4.38
C HIS A 383 19.32 -25.15 3.43
N ASN A 384 20.47 -25.60 3.92
CA ASN A 384 21.32 -26.48 3.14
C ASN A 384 20.54 -27.72 2.69
N GLU A 385 20.38 -27.86 1.38
CA GLU A 385 19.67 -29.01 0.79
C GLU A 385 20.31 -30.35 1.16
N LYS A 386 21.63 -30.40 1.17
CA LYS A 386 22.35 -31.61 1.52
C LYS A 386 22.25 -31.95 3.01
N GLU A 387 21.66 -31.07 3.81
CA GLU A 387 21.54 -31.32 5.25
C GLU A 387 20.09 -31.46 5.73
N TRP A 388 19.16 -31.08 4.86
CA TRP A 388 17.75 -31.03 5.21
C TRP A 388 16.88 -31.47 4.06
N HIS A 389 15.80 -32.18 4.38
CA HIS A 389 14.82 -32.56 3.40
C HIS A 389 13.83 -31.40 3.24
N GLN A 390 13.69 -30.90 2.00
CA GLN A 390 12.78 -29.79 1.69
C GLN A 390 12.85 -28.69 2.73
N PRO A 391 13.99 -27.99 2.80
CA PRO A 391 14.28 -27.06 3.89
C PRO A 391 13.43 -25.80 3.86
N ASP A 392 12.79 -25.53 2.72
CA ASP A 392 11.92 -24.37 2.58
C ASP A 392 10.53 -24.65 3.15
N GLN A 393 10.30 -25.88 3.61
CA GLN A 393 8.97 -26.30 4.07
C GLN A 393 8.86 -26.34 5.58
N PHE A 394 7.71 -25.89 6.08
CA PHE A 394 7.37 -26.02 7.49
C PHE A 394 7.01 -27.48 7.73
N MET A 395 7.91 -28.22 8.36
CA MET A 395 7.71 -29.66 8.62
C MET A 395 8.22 -30.06 10.01
N PRO A 396 7.43 -29.80 11.06
CA PRO A 396 7.83 -30.19 12.42
C PRO A 396 8.17 -31.67 12.54
N GLU A 397 7.64 -32.51 11.65
CA GLU A 397 7.93 -33.94 11.65
C GLU A 397 9.43 -34.24 11.58
N ARG A 398 10.17 -33.37 10.89
CA ARG A 398 11.60 -33.58 10.67
C ARG A 398 12.40 -33.73 11.96
N PHE A 399 11.91 -33.13 13.04
CA PHE A 399 12.52 -33.25 14.37
C PHE A 399 11.86 -34.40 15.15
N LEU A 400 11.20 -35.31 14.45
CA LEU A 400 10.62 -36.49 15.07
C LEU A 400 11.05 -37.76 14.34
N ASN A 401 11.10 -38.88 15.06
CA ASN A 401 11.22 -40.17 14.42
C ASN A 401 9.93 -40.50 13.68
N PRO A 402 9.96 -41.47 12.76
CA PRO A 402 8.74 -41.77 11.99
C PRO A 402 7.54 -42.13 12.88
N ALA A 403 7.81 -42.86 13.97
CA ALA A 403 6.74 -43.27 14.87
C ALA A 403 6.14 -42.07 15.61
N GLY A 404 6.96 -41.04 15.81
CA GLY A 404 6.52 -39.83 16.48
C GLY A 404 6.57 -39.99 17.99
N THR A 405 7.48 -40.84 18.44
CA THR A 405 7.53 -41.25 19.84
C THR A 405 8.68 -40.58 20.59
N GLN A 406 9.58 -39.93 19.83
CA GLN A 406 10.58 -39.07 20.45
C GLN A 406 11.22 -38.06 19.49
N LEU A 407 11.66 -36.94 20.07
CA LEU A 407 12.38 -35.91 19.35
C LEU A 407 13.71 -36.43 18.83
N ILE A 408 14.13 -35.93 17.69
CA ILE A 408 15.44 -36.26 17.14
C ILE A 408 16.14 -34.99 16.70
N SER A 409 17.40 -35.13 16.32
CA SER A 409 18.22 -34.02 15.87
C SER A 409 18.77 -34.39 14.50
N PRO A 410 17.99 -34.14 13.45
CA PRO A 410 18.25 -34.70 12.12
C PRO A 410 19.44 -34.08 11.40
N SER A 411 19.84 -32.87 11.79
CA SER A 411 21.01 -32.25 11.20
C SER A 411 21.82 -31.49 12.23
N VAL A 412 23.14 -31.52 12.01
CA VAL A 412 24.10 -30.80 12.82
C VAL A 412 24.13 -29.33 12.36
N SER A 413 23.60 -29.07 11.16
CA SER A 413 23.60 -27.71 10.60
C SER A 413 22.45 -26.90 11.19
N TYR A 414 22.50 -26.71 12.51
CA TYR A 414 21.37 -26.15 13.26
C TYR A 414 21.83 -25.46 14.57
N LEU A 415 21.97 -24.14 14.53
CA LEU A 415 22.46 -23.34 15.65
C LEU A 415 21.61 -22.07 15.88
N PRO A 416 20.32 -22.24 16.19
CA PRO A 416 19.44 -21.08 16.37
C PRO A 416 19.90 -20.15 17.49
N PHE A 417 20.54 -20.70 18.51
CA PHE A 417 21.00 -19.91 19.65
C PHE A 417 22.49 -19.64 19.60
N GLY A 418 23.12 -19.96 18.48
CA GLY A 418 24.56 -19.78 18.33
C GLY A 418 25.35 -20.87 19.04
N ALA A 419 26.60 -20.57 19.36
CA ALA A 419 27.50 -21.53 20.03
C ALA A 419 28.82 -20.88 20.44
N GLY A 420 29.36 -21.32 21.57
CA GLY A 420 30.66 -20.85 22.02
C GLY A 420 30.55 -19.59 22.88
N PRO A 421 31.65 -18.80 22.94
CA PRO A 421 31.79 -17.61 23.78
C PRO A 421 30.62 -16.64 23.69
N ARG A 422 30.07 -16.49 22.48
CA ARG A 422 29.07 -15.45 22.20
C ARG A 422 27.66 -16.01 22.12
N SER A 423 27.51 -17.26 22.52
CA SER A 423 26.22 -17.93 22.43
C SER A 423 25.16 -17.25 23.28
N CYS A 424 23.90 -17.43 22.91
CA CYS A 424 22.79 -16.93 23.71
C CYS A 424 22.95 -17.37 25.17
N ILE A 425 22.49 -16.54 26.10
CA ILE A 425 22.50 -16.88 27.52
C ILE A 425 21.10 -16.98 28.10
N GLY A 426 20.09 -16.84 27.24
CA GLY A 426 18.70 -16.96 27.65
C GLY A 426 17.98 -18.11 26.96
N GLU A 427 18.74 -19.08 26.48
CA GLU A 427 18.15 -20.18 25.72
C GLU A 427 17.16 -20.94 26.56
N ILE A 428 17.53 -21.19 27.82
CA ILE A 428 16.67 -21.93 28.73
C ILE A 428 15.40 -21.14 29.01
N LEU A 429 15.58 -19.87 29.39
CA LEU A 429 14.43 -19.00 29.61
C LEU A 429 13.57 -18.97 28.35
N ALA A 430 14.24 -18.81 27.21
CA ALA A 430 13.55 -18.69 25.93
C ALA A 430 12.69 -19.90 25.67
N ARG A 431 13.31 -21.07 25.72
CA ARG A 431 12.64 -22.30 25.37
C ARG A 431 11.45 -22.58 26.27
N GLN A 432 11.56 -22.24 27.55
CA GLN A 432 10.48 -22.50 28.51
C GLN A 432 9.33 -21.55 28.26
N GLU A 433 9.66 -20.30 27.99
CA GLU A 433 8.65 -19.29 27.69
C GLU A 433 7.85 -19.71 26.45
N LEU A 434 8.56 -20.15 25.40
CA LEU A 434 7.90 -20.48 24.15
C LEU A 434 6.99 -21.69 24.34
N PHE A 435 7.51 -22.71 25.00
CA PHE A 435 6.76 -23.94 25.20
C PHE A 435 5.50 -23.71 26.02
N LEU A 436 5.65 -23.00 27.12
CA LEU A 436 4.54 -22.79 28.02
C LEU A 436 3.46 -21.90 27.38
N ILE A 437 3.87 -20.81 26.73
CA ILE A 437 2.91 -19.92 26.10
C ILE A 437 2.08 -20.71 25.09
N MET A 438 2.75 -21.47 24.22
CA MET A 438 2.05 -22.17 23.14
C MET A 438 1.15 -23.27 23.69
N ALA A 439 1.55 -23.85 24.81
CA ALA A 439 0.82 -24.96 25.39
C ALA A 439 -0.44 -24.44 26.07
N TRP A 440 -0.30 -23.38 26.86
CA TRP A 440 -1.44 -22.77 27.52
C TRP A 440 -2.46 -22.27 26.51
N LEU A 441 -1.97 -21.67 25.42
CA LEU A 441 -2.83 -21.10 24.38
C LEU A 441 -3.62 -22.16 23.61
N LEU A 442 -2.95 -23.25 23.28
CA LEU A 442 -3.58 -24.32 22.51
C LEU A 442 -4.57 -25.10 23.40
N GLN A 443 -4.26 -25.19 24.69
CA GLN A 443 -5.14 -25.86 25.64
C GLN A 443 -6.50 -25.17 25.67
N ARG A 444 -6.50 -23.85 25.55
CA ARG A 444 -7.64 -23.01 25.91
C ARG A 444 -8.31 -22.33 24.73
N PHE A 445 -7.54 -22.07 23.67
CA PHE A 445 -8.02 -21.25 22.55
C PHE A 445 -8.02 -21.94 21.20
N ASP A 446 -9.13 -21.84 20.51
CA ASP A 446 -9.14 -22.03 19.06
C ASP A 446 -8.52 -20.76 18.42
N LEU A 447 -7.54 -20.96 17.54
CA LEU A 447 -6.84 -19.86 16.89
C LEU A 447 -7.04 -19.97 15.38
N GLU A 448 -7.93 -19.14 14.86
CA GLU A 448 -8.39 -19.28 13.50
C GLU A 448 -8.02 -18.09 12.61
N VAL A 449 -8.20 -18.27 11.30
CA VAL A 449 -8.02 -17.20 10.35
C VAL A 449 -9.11 -16.18 10.62
N PRO A 450 -8.76 -14.89 10.63
CA PRO A 450 -9.79 -13.85 10.85
C PRO A 450 -10.83 -13.77 9.73
N ASP A 451 -11.95 -13.09 9.97
CA ASP A 451 -13.13 -13.11 9.07
C ASP A 451 -12.86 -12.70 7.62
N ASP A 452 -11.92 -11.78 7.42
CA ASP A 452 -11.55 -11.36 6.07
C ASP A 452 -10.78 -12.45 5.32
N GLY A 453 -10.42 -13.51 6.04
CA GLY A 453 -9.71 -14.62 5.43
C GLY A 453 -8.29 -14.28 4.99
N GLN A 454 -7.71 -13.23 5.58
CA GLN A 454 -6.34 -12.87 5.28
C GLN A 454 -5.41 -13.74 6.10
N LEU A 455 -4.36 -14.25 5.46
CA LEU A 455 -3.29 -14.95 6.13
C LEU A 455 -2.04 -14.08 6.23
N PRO A 456 -1.24 -14.29 7.28
CA PRO A 456 -0.05 -13.45 7.43
C PRO A 456 1.07 -13.81 6.46
N SER A 457 1.69 -12.83 5.82
CA SER A 457 2.84 -13.11 4.98
C SER A 457 3.98 -13.67 5.82
N LEU A 458 4.52 -14.79 5.37
CA LEU A 458 5.61 -15.46 6.07
C LEU A 458 6.97 -15.02 5.53
N GLU A 459 6.97 -14.05 4.63
CA GLU A 459 8.21 -13.61 3.97
C GLU A 459 9.14 -13.04 5.02
N GLY A 460 8.54 -12.26 5.92
CA GLY A 460 9.24 -11.71 7.05
C GLY A 460 9.89 -10.38 6.72
N ILE A 461 10.34 -9.69 7.77
CA ILE A 461 11.00 -8.39 7.62
C ILE A 461 12.31 -8.47 8.37
N PRO A 462 13.43 -8.51 7.65
CA PRO A 462 14.71 -8.63 8.34
C PRO A 462 15.18 -7.34 9.00
N LYS A 463 15.00 -7.22 10.31
CA LYS A 463 15.65 -6.17 11.10
C LYS A 463 16.77 -6.81 11.92
N VAL A 464 17.20 -6.16 13.00
CA VAL A 464 18.16 -6.78 13.92
C VAL A 464 17.57 -8.10 14.41
N VAL A 465 16.24 -8.19 14.35
CA VAL A 465 15.51 -9.42 14.60
C VAL A 465 14.71 -9.71 13.34
N PHE A 466 14.55 -10.98 13.01
CA PHE A 466 13.84 -11.37 11.81
C PHE A 466 12.35 -11.37 12.17
N LEU A 467 11.69 -10.25 11.86
CA LEU A 467 10.30 -10.00 12.24
C LEU A 467 9.27 -10.50 11.23
N ILE A 468 8.03 -10.65 11.71
CA ILE A 468 6.90 -10.95 10.83
C ILE A 468 5.97 -9.74 10.76
N ASP A 469 5.45 -9.46 9.56
CA ASP A 469 4.45 -8.44 9.35
C ASP A 469 3.34 -8.67 10.35
N SER A 470 2.86 -7.60 10.99
CA SER A 470 1.79 -7.75 11.98
C SER A 470 0.53 -8.31 11.30
N PHE A 471 -0.24 -9.09 12.06
CA PHE A 471 -1.40 -9.78 11.53
C PHE A 471 -2.42 -10.07 12.62
N LYS A 472 -3.63 -10.46 12.19
CA LYS A 472 -4.70 -10.74 13.14
C LYS A 472 -5.09 -12.21 13.17
N VAL A 473 -5.61 -12.62 14.32
CA VAL A 473 -6.05 -13.99 14.54
C VAL A 473 -7.39 -13.97 15.27
N LYS A 474 -8.34 -14.77 14.78
CA LYS A 474 -9.62 -14.92 15.44
C LYS A 474 -9.46 -15.84 16.62
N ILE A 475 -9.77 -15.34 17.81
CA ILE A 475 -9.61 -16.12 19.01
C ILE A 475 -10.98 -16.50 19.56
N LYS A 476 -11.12 -17.77 19.92
CA LYS A 476 -12.33 -18.29 20.54
C LYS A 476 -11.98 -19.29 21.62
N VAL A 477 -12.61 -19.17 22.79
CA VAL A 477 -12.34 -20.10 23.87
C VAL A 477 -12.78 -21.49 23.39
N ARG A 478 -11.99 -22.49 23.73
CA ARG A 478 -12.26 -23.83 23.25
C ARG A 478 -13.52 -24.43 23.89
N GLN A 479 -14.33 -25.06 23.05
CA GLN A 479 -15.54 -25.73 23.50
C GLN A 479 -15.22 -26.77 24.57
N ALA A 480 -14.12 -27.50 24.36
CA ALA A 480 -13.69 -28.53 25.30
C ALA A 480 -13.20 -27.94 26.61
N TRP A 481 -12.68 -26.72 26.56
CA TRP A 481 -12.23 -26.05 27.76
C TRP A 481 -13.44 -25.57 28.54
N ARG A 482 -14.44 -25.05 27.82
CA ARG A 482 -15.68 -24.57 28.44
C ARG A 482 -16.33 -25.68 29.27
N GLU A 483 -16.67 -26.78 28.60
CA GLU A 483 -17.29 -27.94 29.22
C GLU A 483 -16.58 -28.35 30.51
N ALA A 484 -15.26 -28.36 30.46
CA ALA A 484 -14.44 -28.85 31.56
C ALA A 484 -14.51 -27.96 32.81
N GLN A 485 -15.35 -26.94 32.76
CA GLN A 485 -15.54 -26.07 33.92
C GLN A 485 -16.84 -26.46 34.64
N LEU B 13 -28.92 4.07 -38.55
CA LEU B 13 -28.56 3.34 -37.33
C LEU B 13 -29.30 3.83 -36.10
N LEU B 14 -29.88 2.88 -35.38
CA LEU B 14 -30.65 3.19 -34.18
C LEU B 14 -29.80 3.21 -32.93
N SER B 15 -30.39 3.68 -31.84
CA SER B 15 -29.71 3.80 -30.57
C SER B 15 -30.00 2.55 -29.77
N LEU B 16 -29.03 2.17 -28.95
CA LEU B 16 -29.12 0.93 -28.21
C LEU B 16 -30.24 1.00 -27.19
N PRO B 17 -31.04 -0.07 -27.08
CA PRO B 17 -31.91 -0.22 -25.91
C PRO B 17 -31.13 0.05 -24.62
N LEU B 18 -31.74 0.82 -23.72
CA LEU B 18 -31.11 1.19 -22.46
C LEU B 18 -31.90 0.60 -21.28
N VAL B 19 -31.27 -0.31 -20.56
CA VAL B 19 -31.89 -0.98 -19.41
C VAL B 19 -31.67 -0.19 -18.12
N GLY B 20 -30.67 0.69 -18.12
CA GLY B 20 -30.34 1.41 -16.92
C GLY B 20 -29.37 2.54 -17.19
N SER B 21 -29.40 3.54 -16.31
CA SER B 21 -28.52 4.70 -16.43
C SER B 21 -28.22 5.26 -15.05
N LEU B 22 -26.93 5.48 -14.77
CA LEU B 22 -26.52 6.17 -13.57
C LEU B 22 -25.67 7.39 -13.94
N PRO B 23 -25.86 8.51 -13.23
CA PRO B 23 -25.19 9.75 -13.65
C PRO B 23 -23.72 9.76 -13.35
N PHE B 24 -23.29 8.94 -12.40
CA PHE B 24 -21.85 8.78 -12.14
C PHE B 24 -21.46 7.33 -11.83
N LEU B 25 -20.17 7.06 -11.75
CA LEU B 25 -19.67 5.72 -11.51
C LEU B 25 -19.79 5.36 -10.04
N PRO B 26 -20.39 4.21 -9.73
CA PRO B 26 -20.31 3.78 -8.33
C PRO B 26 -18.87 3.54 -7.91
N ARG B 27 -18.59 3.78 -6.64
CA ARG B 27 -17.30 3.50 -6.04
C ARG B 27 -16.16 4.30 -6.66
N HIS B 28 -16.51 5.38 -7.34
CA HIS B 28 -15.52 6.28 -7.89
C HIS B 28 -15.79 7.64 -7.28
N GLY B 29 -14.83 8.14 -6.50
CA GLY B 29 -15.00 9.35 -5.72
C GLY B 29 -15.92 9.13 -4.51
N HIS B 30 -15.96 10.11 -3.61
CA HIS B 30 -16.91 10.10 -2.51
C HIS B 30 -18.33 10.46 -2.94
N MET B 31 -19.31 9.69 -2.45
CA MET B 31 -20.70 9.86 -2.82
C MET B 31 -21.15 11.29 -2.64
N HIS B 32 -20.92 11.83 -1.45
CA HIS B 32 -21.43 13.14 -1.12
C HIS B 32 -20.91 14.20 -2.09
N ASN B 33 -19.66 14.05 -2.55
CA ASN B 33 -19.15 15.00 -3.53
C ASN B 33 -19.68 14.73 -4.92
N ASN B 34 -19.93 13.46 -5.22
CA ASN B 34 -20.48 13.10 -6.53
C ASN B 34 -21.85 13.72 -6.74
N PHE B 35 -22.67 13.71 -5.69
CA PHE B 35 -24.00 14.28 -5.75
C PHE B 35 -23.96 15.80 -5.89
N PHE B 36 -22.98 16.41 -5.20
CA PHE B 36 -22.78 17.84 -5.22
C PHE B 36 -22.36 18.27 -6.61
N LYS B 37 -21.47 17.49 -7.22
CA LYS B 37 -20.95 17.83 -8.53
C LYS B 37 -22.08 17.91 -9.56
N LEU B 38 -23.08 17.06 -9.39
CA LEU B 38 -24.21 17.02 -10.31
C LEU B 38 -25.17 18.20 -10.25
N GLN B 39 -25.10 19.00 -9.18
CA GLN B 39 -26.00 20.13 -9.02
C GLN B 39 -25.75 21.16 -10.13
N LYS B 40 -24.51 21.17 -10.64
CA LYS B 40 -24.15 22.07 -11.74
C LYS B 40 -24.93 21.77 -13.00
N LYS B 41 -25.44 20.54 -13.07
CA LYS B 41 -26.08 20.02 -14.25
C LYS B 41 -27.61 20.06 -14.13
N TYR B 42 -28.09 19.72 -12.93
CA TYR B 42 -29.50 19.39 -12.74
C TYR B 42 -30.18 20.25 -11.68
N GLY B 43 -29.43 21.08 -10.97
CA GLY B 43 -29.99 21.86 -9.89
C GLY B 43 -29.81 21.17 -8.54
N PRO B 44 -30.24 21.84 -7.46
CA PRO B 44 -30.01 21.49 -6.05
C PRO B 44 -30.91 20.37 -5.50
N ILE B 45 -31.83 19.88 -6.32
CA ILE B 45 -32.70 18.78 -5.93
C ILE B 45 -33.04 17.92 -7.14
N TYR B 46 -32.79 16.62 -7.02
CA TYR B 46 -33.07 15.67 -8.11
C TYR B 46 -33.29 14.31 -7.51
N SER B 47 -33.79 13.38 -8.34
CA SER B 47 -34.13 12.07 -7.86
C SER B 47 -33.40 10.94 -8.62
N VAL B 48 -33.34 9.78 -7.97
CA VAL B 48 -32.81 8.56 -8.54
C VAL B 48 -33.78 7.43 -8.21
N ARG B 49 -33.96 6.50 -9.14
CA ARG B 49 -34.86 5.35 -8.96
C ARG B 49 -34.10 4.01 -9.05
N MET B 50 -34.08 3.27 -7.95
CA MET B 50 -33.44 1.95 -7.89
C MET B 50 -34.49 0.87 -7.77
N GLY B 51 -34.82 0.22 -8.89
CA GLY B 51 -35.95 -0.69 -8.88
C GLY B 51 -37.23 0.07 -8.65
N THR B 52 -37.84 -0.15 -7.49
CA THR B 52 -39.11 0.50 -7.13
C THR B 52 -38.94 1.57 -6.06
N LYS B 53 -37.72 1.67 -5.52
CA LYS B 53 -37.41 2.72 -4.56
C LYS B 53 -36.96 3.96 -5.31
N THR B 54 -37.52 5.11 -4.92
CA THR B 54 -37.05 6.41 -5.40
C THR B 54 -36.32 7.13 -4.27
N THR B 55 -35.16 7.69 -4.59
CA THR B 55 -34.41 8.49 -3.63
C THR B 55 -34.29 9.91 -4.15
N VAL B 56 -34.49 10.88 -3.25
CA VAL B 56 -34.38 12.30 -3.61
C VAL B 56 -33.19 12.86 -2.87
N ILE B 57 -32.36 13.61 -3.60
CA ILE B 57 -31.16 14.21 -3.03
C ILE B 57 -31.33 15.71 -3.03
N VAL B 58 -30.95 16.36 -1.93
CA VAL B 58 -31.22 17.78 -1.72
C VAL B 58 -29.93 18.48 -1.32
N GLY B 59 -29.53 19.52 -2.07
CA GLY B 59 -28.24 20.17 -1.88
C GLY B 59 -28.26 21.68 -1.72
N HIS B 60 -29.35 22.19 -1.16
CA HIS B 60 -29.46 23.61 -0.88
C HIS B 60 -30.11 23.80 0.47
N HIS B 61 -29.62 24.77 1.25
CA HIS B 61 -30.06 24.95 2.64
C HIS B 61 -31.57 25.25 2.73
N GLN B 62 -32.05 26.05 1.80
CA GLN B 62 -33.47 26.39 1.77
C GLN B 62 -34.31 25.12 1.68
N LEU B 63 -33.97 24.24 0.74
CA LEU B 63 -34.69 22.97 0.59
C LEU B 63 -34.43 22.05 1.76
N ALA B 64 -33.25 22.17 2.36
CA ALA B 64 -32.86 21.31 3.47
C ALA B 64 -33.70 21.68 4.68
N LYS B 65 -33.82 22.98 4.94
CA LYS B 65 -34.56 23.43 6.11
C LYS B 65 -36.06 23.17 5.97
N GLU B 66 -36.54 23.01 4.74
CA GLU B 66 -37.93 22.62 4.49
C GLU B 66 -38.16 21.16 4.87
N VAL B 67 -37.24 20.28 4.49
CA VAL B 67 -37.33 18.86 4.83
C VAL B 67 -37.12 18.67 6.33
N LEU B 68 -36.12 19.35 6.87
CA LEU B 68 -35.71 19.15 8.26
C LEU B 68 -36.57 19.88 9.28
N ILE B 69 -36.96 21.12 8.95
CA ILE B 69 -37.62 21.99 9.91
C ILE B 69 -39.08 22.22 9.56
N LYS B 70 -39.33 22.92 8.45
CA LYS B 70 -40.68 23.40 8.13
C LYS B 70 -41.70 22.27 7.94
N LYS B 71 -41.26 21.19 7.31
CA LYS B 71 -42.09 19.99 7.18
C LYS B 71 -41.45 18.79 7.87
N GLY B 72 -40.67 19.07 8.93
CA GLY B 72 -39.99 18.04 9.69
C GLY B 72 -40.79 16.78 9.89
N LYS B 73 -42.02 16.90 10.38
CA LYS B 73 -42.80 15.72 10.70
C LYS B 73 -43.02 14.85 9.46
N ASP B 74 -43.16 15.50 8.30
CA ASP B 74 -43.41 14.75 7.06
C ASP B 74 -42.24 13.87 6.61
N PHE B 75 -41.01 14.32 6.88
CA PHE B 75 -39.80 13.61 6.45
C PHE B 75 -38.98 13.07 7.63
N SER B 76 -39.66 12.63 8.68
CA SER B 76 -38.99 12.21 9.93
C SER B 76 -38.83 10.67 10.01
N GLY B 77 -39.21 9.99 8.95
CA GLY B 77 -39.06 8.54 8.88
C GLY B 77 -37.64 8.15 8.58
N ARG B 78 -37.32 6.87 8.80
CA ARG B 78 -36.02 6.29 8.44
C ARG B 78 -36.29 5.13 7.52
N PRO B 79 -35.60 5.09 6.36
CA PRO B 79 -35.83 3.94 5.49
C PRO B 79 -35.32 2.64 6.13
N GLN B 80 -35.68 1.51 5.55
CA GLN B 80 -35.23 0.23 6.05
C GLN B 80 -34.00 -0.24 5.28
N MET B 81 -32.95 -0.65 6.00
CA MET B 81 -31.77 -1.27 5.38
C MET B 81 -31.34 -2.50 6.16
N ALA B 82 -30.92 -3.53 5.43
CA ALA B 82 -30.51 -4.80 6.02
C ALA B 82 -29.46 -4.62 7.14
N THR B 83 -28.45 -3.77 6.91
CA THR B 83 -27.42 -3.56 7.93
C THR B 83 -27.96 -2.87 9.16
N LEU B 84 -28.74 -1.82 8.96
CA LEU B 84 -29.33 -1.06 10.07
C LEU B 84 -30.28 -1.94 10.86
N ASP B 85 -31.00 -2.83 10.16
CA ASP B 85 -31.89 -3.80 10.81
C ASP B 85 -31.15 -4.63 11.84
N ILE B 86 -29.93 -5.03 11.51
CA ILE B 86 -29.13 -5.86 12.40
C ILE B 86 -28.59 -5.04 13.57
N LEU B 87 -28.09 -3.84 13.29
CA LEU B 87 -27.57 -3.00 14.34
C LEU B 87 -28.68 -2.54 15.30
N SER B 88 -29.78 -2.06 14.73
CA SER B 88 -30.88 -1.47 15.50
C SER B 88 -31.79 -2.53 16.10
N ASN B 89 -31.39 -3.79 16.00
CA ASN B 89 -32.16 -4.90 16.54
C ASN B 89 -33.60 -4.85 15.97
N ASN B 90 -33.70 -4.63 14.66
CA ASN B 90 -34.96 -4.44 13.94
C ASN B 90 -35.69 -3.13 14.25
N ARG B 91 -35.10 -2.03 13.77
CA ARG B 91 -35.71 -0.70 13.79
C ARG B 91 -36.19 -0.27 15.18
N LYS B 92 -35.54 -0.79 16.22
CA LYS B 92 -35.72 -0.28 17.57
C LYS B 92 -34.70 0.82 17.75
N GLY B 93 -34.44 1.23 18.98
CA GLY B 93 -33.49 2.29 19.24
C GLY B 93 -34.04 3.65 18.86
N ILE B 94 -33.15 4.61 18.61
CA ILE B 94 -33.53 5.97 18.24
C ILE B 94 -33.13 6.29 16.78
N ALA B 95 -31.83 6.28 16.52
CA ALA B 95 -31.25 6.80 15.27
C ALA B 95 -31.79 6.16 14.00
N PHE B 96 -32.00 4.85 14.02
CA PHE B 96 -32.41 4.11 12.82
C PHE B 96 -33.82 3.53 12.96
N ALA B 97 -34.45 3.84 14.10
CA ALA B 97 -35.85 3.53 14.30
C ALA B 97 -36.68 4.45 13.42
N ASP B 98 -37.76 3.92 12.85
CA ASP B 98 -38.67 4.74 12.05
C ASP B 98 -39.48 5.66 12.97
N SER B 99 -40.15 6.64 12.38
CA SER B 99 -41.00 7.56 13.13
C SER B 99 -42.24 6.81 13.64
N GLY B 100 -42.49 6.97 14.94
CA GLY B 100 -43.53 6.20 15.60
C GLY B 100 -43.43 6.38 17.09
N ALA B 101 -44.27 5.65 17.81
CA ALA B 101 -44.36 5.83 19.24
C ALA B 101 -43.02 5.50 19.89
N HIS B 102 -42.50 4.32 19.59
CA HIS B 102 -41.26 3.85 20.24
C HIS B 102 -40.13 4.86 20.05
N TRP B 103 -39.89 5.28 18.80
CA TRP B 103 -38.86 6.28 18.52
C TRP B 103 -39.04 7.53 19.39
N GLN B 104 -40.24 8.09 19.37
CA GLN B 104 -40.49 9.35 20.07
C GLN B 104 -40.35 9.20 21.57
N LEU B 105 -40.76 8.07 22.10
CA LEU B 105 -40.66 7.87 23.54
C LEU B 105 -39.19 7.82 23.96
N HIS B 106 -38.39 7.03 23.23
CA HIS B 106 -37.00 6.82 23.62
C HIS B 106 -36.17 8.07 23.35
N ARG B 107 -36.49 8.77 22.27
CA ARG B 107 -35.84 10.04 21.97
C ARG B 107 -36.12 11.04 23.08
N ARG B 108 -37.36 11.03 23.58
CA ARG B 108 -37.80 11.92 24.66
C ARG B 108 -37.06 11.58 25.94
N LEU B 109 -37.04 10.31 26.28
CA LEU B 109 -36.43 9.84 27.53
C LEU B 109 -34.91 10.09 27.58
N ALA B 110 -34.23 9.86 26.47
CA ALA B 110 -32.80 10.11 26.38
C ALA B 110 -32.51 11.60 26.56
N MET B 111 -33.36 12.44 25.99
CA MET B 111 -33.22 13.89 26.14
C MET B 111 -33.46 14.31 27.58
N ALA B 112 -34.43 13.67 28.21
CA ALA B 112 -34.75 13.94 29.61
C ALA B 112 -33.57 13.63 30.51
N THR B 113 -32.90 12.52 30.25
CA THR B 113 -31.77 12.09 31.05
C THR B 113 -30.69 13.15 31.12
N PHE B 114 -30.53 13.92 30.06
CA PHE B 114 -29.46 14.90 30.04
C PHE B 114 -29.67 15.99 31.11
N ALA B 115 -30.92 16.17 31.53
CA ALA B 115 -31.26 17.17 32.52
C ALA B 115 -30.72 16.82 33.91
N LEU B 116 -30.54 15.53 34.17
CA LEU B 116 -29.96 15.03 35.42
C LEU B 116 -28.46 15.34 35.56
N PHE B 117 -27.90 16.07 34.60
CA PHE B 117 -26.48 16.41 34.60
C PHE B 117 -26.25 17.90 34.37
N LYS B 118 -27.16 18.73 34.89
CA LYS B 118 -27.11 20.16 34.63
C LYS B 118 -26.43 20.94 35.77
N ASP B 119 -26.17 20.28 36.89
CA ASP B 119 -25.68 21.00 38.07
C ASP B 119 -25.25 20.12 39.23
N GLY B 120 -24.23 20.57 39.95
CA GLY B 120 -23.84 19.97 41.21
C GLY B 120 -22.79 18.88 41.10
N ASP B 121 -23.11 17.71 41.63
CA ASP B 121 -22.19 16.58 41.69
C ASP B 121 -21.95 15.98 40.31
N GLN B 122 -23.05 15.60 39.65
CA GLN B 122 -22.99 15.02 38.31
C GLN B 122 -23.12 16.10 37.24
N LYS B 123 -22.61 17.30 37.53
CA LYS B 123 -22.53 18.35 36.52
C LYS B 123 -21.71 17.80 35.37
N LEU B 124 -22.16 18.05 34.16
CA LEU B 124 -21.58 17.42 32.99
C LEU B 124 -20.12 17.79 32.81
N GLU B 125 -19.79 19.04 33.13
CA GLU B 125 -18.43 19.53 32.98
C GLU B 125 -17.47 18.74 33.86
N LYS B 126 -17.91 18.46 35.07
CA LYS B 126 -17.07 17.77 36.04
C LYS B 126 -16.76 16.35 35.60
N ILE B 127 -17.73 15.69 34.98
CA ILE B 127 -17.55 14.32 34.51
C ILE B 127 -16.56 14.31 33.35
N ILE B 128 -16.70 15.26 32.44
CA ILE B 128 -15.84 15.32 31.26
C ILE B 128 -14.41 15.65 31.66
N CYS B 129 -14.25 16.51 32.66
CA CYS B 129 -12.91 16.93 33.07
C CYS B 129 -12.18 15.83 33.84
N GLN B 130 -12.93 15.07 34.64
CA GLN B 130 -12.37 13.97 35.42
C GLN B 130 -11.69 12.94 34.52
N GLU B 131 -12.31 12.67 33.38
CA GLU B 131 -11.75 11.73 32.40
C GLU B 131 -10.62 12.36 31.58
N ILE B 132 -10.74 13.65 31.28
CA ILE B 132 -9.71 14.35 30.52
C ILE B 132 -8.42 14.41 31.35
N SER B 133 -8.56 14.56 32.66
CA SER B 133 -7.41 14.63 33.54
C SER B 133 -6.66 13.30 33.49
N THR B 134 -7.42 12.22 33.49
CA THR B 134 -6.86 10.88 33.34
C THR B 134 -6.14 10.82 31.99
N LEU B 135 -6.87 11.17 30.94
CA LEU B 135 -6.34 11.17 29.58
C LEU B 135 -5.01 11.93 29.47
N CYS B 136 -4.98 13.16 29.97
CA CYS B 136 -3.79 14.00 29.89
C CYS B 136 -2.63 13.41 30.66
N ASP B 137 -2.91 12.87 31.83
CA ASP B 137 -1.86 12.29 32.66
C ASP B 137 -1.21 11.10 31.98
N MET B 138 -2.02 10.27 31.34
CA MET B 138 -1.54 9.10 30.65
C MET B 138 -0.70 9.50 29.44
N LEU B 139 -1.23 10.42 28.64
CA LEU B 139 -0.54 10.86 27.44
C LEU B 139 0.81 11.45 27.79
N ALA B 140 0.88 12.10 28.96
CA ALA B 140 2.10 12.76 29.41
C ALA B 140 3.23 11.76 29.53
N THR B 141 2.87 10.50 29.77
CA THR B 141 3.86 9.47 29.97
C THR B 141 4.53 9.17 28.66
N HIS B 142 3.85 9.48 27.55
CA HIS B 142 4.42 9.25 26.21
C HIS B 142 5.23 10.45 25.79
N ASN B 143 5.68 11.24 26.76
CA ASN B 143 6.43 12.45 26.46
C ASN B 143 7.69 12.15 25.67
N GLY B 144 7.82 12.81 24.52
CA GLY B 144 8.97 12.60 23.66
C GLY B 144 8.70 11.59 22.55
N GLN B 145 7.50 11.02 22.54
CA GLN B 145 7.15 9.94 21.63
C GLN B 145 6.04 10.29 20.65
N SER B 146 6.02 9.56 19.53
CA SER B 146 4.95 9.68 18.54
C SER B 146 3.96 8.54 18.72
N ILE B 147 2.68 8.88 18.84
CA ILE B 147 1.65 7.89 19.12
C ILE B 147 0.39 8.16 18.31
N ASP B 148 -0.48 7.15 18.25
CA ASP B 148 -1.87 7.32 17.81
C ASP B 148 -2.75 7.52 19.04
N ILE B 149 -3.37 8.69 19.14
CA ILE B 149 -4.15 9.05 20.33
C ILE B 149 -5.61 8.57 20.26
N SER B 150 -5.95 7.73 19.29
CA SER B 150 -7.33 7.28 19.13
C SER B 150 -7.84 6.54 20.35
N PHE B 151 -7.04 5.60 20.85
CA PHE B 151 -7.50 4.74 21.94
C PHE B 151 -7.65 5.50 23.25
N PRO B 152 -6.64 6.31 23.63
CA PRO B 152 -6.80 7.16 24.82
C PRO B 152 -8.05 8.03 24.78
N VAL B 153 -8.34 8.66 23.64
CA VAL B 153 -9.51 9.53 23.53
C VAL B 153 -10.78 8.70 23.57
N PHE B 154 -10.74 7.55 22.91
CA PHE B 154 -11.85 6.60 22.91
C PHE B 154 -12.20 6.18 24.35
N VAL B 155 -11.18 5.89 25.15
CA VAL B 155 -11.37 5.49 26.54
C VAL B 155 -11.99 6.64 27.34
N ALA B 156 -11.50 7.86 27.10
CA ALA B 156 -11.98 9.02 27.84
C ALA B 156 -13.48 9.22 27.63
N VAL B 157 -13.88 9.36 26.36
CA VAL B 157 -15.27 9.58 26.01
C VAL B 157 -16.16 8.36 26.28
N THR B 158 -15.56 7.17 26.30
CA THR B 158 -16.33 5.96 26.57
C THR B 158 -16.72 5.91 28.04
N ASN B 159 -15.86 6.46 28.90
CA ASN B 159 -16.14 6.52 30.34
C ASN B 159 -17.22 7.56 30.64
N VAL B 160 -17.18 8.69 29.96
CA VAL B 160 -18.20 9.73 30.14
C VAL B 160 -19.56 9.20 29.75
N ILE B 161 -19.67 8.58 28.58
CA ILE B 161 -20.96 8.04 28.13
C ILE B 161 -21.40 6.85 28.98
N SER B 162 -20.45 6.24 29.68
CA SER B 162 -20.71 5.11 30.54
C SER B 162 -21.21 5.64 31.87
N LEU B 163 -20.57 6.71 32.35
CA LEU B 163 -21.01 7.36 33.57
C LEU B 163 -22.42 7.94 33.43
N ILE B 164 -22.76 8.44 32.25
CA ILE B 164 -24.08 9.02 32.01
C ILE B 164 -25.14 7.94 31.87
N CYS B 165 -24.74 6.79 31.33
CA CYS B 165 -25.69 5.71 31.06
C CYS B 165 -25.99 4.84 32.29
N PHE B 166 -24.97 4.56 33.10
CA PHE B 166 -25.11 3.67 34.24
C PHE B 166 -24.36 4.12 35.50
N ASN B 167 -23.86 5.36 35.51
CA ASN B 167 -23.05 5.87 36.62
C ASN B 167 -21.82 5.00 36.92
N THR B 168 -21.31 4.33 35.89
CA THR B 168 -20.12 3.50 36.02
C THR B 168 -18.98 3.99 35.12
N SER B 169 -17.79 3.47 35.38
CA SER B 169 -16.61 3.79 34.60
C SER B 169 -15.68 2.60 34.56
N TYR B 170 -14.83 2.58 33.56
CA TYR B 170 -13.86 1.52 33.41
C TYR B 170 -12.55 1.92 34.05
N LYS B 171 -12.01 1.01 34.85
CA LYS B 171 -10.69 1.20 35.43
C LYS B 171 -9.64 1.02 34.34
N ASN B 172 -8.55 1.76 34.47
CA ASN B 172 -7.47 1.71 33.50
C ASN B 172 -6.90 0.30 33.31
N GLY B 173 -6.74 -0.13 32.06
CA GLY B 173 -6.27 -1.47 31.79
C GLY B 173 -7.38 -2.51 31.66
N ASP B 174 -8.62 -2.10 31.85
CA ASP B 174 -9.75 -3.01 31.70
C ASP B 174 -9.93 -3.43 30.22
N PRO B 175 -9.78 -4.73 29.91
CA PRO B 175 -9.81 -5.19 28.53
C PRO B 175 -11.16 -5.08 27.82
N GLU B 176 -12.23 -4.86 28.57
CA GLU B 176 -13.54 -4.72 27.95
C GLU B 176 -13.54 -3.51 26.99
N LEU B 177 -12.72 -2.52 27.33
CA LEU B 177 -12.51 -1.36 26.47
C LEU B 177 -11.98 -1.76 25.10
N ASN B 178 -11.04 -2.69 25.08
CA ASN B 178 -10.52 -3.18 23.80
C ASN B 178 -11.60 -3.98 23.07
N VAL B 179 -12.44 -4.67 23.82
CA VAL B 179 -13.49 -5.50 23.23
C VAL B 179 -14.49 -4.61 22.52
N ILE B 180 -14.80 -3.48 23.15
CA ILE B 180 -15.72 -2.49 22.60
C ILE B 180 -15.12 -1.82 21.39
N GLN B 181 -13.85 -1.42 21.50
CA GLN B 181 -13.19 -0.77 20.38
C GLN B 181 -13.30 -1.69 19.16
N ASN B 182 -13.08 -2.97 19.41
CA ASN B 182 -13.04 -3.97 18.36
C ASN B 182 -14.39 -4.10 17.67
N TYR B 183 -15.48 -4.16 18.41
CA TYR B 183 -16.78 -4.36 17.76
C TYR B 183 -17.33 -3.05 17.19
N ASN B 184 -16.98 -1.92 17.78
CA ASN B 184 -17.32 -0.65 17.15
C ASN B 184 -16.67 -0.59 15.79
N GLU B 185 -15.38 -0.88 15.72
CA GLU B 185 -14.69 -0.88 14.44
C GLU B 185 -15.36 -1.84 13.44
N GLY B 186 -15.76 -3.02 13.91
CA GLY B 186 -16.35 -4.01 13.04
C GLY B 186 -17.75 -3.66 12.58
N ILE B 187 -18.51 -3.01 13.46
CA ILE B 187 -19.85 -2.55 13.12
C ILE B 187 -19.79 -1.43 12.08
N ILE B 188 -18.90 -0.46 12.30
CA ILE B 188 -18.71 0.62 11.33
C ILE B 188 -18.18 0.10 10.00
N ASP B 189 -17.29 -0.89 10.06
CA ASP B 189 -16.73 -1.49 8.85
C ASP B 189 -17.77 -2.11 7.94
N ASN B 190 -18.68 -2.86 8.53
CA ASN B 190 -19.63 -3.67 7.77
C ASN B 190 -21.03 -3.02 7.61
N LEU B 191 -21.28 -1.91 8.32
CA LEU B 191 -22.59 -1.24 8.24
C LEU B 191 -22.85 -0.75 6.81
N SER B 192 -21.76 -0.44 6.13
CA SER B 192 -21.79 0.05 4.76
C SER B 192 -20.37 0.05 4.23
N LYS B 193 -20.19 -0.22 2.94
CA LYS B 193 -18.87 -0.15 2.34
C LYS B 193 -18.34 1.27 2.48
N ASP B 194 -19.05 2.21 1.85
CA ASP B 194 -18.74 3.62 1.96
C ASP B 194 -19.80 4.26 2.85
N SER B 195 -20.47 5.31 2.38
CA SER B 195 -21.53 5.96 3.14
C SER B 195 -22.76 5.05 3.20
N LEU B 196 -23.80 5.47 3.93
CA LEU B 196 -25.03 4.68 4.03
C LEU B 196 -25.80 4.69 2.73
N VAL B 197 -25.59 5.76 1.95
CA VAL B 197 -26.25 5.86 0.67
C VAL B 197 -25.51 5.02 -0.38
N ASP B 198 -26.08 3.86 -0.68
CA ASP B 198 -25.66 3.06 -1.83
C ASP B 198 -26.71 3.11 -2.97
N LEU B 199 -26.36 3.76 -4.08
CA LEU B 199 -27.17 3.70 -5.29
C LEU B 199 -27.49 2.26 -5.68
N VAL B 200 -26.49 1.52 -6.15
CA VAL B 200 -26.63 0.09 -6.45
C VAL B 200 -26.55 -0.75 -5.15
N PRO B 201 -27.48 -1.71 -4.95
CA PRO B 201 -27.53 -2.52 -3.72
C PRO B 201 -26.68 -3.81 -3.80
N TRP B 202 -25.37 -3.64 -3.79
CA TRP B 202 -24.44 -4.72 -4.06
C TRP B 202 -24.64 -5.93 -3.14
N LEU B 203 -25.04 -5.65 -1.91
CA LEU B 203 -25.24 -6.66 -0.91
C LEU B 203 -26.12 -7.82 -1.38
N LYS B 204 -27.14 -7.49 -2.17
CA LYS B 204 -28.15 -8.46 -2.55
C LYS B 204 -27.86 -9.08 -3.91
N ILE B 205 -26.79 -8.61 -4.55
CA ILE B 205 -26.49 -8.96 -5.93
C ILE B 205 -25.41 -10.03 -6.06
N PHE B 206 -24.40 -9.95 -5.20
CA PHE B 206 -23.32 -10.92 -5.22
C PHE B 206 -23.19 -11.60 -3.86
N PRO B 207 -22.75 -12.87 -3.84
CA PRO B 207 -22.51 -13.53 -2.55
C PRO B 207 -21.42 -12.82 -1.73
N ASN B 208 -21.66 -12.67 -0.43
CA ASN B 208 -20.74 -11.98 0.48
C ASN B 208 -21.14 -12.23 1.93
N LYS B 209 -20.22 -11.94 2.86
CA LYS B 209 -20.39 -12.28 4.26
C LYS B 209 -20.62 -11.03 5.11
N THR B 210 -20.98 -9.93 4.47
CA THR B 210 -21.15 -8.67 5.18
C THR B 210 -22.11 -8.77 6.38
N LEU B 211 -23.35 -9.18 6.13
CA LEU B 211 -24.33 -9.29 7.22
C LEU B 211 -23.90 -10.32 8.25
N GLU B 212 -23.34 -11.45 7.79
CA GLU B 212 -22.75 -12.45 8.68
C GLU B 212 -21.74 -11.78 9.64
N LYS B 213 -20.80 -11.03 9.08
CA LYS B 213 -19.79 -10.35 9.90
C LYS B 213 -20.41 -9.28 10.80
N LEU B 214 -21.38 -8.53 10.27
CA LEU B 214 -22.04 -7.47 11.03
C LEU B 214 -22.76 -8.04 12.25
N LYS B 215 -23.50 -9.12 12.03
CA LYS B 215 -24.14 -9.87 13.14
C LYS B 215 -23.18 -10.31 14.24
N SER B 216 -21.98 -10.75 13.86
CA SER B 216 -21.01 -11.24 14.84
C SER B 216 -20.54 -10.16 15.80
N HIS B 217 -20.34 -8.95 15.26
CA HIS B 217 -19.92 -7.85 16.11
C HIS B 217 -21.09 -7.35 16.95
N VAL B 218 -22.26 -7.24 16.33
CA VAL B 218 -23.44 -6.78 17.05
C VAL B 218 -23.79 -7.74 18.19
N LYS B 219 -23.67 -9.04 17.95
CA LYS B 219 -23.93 -10.02 19.00
C LYS B 219 -23.05 -9.81 20.21
N ILE B 220 -21.75 -9.65 19.97
CA ILE B 220 -20.82 -9.42 21.06
C ILE B 220 -21.25 -8.15 21.81
N ARG B 221 -21.60 -7.12 21.05
CA ARG B 221 -22.08 -5.87 21.66
C ARG B 221 -23.34 -6.11 22.49
N ASN B 222 -24.30 -6.85 21.92
CA ASN B 222 -25.55 -7.13 22.61
C ASN B 222 -25.40 -8.00 23.86
N ASP B 223 -24.51 -9.00 23.81
CA ASP B 223 -24.25 -9.83 24.99
C ASP B 223 -23.67 -8.97 26.11
N LEU B 224 -22.82 -8.00 25.74
CA LEU B 224 -22.18 -7.15 26.74
C LEU B 224 -23.17 -6.14 27.34
N LEU B 225 -24.21 -5.78 26.60
CA LEU B 225 -25.22 -4.87 27.12
C LEU B 225 -26.26 -5.60 27.97
N ASN B 226 -26.67 -6.78 27.52
CA ASN B 226 -27.61 -7.61 28.27
C ASN B 226 -27.10 -8.01 29.65
N LYS B 227 -25.81 -8.31 29.76
CA LYS B 227 -25.20 -8.62 31.05
C LYS B 227 -25.22 -7.41 32.00
N ILE B 228 -25.04 -6.22 31.45
CA ILE B 228 -25.11 -5.00 32.25
C ILE B 228 -26.53 -4.79 32.76
N LEU B 229 -27.51 -4.88 31.87
CA LEU B 229 -28.91 -4.66 32.22
C LEU B 229 -29.40 -5.64 33.28
N GLU B 230 -29.08 -6.93 33.11
CA GLU B 230 -29.54 -7.94 34.04
C GLU B 230 -28.94 -7.71 35.42
N ASN B 231 -27.65 -7.36 35.45
CA ASN B 231 -26.95 -7.14 36.71
C ASN B 231 -27.36 -5.83 37.38
N TYR B 232 -28.13 -5.02 36.65
CA TYR B 232 -28.54 -3.70 37.14
C TYR B 232 -29.96 -3.72 37.70
N LYS B 233 -30.76 -4.69 37.25
CA LYS B 233 -32.13 -4.84 37.75
C LYS B 233 -32.17 -5.03 39.27
N GLU B 234 -31.15 -5.71 39.80
CA GLU B 234 -31.04 -5.94 41.23
C GLU B 234 -30.49 -4.72 41.94
N LYS B 235 -30.06 -3.73 41.16
CA LYS B 235 -29.44 -2.53 41.68
C LYS B 235 -30.43 -1.36 41.63
N PHE B 236 -31.45 -1.51 40.78
CA PHE B 236 -32.40 -0.42 40.53
C PHE B 236 -33.24 -0.09 41.75
N ARG B 237 -33.59 1.19 41.88
CA ARG B 237 -34.45 1.64 42.95
C ARG B 237 -35.21 2.88 42.46
N SER B 238 -36.52 2.87 42.64
CA SER B 238 -37.39 3.89 42.05
C SER B 238 -37.12 5.32 42.53
N ASP B 239 -36.53 5.45 43.71
CA ASP B 239 -36.29 6.76 44.29
C ASP B 239 -35.00 7.41 43.78
N SER B 240 -34.11 6.61 43.20
CA SER B 240 -32.84 7.12 42.67
C SER B 240 -32.78 7.04 41.15
N ILE B 241 -32.84 8.20 40.50
CA ILE B 241 -32.77 8.32 39.04
C ILE B 241 -31.63 9.26 38.66
N THR B 242 -30.48 8.67 38.34
CA THR B 242 -29.25 9.44 38.12
C THR B 242 -28.64 9.22 36.74
N ASN B 243 -29.15 8.21 36.03
CA ASN B 243 -28.62 7.85 34.73
C ASN B 243 -29.71 7.41 33.76
N MET B 244 -29.32 7.30 32.50
CA MET B 244 -30.25 7.00 31.43
C MET B 244 -30.94 5.66 31.63
N LEU B 245 -30.26 4.74 32.29
CA LEU B 245 -30.84 3.40 32.44
C LEU B 245 -31.90 3.42 33.54
N ASP B 246 -31.74 4.29 34.54
CA ASP B 246 -32.77 4.48 35.55
C ASP B 246 -33.97 5.11 34.91
N THR B 247 -33.68 6.12 34.09
CA THR B 247 -34.70 6.88 33.38
C THR B 247 -35.57 5.97 32.52
N LEU B 248 -34.98 4.90 32.02
CA LEU B 248 -35.72 4.00 31.13
C LEU B 248 -36.53 3.01 31.93
N MET B 249 -35.90 2.40 32.92
CA MET B 249 -36.55 1.41 33.75
C MET B 249 -37.70 2.02 34.54
N GLN B 250 -37.51 3.25 35.01
CA GLN B 250 -38.55 3.96 35.73
C GLN B 250 -39.83 4.08 34.91
N ALA B 251 -39.68 4.32 33.61
CA ALA B 251 -40.83 4.53 32.73
C ALA B 251 -41.54 3.23 32.44
N LYS B 252 -40.79 2.13 32.45
CA LYS B 252 -41.37 0.81 32.25
C LYS B 252 -42.17 0.47 33.49
N MET B 253 -41.62 0.85 34.64
CA MET B 253 -42.24 0.63 35.94
C MET B 253 -43.60 1.33 36.00
N ASN B 254 -43.64 2.58 35.55
CA ASN B 254 -44.86 3.36 35.51
C ASN B 254 -45.83 2.91 34.40
N SER B 255 -45.84 1.62 34.10
CA SER B 255 -46.68 1.08 33.04
C SER B 255 -47.11 -0.34 33.40
N ASP B 265 -46.22 3.27 26.94
CA ASP B 265 -46.65 1.96 27.45
C ASP B 265 -45.50 0.92 27.58
N SER B 266 -45.82 -0.22 28.19
CA SER B 266 -44.81 -1.20 28.63
C SER B 266 -44.21 -1.98 27.47
N GLU B 267 -44.89 -1.96 26.33
CA GLU B 267 -44.50 -2.76 25.17
C GLU B 267 -43.34 -2.08 24.42
N LEU B 268 -43.26 -0.76 24.56
CA LEU B 268 -42.23 0.06 23.93
C LEU B 268 -41.01 0.23 24.83
N LEU B 269 -40.99 -0.49 25.93
CA LEU B 269 -39.87 -0.41 26.87
C LEU B 269 -39.40 -1.80 27.26
N SER B 270 -39.51 -2.74 26.33
CA SER B 270 -38.97 -4.08 26.52
C SER B 270 -37.47 -4.04 26.75
N ASP B 271 -36.92 -5.16 27.20
CA ASP B 271 -35.49 -5.25 27.43
C ASP B 271 -34.69 -4.85 26.19
N ASN B 272 -35.13 -5.30 25.02
CA ASN B 272 -34.42 -5.05 23.77
C ASN B 272 -34.55 -3.61 23.31
N HIS B 273 -35.69 -2.99 23.61
CA HIS B 273 -35.87 -1.57 23.28
C HIS B 273 -34.90 -0.69 24.06
N ILE B 274 -34.75 -1.02 25.35
CA ILE B 274 -33.87 -0.29 26.24
C ILE B 274 -32.43 -0.52 25.84
N LEU B 275 -32.10 -1.78 25.59
CA LEU B 275 -30.76 -2.15 25.16
C LEU B 275 -30.34 -1.35 23.93
N THR B 276 -31.14 -1.46 22.87
CA THR B 276 -30.83 -0.83 21.58
C THR B 276 -30.66 0.68 21.69
N THR B 277 -31.44 1.29 22.57
CA THR B 277 -31.39 2.73 22.79
C THR B 277 -30.08 3.15 23.45
N ILE B 278 -29.62 2.36 24.42
CA ILE B 278 -28.37 2.64 25.10
C ILE B 278 -27.22 2.36 24.13
N GLY B 279 -27.38 1.33 23.30
CA GLY B 279 -26.46 1.07 22.21
C GLY B 279 -26.23 2.28 21.33
N ASP B 280 -27.29 2.89 20.82
CA ASP B 280 -27.15 4.07 19.95
C ASP B 280 -26.50 5.25 20.67
N ILE B 281 -26.81 5.44 21.95
CA ILE B 281 -26.22 6.51 22.73
C ILE B 281 -24.74 6.27 22.94
N PHE B 282 -24.40 5.06 23.40
CA PHE B 282 -23.01 4.64 23.57
C PHE B 282 -22.21 4.76 22.27
N GLY B 283 -22.75 4.21 21.19
CA GLY B 283 -22.07 4.25 19.91
C GLY B 283 -21.86 5.66 19.40
N ALA B 284 -22.87 6.49 19.55
CA ALA B 284 -22.81 7.86 19.05
C ALA B 284 -21.87 8.71 19.91
N GLY B 285 -21.94 8.52 21.23
CA GLY B 285 -21.20 9.36 22.14
C GLY B 285 -19.70 9.15 22.11
N VAL B 286 -19.29 8.06 21.46
CA VAL B 286 -17.90 7.63 21.45
C VAL B 286 -17.27 7.83 20.07
N GLU B 287 -17.88 7.28 19.04
CA GLU B 287 -17.28 7.31 17.70
C GLU B 287 -17.26 8.72 17.09
N THR B 288 -18.31 9.49 17.28
CA THR B 288 -18.37 10.82 16.68
C THR B 288 -17.35 11.74 17.32
N THR B 289 -17.38 11.81 18.64
CA THR B 289 -16.47 12.64 19.41
C THR B 289 -15.00 12.33 19.11
N THR B 290 -14.61 11.06 19.25
CA THR B 290 -13.25 10.62 18.97
C THR B 290 -12.83 10.97 17.55
N SER B 291 -13.73 10.81 16.59
CA SER B 291 -13.44 11.16 15.21
C SER B 291 -13.13 12.65 15.04
N VAL B 292 -13.97 13.52 15.60
CA VAL B 292 -13.78 14.96 15.39
C VAL B 292 -12.46 15.45 16.02
N VAL B 293 -12.14 14.94 17.21
CA VAL B 293 -10.88 15.28 17.89
C VAL B 293 -9.71 14.93 16.99
N LYS B 294 -9.73 13.73 16.42
CA LYS B 294 -8.67 13.27 15.55
C LYS B 294 -8.54 14.18 14.32
N TRP B 295 -9.66 14.51 13.70
CA TRP B 295 -9.69 15.47 12.58
C TRP B 295 -9.07 16.82 12.97
N THR B 296 -9.39 17.30 14.16
CA THR B 296 -8.95 18.61 14.61
C THR B 296 -7.43 18.66 14.82
N LEU B 297 -6.89 17.62 15.45
CA LEU B 297 -5.43 17.49 15.58
C LEU B 297 -4.77 17.51 14.21
N ALA B 298 -5.43 16.83 13.26
CA ALA B 298 -4.88 16.65 11.94
C ALA B 298 -4.84 17.99 11.21
N PHE B 299 -5.94 18.73 11.26
CA PHE B 299 -5.98 20.09 10.66
C PHE B 299 -4.95 21.00 11.29
N LEU B 300 -4.77 20.87 12.60
CA LEU B 300 -3.77 21.68 13.29
C LEU B 300 -2.35 21.30 12.87
N LEU B 301 -2.09 20.02 12.58
CA LEU B 301 -0.79 19.58 12.09
C LEU B 301 -0.52 20.10 10.67
N HIS B 302 -1.59 20.35 9.92
CA HIS B 302 -1.45 20.94 8.58
C HIS B 302 -1.40 22.46 8.62
N ASN B 303 -1.74 23.04 9.78
CA ASN B 303 -1.89 24.49 9.92
C ASN B 303 -1.26 25.04 11.19
N PRO B 304 0.08 25.06 11.24
CA PRO B 304 0.81 25.42 12.46
C PRO B 304 0.64 26.88 12.89
N GLN B 305 0.33 27.77 11.96
CA GLN B 305 0.09 29.17 12.30
C GLN B 305 -1.18 29.33 13.13
N VAL B 306 -2.17 28.46 12.87
CA VAL B 306 -3.38 28.43 13.70
C VAL B 306 -3.10 27.77 15.05
N LYS B 307 -2.34 26.68 15.03
CA LYS B 307 -1.95 26.01 16.26
C LYS B 307 -1.16 26.95 17.16
N LYS B 308 -0.29 27.74 16.53
CA LYS B 308 0.51 28.73 17.24
C LYS B 308 -0.42 29.74 17.93
N LYS B 309 -1.40 30.27 17.19
CA LYS B 309 -2.33 31.28 17.71
C LYS B 309 -3.22 30.75 18.83
N LEU B 310 -3.52 29.45 18.79
CA LEU B 310 -4.36 28.82 19.82
C LEU B 310 -3.59 28.71 21.13
N TYR B 311 -2.36 28.22 21.04
CA TYR B 311 -1.43 28.23 22.17
C TYR B 311 -1.37 29.62 22.81
N GLU B 312 -1.14 30.64 21.97
CA GLU B 312 -1.10 32.03 22.43
C GLU B 312 -2.41 32.42 23.11
N GLU B 313 -3.53 32.06 22.50
CA GLU B 313 -4.83 32.42 23.05
C GLU B 313 -5.04 31.81 24.43
N ILE B 314 -4.81 30.50 24.58
CA ILE B 314 -5.14 29.82 25.83
C ILE B 314 -4.16 30.20 26.96
N ASP B 315 -2.93 30.53 26.57
CA ASP B 315 -1.95 31.02 27.53
C ASP B 315 -2.40 32.38 28.13
N GLN B 316 -2.95 33.25 27.30
CA GLN B 316 -3.34 34.59 27.75
C GLN B 316 -4.62 34.61 28.58
N ASN B 317 -5.58 33.74 28.26
CA ASN B 317 -6.91 33.78 28.90
C ASN B 317 -7.14 32.70 29.94
N VAL B 318 -6.22 31.76 30.07
CA VAL B 318 -6.36 30.73 31.09
C VAL B 318 -5.06 30.62 31.84
N GLY B 319 -3.96 30.57 31.10
CA GLY B 319 -2.65 30.38 31.70
C GLY B 319 -2.47 29.00 32.31
N PHE B 320 -1.80 28.97 33.46
CA PHE B 320 -1.37 27.71 34.06
C PHE B 320 -1.74 27.62 35.55
N SER B 321 -2.59 28.52 36.00
CA SER B 321 -2.97 28.58 37.40
C SER B 321 -4.06 27.56 37.69
N ARG B 322 -4.76 27.14 36.64
CA ARG B 322 -5.92 26.27 36.77
C ARG B 322 -6.13 25.55 35.46
N THR B 323 -6.91 24.48 35.50
CA THR B 323 -7.31 23.84 34.25
C THR B 323 -8.48 24.60 33.63
N PRO B 324 -8.70 24.43 32.31
CA PRO B 324 -9.80 25.11 31.60
C PRO B 324 -11.19 24.60 31.98
N THR B 325 -12.17 25.50 31.90
CA THR B 325 -13.57 25.18 32.22
C THR B 325 -14.48 25.57 31.06
N ILE B 326 -15.76 25.19 31.16
CA ILE B 326 -16.73 25.50 30.12
C ILE B 326 -16.96 27.00 29.97
N SER B 327 -16.79 27.72 31.06
CA SER B 327 -16.91 29.16 31.04
C SER B 327 -15.83 29.77 30.14
N ASP B 328 -14.76 29.01 29.89
CA ASP B 328 -13.66 29.54 29.08
C ASP B 328 -14.02 29.62 27.61
N ARG B 329 -15.20 29.14 27.24
CA ARG B 329 -15.67 29.25 25.87
C ARG B 329 -15.86 30.73 25.51
N ASN B 330 -16.28 31.50 26.51
CA ASN B 330 -16.49 32.93 26.35
C ASN B 330 -15.20 33.68 26.04
N ARG B 331 -14.07 32.99 26.21
CA ARG B 331 -12.76 33.60 26.10
C ARG B 331 -11.86 32.96 25.02
N LEU B 332 -11.91 31.64 24.88
CA LEU B 332 -11.08 30.97 23.87
C LEU B 332 -11.81 30.86 22.52
N LEU B 333 -11.95 31.99 21.84
CA LEU B 333 -12.87 32.08 20.70
C LEU B 333 -12.29 31.41 19.47
N LEU B 334 -10.99 31.58 19.27
CA LEU B 334 -10.33 30.97 18.12
C LEU B 334 -10.44 29.45 18.20
N LEU B 335 -10.56 28.92 19.42
CA LEU B 335 -10.68 27.48 19.62
C LEU B 335 -12.07 27.01 19.25
N GLU B 336 -13.10 27.74 19.66
CA GLU B 336 -14.47 27.36 19.32
C GLU B 336 -14.68 27.54 17.81
N ALA B 337 -14.03 28.55 17.25
CA ALA B 337 -14.13 28.82 15.81
C ALA B 337 -13.48 27.69 15.02
N THR B 338 -12.42 27.10 15.58
CA THR B 338 -11.70 26.00 14.93
C THR B 338 -12.57 24.74 14.91
N ILE B 339 -13.22 24.47 16.03
CA ILE B 339 -14.07 23.31 16.12
C ILE B 339 -15.24 23.42 15.14
N ARG B 340 -15.87 24.59 15.06
CA ARG B 340 -16.93 24.83 14.08
C ARG B 340 -16.45 24.59 12.65
N GLU B 341 -15.22 25.03 12.37
CA GLU B 341 -14.66 24.91 11.03
C GLU B 341 -14.35 23.48 10.67
N VAL B 342 -14.03 22.67 11.68
CA VAL B 342 -13.85 21.26 11.43
C VAL B 342 -15.20 20.64 11.08
N LEU B 343 -16.24 21.01 11.83
CA LEU B 343 -17.59 20.46 11.60
C LEU B 343 -18.16 20.89 10.25
N ARG B 344 -17.62 21.95 9.65
CA ARG B 344 -18.08 22.38 8.35
C ARG B 344 -17.40 21.58 7.26
N LEU B 345 -16.07 21.61 7.25
CA LEU B 345 -15.23 20.98 6.21
C LEU B 345 -15.35 19.47 6.19
N ARG B 346 -15.37 18.88 7.38
CA ARG B 346 -15.47 17.44 7.54
C ARG B 346 -16.61 17.14 8.49
N PRO B 347 -17.84 17.31 8.04
CA PRO B 347 -18.93 16.97 8.96
C PRO B 347 -18.93 15.48 9.26
N VAL B 348 -19.30 15.12 10.48
CA VAL B 348 -19.39 13.72 10.93
C VAL B 348 -20.32 12.89 10.04
N ALA B 349 -21.41 13.50 9.58
CA ALA B 349 -22.35 12.84 8.68
C ALA B 349 -22.64 13.75 7.50
N PRO B 350 -21.81 13.70 6.46
CA PRO B 350 -21.95 14.64 5.33
C PRO B 350 -23.25 14.46 4.57
N MET B 351 -23.99 13.41 4.86
CA MET B 351 -25.33 13.25 4.29
C MET B 351 -26.32 12.88 5.38
N LEU B 352 -26.03 13.34 6.59
CA LEU B 352 -26.83 13.04 7.76
C LEU B 352 -27.12 11.55 7.77
N ILE B 353 -28.30 11.17 8.24
CA ILE B 353 -28.80 9.82 8.11
C ILE B 353 -29.98 9.93 7.18
N PRO B 354 -30.14 8.99 6.25
CA PRO B 354 -31.28 9.08 5.34
C PRO B 354 -32.62 9.32 6.05
N HIS B 355 -33.44 10.16 5.40
CA HIS B 355 -34.80 10.42 5.80
C HIS B 355 -35.77 9.74 4.85
N LYS B 356 -37.02 9.60 5.30
CA LYS B 356 -38.08 9.03 4.51
C LYS B 356 -39.33 9.91 4.69
N ALA B 357 -40.13 10.05 3.64
CA ALA B 357 -41.41 10.76 3.73
C ALA B 357 -42.47 9.82 4.32
N ASN B 358 -43.05 10.22 5.45
CA ASN B 358 -44.14 9.46 6.08
C ASN B 358 -45.47 9.61 5.34
N VAL B 359 -45.62 10.74 4.66
CA VAL B 359 -46.85 11.07 3.95
C VAL B 359 -46.53 11.66 2.59
N ASP B 360 -47.52 11.69 1.70
CA ASP B 360 -47.39 12.47 0.47
C ASP B 360 -47.10 13.92 0.89
N SER B 361 -46.11 14.53 0.25
CA SER B 361 -45.69 15.89 0.60
C SER B 361 -44.94 16.49 -0.59
N SER B 362 -44.17 17.53 -0.33
CA SER B 362 -43.45 18.22 -1.40
C SER B 362 -42.21 18.84 -0.82
N ILE B 363 -41.31 19.25 -1.70
CA ILE B 363 -40.08 19.93 -1.34
C ILE B 363 -39.85 20.94 -2.44
N GLY B 364 -39.86 22.22 -2.10
CA GLY B 364 -39.72 23.25 -3.12
C GLY B 364 -40.82 23.11 -4.16
N GLU B 365 -42.00 22.70 -3.71
CA GLU B 365 -43.18 22.53 -4.55
C GLU B 365 -43.09 21.39 -5.59
N PHE B 366 -41.99 20.65 -5.56
CA PHE B 366 -41.91 19.40 -6.30
C PHE B 366 -42.61 18.33 -5.47
N ALA B 367 -43.35 17.45 -6.13
CA ALA B 367 -44.08 16.42 -5.42
C ALA B 367 -43.14 15.32 -4.90
N VAL B 368 -43.44 14.84 -3.69
CA VAL B 368 -42.68 13.76 -3.07
C VAL B 368 -43.65 12.78 -2.42
N ASP B 369 -43.75 11.61 -3.03
CA ASP B 369 -44.67 10.57 -2.57
C ASP B 369 -44.21 9.99 -1.25
N LYS B 370 -45.18 9.59 -0.44
CA LYS B 370 -44.92 8.87 0.80
C LYS B 370 -44.00 7.68 0.51
N GLY B 371 -43.06 7.43 1.42
CA GLY B 371 -42.18 6.29 1.32
C GLY B 371 -40.87 6.60 0.63
N THR B 372 -40.83 7.75 -0.04
CA THR B 372 -39.65 8.17 -0.76
C THR B 372 -38.47 8.44 0.19
N GLU B 373 -37.29 7.98 -0.18
CA GLU B 373 -36.11 8.29 0.61
C GLU B 373 -35.64 9.70 0.26
N VAL B 374 -35.25 10.46 1.28
CA VAL B 374 -34.78 11.84 1.07
C VAL B 374 -33.46 12.06 1.79
N ILE B 375 -32.49 12.62 1.08
CA ILE B 375 -31.14 12.75 1.59
C ILE B 375 -30.69 14.19 1.48
N ILE B 376 -30.16 14.66 2.60
CA ILE B 376 -29.69 16.02 2.69
C ILE B 376 -28.19 15.96 2.52
N ASN B 377 -27.72 16.51 1.41
CA ASN B 377 -26.31 16.55 1.14
C ASN B 377 -25.76 17.77 1.86
N LEU B 378 -25.50 17.57 3.15
CA LEU B 378 -24.89 18.59 4.00
C LEU B 378 -23.51 19.04 3.48
N TRP B 379 -22.80 18.13 2.81
CA TRP B 379 -21.53 18.49 2.19
C TRP B 379 -21.73 19.59 1.16
N ALA B 380 -22.79 19.47 0.37
CA ALA B 380 -23.15 20.54 -0.58
C ALA B 380 -23.36 21.86 0.17
N LEU B 381 -24.11 21.81 1.27
CA LEU B 381 -24.48 22.99 2.03
C LEU B 381 -23.27 23.68 2.63
N HIS B 382 -22.30 22.88 3.07
CA HIS B 382 -21.09 23.42 3.70
C HIS B 382 -20.04 23.86 2.70
N HIS B 383 -20.31 23.66 1.41
CA HIS B 383 -19.31 23.95 0.37
C HIS B 383 -19.91 24.76 -0.75
N ASN B 384 -21.15 25.20 -0.56
CA ASN B 384 -21.79 26.13 -1.47
C ASN B 384 -20.88 27.33 -1.70
N GLU B 385 -20.61 27.63 -2.96
CA GLU B 385 -19.66 28.68 -3.30
C GLU B 385 -20.24 30.05 -2.98
N LYS B 386 -21.56 30.15 -3.05
CA LYS B 386 -22.26 31.40 -2.81
C LYS B 386 -22.48 31.68 -1.33
N GLU B 387 -22.40 30.66 -0.50
CA GLU B 387 -22.63 30.82 0.94
C GLU B 387 -21.33 30.93 1.75
N TRP B 388 -20.22 30.53 1.13
CA TRP B 388 -18.94 30.45 1.83
C TRP B 388 -17.80 30.97 0.98
N HIS B 389 -16.85 31.63 1.63
CA HIS B 389 -15.67 32.12 0.93
C HIS B 389 -14.57 31.06 0.98
N GLN B 390 -14.08 30.65 -0.18
CA GLN B 390 -13.03 29.63 -0.27
C GLN B 390 -13.36 28.41 0.59
N PRO B 391 -14.50 27.77 0.30
CA PRO B 391 -15.06 26.73 1.16
C PRO B 391 -14.16 25.48 1.30
N ASP B 392 -13.24 25.30 0.37
CA ASP B 392 -12.33 24.15 0.40
C ASP B 392 -11.19 24.33 1.39
N GLN B 393 -11.07 25.54 1.94
CA GLN B 393 -9.97 25.92 2.85
C GLN B 393 -10.33 25.83 4.32
N PHE B 394 -9.33 25.50 5.12
CA PHE B 394 -9.43 25.52 6.57
C PHE B 394 -9.18 26.94 7.07
N MET B 395 -10.24 27.65 7.40
CA MET B 395 -10.16 29.06 7.81
C MET B 395 -11.05 29.30 9.03
N PRO B 396 -10.55 28.99 10.23
CA PRO B 396 -11.32 29.23 11.46
C PRO B 396 -11.73 30.69 11.62
N GLU B 397 -10.96 31.59 11.03
CA GLU B 397 -11.27 33.04 11.06
C GLU B 397 -12.58 33.41 10.38
N ARG B 398 -13.17 32.47 9.64
CA ARG B 398 -14.47 32.70 8.97
C ARG B 398 -15.60 32.75 10.01
N PHE B 399 -15.37 32.12 11.16
CA PHE B 399 -16.33 32.12 12.24
C PHE B 399 -16.05 33.23 13.29
N LEU B 400 -15.16 34.14 12.94
CA LEU B 400 -14.88 35.30 13.79
C LEU B 400 -15.08 36.58 12.98
N ASN B 401 -15.55 37.62 13.66
CA ASN B 401 -15.60 38.93 13.05
C ASN B 401 -14.16 39.33 12.81
N PRO B 402 -13.93 40.22 11.83
CA PRO B 402 -12.58 40.63 11.43
C PRO B 402 -11.59 40.89 12.59
N ALA B 403 -12.07 41.51 13.67
CA ALA B 403 -11.21 41.83 14.81
C ALA B 403 -10.91 40.59 15.66
N GLY B 404 -11.70 39.54 15.46
CA GLY B 404 -11.51 38.31 16.21
C GLY B 404 -11.82 38.48 17.68
N THR B 405 -12.88 39.24 17.97
CA THR B 405 -13.26 39.54 19.35
C THR B 405 -14.56 38.86 19.72
N GLN B 406 -15.30 38.44 18.69
CA GLN B 406 -16.49 37.63 18.91
C GLN B 406 -16.70 36.59 17.81
N LEU B 407 -17.50 35.57 18.13
CA LEU B 407 -17.92 34.58 17.15
C LEU B 407 -19.06 35.11 16.28
N ILE B 408 -19.11 34.65 15.03
CA ILE B 408 -20.17 35.02 14.10
C ILE B 408 -20.66 33.81 13.33
N SER B 409 -21.91 33.88 12.85
CA SER B 409 -22.47 32.85 11.98
C SER B 409 -22.49 33.34 10.54
N PRO B 410 -21.40 33.08 9.81
CA PRO B 410 -21.29 33.72 8.49
C PRO B 410 -22.27 33.16 7.45
N SER B 411 -22.97 32.08 7.76
CA SER B 411 -23.79 31.43 6.75
C SER B 411 -24.85 30.54 7.35
N VAL B 412 -26.05 30.63 6.80
CA VAL B 412 -27.17 29.81 7.23
C VAL B 412 -27.10 28.39 6.65
N SER B 413 -26.14 28.17 5.75
CA SER B 413 -25.96 26.88 5.08
C SER B 413 -25.02 25.98 5.94
N TYR B 414 -25.44 25.70 7.17
CA TYR B 414 -24.56 25.12 8.17
C TYR B 414 -25.35 24.36 9.26
N LEU B 415 -25.38 23.03 9.11
CA LEU B 415 -26.20 22.17 9.94
C LEU B 415 -25.48 20.88 10.32
N PRO B 416 -24.33 21.01 10.98
CA PRO B 416 -23.55 19.83 11.34
C PRO B 416 -24.33 18.86 12.22
N PHE B 417 -25.17 19.39 13.11
CA PHE B 417 -25.93 18.56 14.02
C PHE B 417 -27.36 18.32 13.51
N GLY B 418 -27.62 18.73 12.28
CA GLY B 418 -28.94 18.60 11.72
C GLY B 418 -29.93 19.59 12.32
N ALA B 419 -31.21 19.37 12.07
CA ALA B 419 -32.24 20.25 12.61
C ALA B 419 -33.61 19.57 12.54
N GLY B 420 -34.52 19.98 13.42
CA GLY B 420 -35.87 19.44 13.41
C GLY B 420 -35.99 18.13 14.16
N PRO B 421 -37.10 17.40 13.95
CA PRO B 421 -37.43 16.17 14.69
C PRO B 421 -36.29 15.15 14.85
N ARG B 422 -35.49 14.95 13.80
CA ARG B 422 -34.47 13.89 13.81
C ARG B 422 -33.08 14.43 14.15
N SER B 423 -33.04 15.64 14.72
CA SER B 423 -31.76 16.32 14.98
C SER B 423 -31.02 15.67 16.14
N CYS B 424 -29.73 15.98 16.23
CA CYS B 424 -28.90 15.43 17.28
C CYS B 424 -29.37 15.81 18.69
N ILE B 425 -29.40 14.82 19.58
CA ILE B 425 -29.80 15.03 20.97
C ILE B 425 -28.59 15.06 21.90
N GLY B 426 -27.39 14.97 21.34
CA GLY B 426 -26.17 14.92 22.12
C GLY B 426 -25.24 16.07 21.82
N GLU B 427 -25.77 17.09 21.15
CA GLU B 427 -24.96 18.21 20.66
C GLU B 427 -24.25 18.99 21.76
N ILE B 428 -24.88 19.12 22.92
CA ILE B 428 -24.25 19.85 24.01
C ILE B 428 -23.13 19.05 24.67
N LEU B 429 -23.34 17.74 24.81
CA LEU B 429 -22.28 16.88 25.31
C LEU B 429 -21.08 16.92 24.36
N ALA B 430 -21.37 16.86 23.07
CA ALA B 430 -20.34 16.84 22.05
C ALA B 430 -19.55 18.14 22.07
N ARG B 431 -20.25 19.26 22.02
CA ARG B 431 -19.61 20.55 22.01
C ARG B 431 -18.75 20.78 23.26
N GLN B 432 -19.20 20.26 24.40
CA GLN B 432 -18.43 20.40 25.64
C GLN B 432 -17.21 19.47 25.64
N GLU B 433 -17.45 18.19 25.36
CA GLU B 433 -16.38 17.21 25.23
C GLU B 433 -15.30 17.74 24.29
N LEU B 434 -15.72 18.26 23.14
CA LEU B 434 -14.78 18.71 22.13
C LEU B 434 -13.98 19.90 22.63
N PHE B 435 -14.67 20.87 23.23
CA PHE B 435 -14.00 22.09 23.64
C PHE B 435 -12.94 21.85 24.73
N LEU B 436 -13.30 21.04 25.71
CA LEU B 436 -12.42 20.78 26.85
C LEU B 436 -11.23 19.88 26.51
N ILE B 437 -11.44 18.85 25.68
CA ILE B 437 -10.35 17.96 25.27
C ILE B 437 -9.27 18.78 24.61
N MET B 438 -9.64 19.57 23.60
CA MET B 438 -8.66 20.39 22.90
C MET B 438 -8.00 21.42 23.84
N ALA B 439 -8.79 22.06 24.70
CA ALA B 439 -8.25 23.10 25.57
C ALA B 439 -7.25 22.50 26.53
N TRP B 440 -7.64 21.42 27.18
CA TRP B 440 -6.77 20.74 28.13
C TRP B 440 -5.52 20.21 27.43
N LEU B 441 -5.69 19.65 26.25
CA LEU B 441 -4.55 19.15 25.49
C LEU B 441 -3.61 20.30 25.13
N LEU B 442 -4.17 21.37 24.58
CA LEU B 442 -3.35 22.48 24.07
C LEU B 442 -2.62 23.20 25.21
N GLN B 443 -3.24 23.20 26.39
CA GLN B 443 -2.65 23.86 27.55
C GLN B 443 -1.36 23.17 27.99
N ARG B 444 -1.28 21.88 27.73
CA ARG B 444 -0.28 21.03 28.39
C ARG B 444 0.73 20.37 27.44
N PHE B 445 0.32 20.17 26.18
CA PHE B 445 1.13 19.41 25.23
C PHE B 445 1.46 20.20 23.97
N ASP B 446 2.73 20.13 23.58
CA ASP B 446 3.12 20.45 22.22
C ASP B 446 2.70 19.24 21.39
N LEU B 447 2.08 19.51 20.25
CA LEU B 447 1.57 18.46 19.38
C LEU B 447 2.12 18.73 18.00
N GLU B 448 3.06 17.88 17.59
CA GLU B 448 3.83 18.13 16.38
C GLU B 448 3.79 16.94 15.45
N VAL B 449 4.32 17.15 14.26
CA VAL B 449 4.46 16.10 13.25
C VAL B 449 5.50 15.12 13.76
N PRO B 450 5.29 13.81 13.54
CA PRO B 450 6.18 12.79 14.08
C PRO B 450 7.63 12.90 13.60
N ASP B 451 8.48 11.98 14.07
CA ASP B 451 9.87 11.93 13.63
C ASP B 451 9.92 11.76 12.10
N ASP B 452 9.13 10.83 11.56
CA ASP B 452 8.96 10.80 10.11
C ASP B 452 8.23 12.08 9.68
N GLY B 453 8.36 12.49 8.42
CA GLY B 453 7.72 13.75 8.04
C GLY B 453 6.24 13.61 7.74
N GLN B 454 5.63 12.49 8.15
CA GLN B 454 4.30 12.15 7.66
C GLN B 454 3.19 12.97 8.29
N LEU B 455 2.36 13.55 7.45
CA LEU B 455 1.14 14.22 7.87
C LEU B 455 -0.08 13.33 7.58
N PRO B 456 -1.17 13.51 8.34
CA PRO B 456 -2.39 12.76 8.06
C PRO B 456 -3.02 13.16 6.74
N SER B 457 -3.55 12.21 6.00
CA SER B 457 -4.36 12.54 4.86
C SER B 457 -5.71 13.10 5.32
N LEU B 458 -6.04 14.29 4.83
CA LEU B 458 -7.30 14.95 5.15
C LEU B 458 -8.40 14.61 4.15
N GLU B 459 -8.19 13.53 3.40
CA GLU B 459 -9.17 13.15 2.38
C GLU B 459 -10.35 12.50 3.07
N GLY B 460 -10.04 11.67 4.05
CA GLY B 460 -11.07 11.03 4.85
C GLY B 460 -11.58 9.72 4.26
N ILE B 461 -12.28 8.97 5.10
CA ILE B 461 -12.90 7.70 4.71
C ILE B 461 -14.41 7.74 5.01
N PRO B 462 -15.23 7.98 3.97
CA PRO B 462 -16.67 7.99 4.21
C PRO B 462 -17.22 6.63 4.65
N LYS B 463 -17.68 6.59 5.89
CA LYS B 463 -18.49 5.50 6.40
C LYS B 463 -19.79 6.13 6.93
N VAL B 464 -20.46 5.42 7.83
CA VAL B 464 -21.60 5.96 8.55
C VAL B 464 -21.13 7.17 9.34
N VAL B 465 -19.82 7.18 9.60
CA VAL B 465 -19.15 8.34 10.15
C VAL B 465 -18.05 8.68 9.14
N PHE B 466 -17.70 9.96 9.04
CA PHE B 466 -16.69 10.45 8.11
C PHE B 466 -15.36 10.40 8.85
N LEU B 467 -14.62 9.30 8.67
CA LEU B 467 -13.41 8.99 9.42
C LEU B 467 -12.16 9.56 8.80
N ILE B 468 -11.11 9.71 9.59
CA ILE B 468 -9.81 10.04 9.06
C ILE B 468 -8.87 8.86 9.27
N ASP B 469 -7.97 8.65 8.32
CA ASP B 469 -6.97 7.59 8.39
C ASP B 469 -6.18 7.72 9.69
N SER B 470 -5.85 6.59 10.30
CA SER B 470 -5.01 6.59 11.49
C SER B 470 -3.70 7.29 11.18
N PHE B 471 -3.17 8.00 12.16
CA PHE B 471 -1.94 8.75 12.03
C PHE B 471 -1.33 8.99 13.39
N LYS B 472 -0.12 9.54 13.39
CA LYS B 472 0.63 9.71 14.63
C LYS B 472 0.94 11.18 14.88
N VAL B 473 1.13 11.49 16.14
CA VAL B 473 1.46 12.83 16.55
C VAL B 473 2.57 12.73 17.59
N LYS B 474 3.58 13.57 17.46
CA LYS B 474 4.63 13.63 18.47
C LYS B 474 4.10 14.44 19.65
N ILE B 475 4.03 13.83 20.82
CA ILE B 475 3.51 14.53 21.98
C ILE B 475 4.63 14.89 22.97
N LYS B 476 4.72 16.18 23.30
CA LYS B 476 5.75 16.69 24.19
C LYS B 476 5.12 17.60 25.26
N VAL B 477 5.36 17.31 26.53
CA VAL B 477 4.89 18.19 27.59
C VAL B 477 5.43 19.59 27.40
N ARG B 478 4.54 20.59 27.44
CA ARG B 478 4.94 21.98 27.22
C ARG B 478 5.90 22.48 28.30
N GLN B 479 6.92 23.21 27.86
CA GLN B 479 7.88 23.78 28.79
C GLN B 479 7.17 24.72 29.76
N ALA B 480 6.26 25.54 29.22
CA ALA B 480 5.55 26.55 30.01
C ALA B 480 4.73 25.89 31.09
N TRP B 481 4.14 24.76 30.75
CA TRP B 481 3.28 24.05 31.69
C TRP B 481 4.14 23.46 32.81
N ARG B 482 5.30 22.93 32.46
CA ARG B 482 6.22 22.36 33.44
C ARG B 482 6.75 23.42 34.39
N GLU B 483 7.19 24.54 33.81
CA GLU B 483 7.73 25.67 34.56
C GLU B 483 6.77 26.11 35.65
N ALA B 484 5.48 26.13 35.32
CA ALA B 484 4.46 26.52 36.28
C ALA B 484 4.11 25.38 37.24
N GLN B 485 5.12 24.70 37.77
CA GLN B 485 4.92 23.65 38.77
C GLN B 485 5.95 23.79 39.89
N LEU C 13 -48.06 18.81 -8.33
CA LEU C 13 -48.14 19.35 -9.69
C LEU C 13 -46.80 19.29 -10.42
N LEU C 14 -45.74 19.78 -9.77
CA LEU C 14 -44.40 19.79 -10.35
C LEU C 14 -43.62 18.48 -10.13
N SER C 15 -42.79 18.11 -11.09
CA SER C 15 -42.08 16.83 -11.04
C SER C 15 -40.56 17.02 -11.00
N LEU C 16 -39.92 16.38 -10.03
CA LEU C 16 -38.47 16.41 -9.96
C LEU C 16 -37.88 15.82 -11.22
N PRO C 17 -36.65 16.27 -11.57
CA PRO C 17 -35.90 15.57 -12.60
C PRO C 17 -35.48 14.16 -12.14
N LEU C 18 -35.65 13.16 -13.00
CA LEU C 18 -35.17 11.80 -12.74
C LEU C 18 -33.88 11.58 -13.50
N VAL C 19 -32.79 11.56 -12.75
CA VAL C 19 -31.46 11.69 -13.31
C VAL C 19 -30.71 10.34 -13.37
N GLY C 20 -31.22 9.35 -12.65
CA GLY C 20 -30.71 7.99 -12.68
C GLY C 20 -31.83 6.97 -12.52
N SER C 21 -31.74 5.87 -13.26
CA SER C 21 -32.75 4.80 -13.17
C SER C 21 -32.17 3.42 -13.43
N LEU C 22 -32.38 2.50 -12.48
CA LEU C 22 -32.11 1.08 -12.69
C LEU C 22 -33.40 0.34 -12.42
N PRO C 23 -34.29 0.31 -13.43
CA PRO C 23 -35.63 -0.24 -13.22
C PRO C 23 -35.53 -1.69 -12.74
N PHE C 24 -34.53 -2.40 -13.22
CA PHE C 24 -34.46 -3.81 -12.90
C PHE C 24 -33.23 -4.17 -12.05
N LEU C 25 -33.36 -5.21 -11.23
CA LEU C 25 -32.23 -5.73 -10.46
C LEU C 25 -32.44 -7.22 -10.14
N PRO C 26 -31.34 -7.99 -10.17
CA PRO C 26 -31.44 -9.41 -9.82
C PRO C 26 -31.41 -9.61 -8.30
N ARG C 27 -32.15 -10.59 -7.81
CA ARG C 27 -32.00 -11.02 -6.41
C ARG C 27 -31.04 -12.20 -6.35
N HIS C 28 -29.74 -11.93 -6.52
CA HIS C 28 -28.74 -12.99 -6.68
C HIS C 28 -29.09 -13.86 -7.91
N GLY C 29 -28.35 -14.95 -8.11
CA GLY C 29 -28.48 -15.76 -9.31
C GLY C 29 -27.27 -15.47 -10.20
N HIS C 30 -26.85 -16.43 -11.01
CA HIS C 30 -25.66 -16.18 -11.80
C HIS C 30 -25.97 -15.09 -12.80
N MET C 31 -25.05 -14.15 -12.94
CA MET C 31 -25.25 -12.97 -13.76
C MET C 31 -25.51 -13.24 -15.26
N HIS C 32 -24.85 -14.24 -15.82
CA HIS C 32 -25.05 -14.56 -17.23
C HIS C 32 -26.49 -15.00 -17.47
N ASN C 33 -27.11 -15.53 -16.42
CA ASN C 33 -28.49 -16.00 -16.51
C ASN C 33 -29.48 -14.85 -16.30
N ASN C 34 -29.17 -13.97 -15.35
CA ASN C 34 -29.97 -12.76 -15.17
C ASN C 34 -29.99 -11.93 -16.46
N PHE C 35 -28.84 -11.80 -17.14
CA PHE C 35 -28.78 -11.06 -18.41
C PHE C 35 -29.62 -11.76 -19.45
N PHE C 36 -29.68 -13.08 -19.36
CA PHE C 36 -30.45 -13.88 -20.30
C PHE C 36 -31.95 -13.63 -20.12
N LYS C 37 -32.41 -13.66 -18.87
CA LYS C 37 -33.81 -13.42 -18.55
C LYS C 37 -34.28 -12.04 -19.00
N LEU C 38 -33.35 -11.10 -19.11
CA LEU C 38 -33.69 -9.74 -19.48
C LEU C 38 -33.97 -9.61 -20.97
N GLN C 39 -33.53 -10.59 -21.74
CA GLN C 39 -33.77 -10.57 -23.19
C GLN C 39 -35.26 -10.79 -23.48
N LYS C 40 -35.99 -11.32 -22.50
CA LYS C 40 -37.43 -11.50 -22.64
C LYS C 40 -38.15 -10.13 -22.63
N LYS C 41 -37.53 -9.13 -22.01
CA LYS C 41 -38.09 -7.77 -21.99
C LYS C 41 -37.43 -6.87 -23.02
N TYR C 42 -36.14 -7.07 -23.24
CA TYR C 42 -35.32 -6.07 -23.94
C TYR C 42 -34.74 -6.55 -25.26
N GLY C 43 -34.85 -7.84 -25.52
CA GLY C 43 -34.28 -8.40 -26.73
C GLY C 43 -32.83 -8.84 -26.57
N PRO C 44 -32.21 -9.22 -27.69
CA PRO C 44 -30.92 -9.91 -27.69
C PRO C 44 -29.74 -8.96 -27.59
N ILE C 45 -30.00 -7.66 -27.61
CA ILE C 45 -28.92 -6.67 -27.46
C ILE C 45 -29.49 -5.43 -26.76
N TYR C 46 -28.82 -5.02 -25.67
CA TYR C 46 -29.25 -3.84 -24.91
C TYR C 46 -28.06 -3.28 -24.15
N SER C 47 -28.26 -2.18 -23.44
CA SER C 47 -27.12 -1.48 -22.84
C SER C 47 -27.39 -0.92 -21.45
N VAL C 48 -26.30 -0.56 -20.79
CA VAL C 48 -26.35 0.11 -19.49
C VAL C 48 -25.31 1.21 -19.55
N ARG C 49 -25.64 2.32 -18.92
CA ARG C 49 -24.78 3.49 -18.90
C ARG C 49 -24.48 3.79 -17.43
N MET C 50 -23.20 4.01 -17.12
CA MET C 50 -22.82 4.46 -15.80
C MET C 50 -21.82 5.58 -15.92
N GLY C 51 -22.28 6.78 -15.59
CA GLY C 51 -21.53 7.98 -15.87
C GLY C 51 -21.20 7.95 -17.34
N THR C 52 -19.91 8.00 -17.62
CA THR C 52 -19.43 8.11 -18.99
C THR C 52 -19.36 6.72 -19.65
N LYS C 53 -19.19 5.69 -18.82
CA LYS C 53 -19.03 4.32 -19.31
C LYS C 53 -20.34 3.74 -19.86
N THR C 54 -20.22 2.90 -20.88
CA THR C 54 -21.36 2.21 -21.48
C THR C 54 -21.00 0.73 -21.75
N THR C 55 -21.91 -0.17 -21.37
CA THR C 55 -21.73 -1.60 -21.63
C THR C 55 -22.85 -2.13 -22.50
N VAL C 56 -22.50 -2.97 -23.46
CA VAL C 56 -23.48 -3.66 -24.30
C VAL C 56 -23.42 -5.16 -24.02
N ILE C 57 -24.59 -5.78 -23.89
CA ILE C 57 -24.66 -7.22 -23.72
C ILE C 57 -25.33 -7.82 -24.94
N VAL C 58 -24.73 -8.90 -25.46
CA VAL C 58 -25.20 -9.53 -26.68
C VAL C 58 -25.57 -10.99 -26.38
N GLY C 59 -26.75 -11.42 -26.82
CA GLY C 59 -27.31 -12.69 -26.39
C GLY C 59 -27.91 -13.52 -27.51
N HIS C 60 -27.51 -13.22 -28.73
CA HIS C 60 -27.96 -13.99 -29.89
C HIS C 60 -26.77 -14.21 -30.85
N HIS C 61 -26.66 -15.43 -31.38
CA HIS C 61 -25.46 -15.86 -32.12
C HIS C 61 -25.15 -14.99 -33.35
N GLN C 62 -26.18 -14.41 -33.96
CA GLN C 62 -25.95 -13.66 -35.18
C GLN C 62 -25.25 -12.35 -34.87
N LEU C 63 -25.71 -11.68 -33.81
CA LEU C 63 -25.11 -10.43 -33.41
C LEU C 63 -23.72 -10.69 -32.82
N ALA C 64 -23.60 -11.79 -32.08
CA ALA C 64 -22.34 -12.16 -31.43
C ALA C 64 -21.23 -12.43 -32.46
N LYS C 65 -21.61 -13.06 -33.57
CA LYS C 65 -20.64 -13.37 -34.60
C LYS C 65 -20.26 -12.10 -35.34
N GLU C 66 -21.10 -11.09 -35.28
CA GLU C 66 -20.79 -9.82 -35.90
C GLU C 66 -19.68 -9.14 -35.11
N VAL C 67 -19.81 -9.22 -33.78
CA VAL C 67 -18.80 -8.71 -32.85
C VAL C 67 -17.49 -9.47 -32.97
N LEU C 68 -17.56 -10.78 -32.99
CA LEU C 68 -16.34 -11.62 -32.90
C LEU C 68 -15.70 -11.86 -34.28
N ILE C 69 -16.52 -12.06 -35.30
CA ILE C 69 -16.00 -12.39 -36.62
C ILE C 69 -16.14 -11.24 -37.63
N LYS C 70 -17.36 -10.99 -38.08
CA LYS C 70 -17.58 -10.08 -39.20
C LYS C 70 -16.97 -8.69 -39.01
N LYS C 71 -16.99 -8.18 -37.78
CA LYS C 71 -16.32 -6.93 -37.42
C LYS C 71 -15.31 -7.15 -36.27
N GLY C 72 -14.74 -8.36 -36.21
CA GLY C 72 -13.85 -8.77 -35.14
C GLY C 72 -12.74 -7.79 -34.76
N LYS C 73 -12.23 -7.05 -35.73
CA LYS C 73 -11.17 -6.08 -35.47
C LYS C 73 -11.72 -4.80 -34.83
N ASP C 74 -12.94 -4.41 -35.22
CA ASP C 74 -13.59 -3.26 -34.59
C ASP C 74 -13.79 -3.46 -33.08
N PHE C 75 -13.94 -4.72 -32.64
CA PHE C 75 -14.30 -5.03 -31.27
C PHE C 75 -13.27 -5.89 -30.54
N SER C 76 -12.04 -5.86 -31.04
CA SER C 76 -10.97 -6.73 -30.50
C SER C 76 -10.30 -6.17 -29.25
N GLY C 77 -10.78 -5.03 -28.76
CA GLY C 77 -10.17 -4.38 -27.61
C GLY C 77 -10.65 -4.95 -26.29
N ARG C 78 -10.02 -4.57 -25.19
CA ARG C 78 -10.40 -5.02 -23.86
C ARG C 78 -10.67 -3.79 -22.98
N PRO C 79 -11.65 -3.88 -22.07
CA PRO C 79 -11.79 -2.77 -21.11
C PRO C 79 -10.74 -2.83 -20.00
N GLN C 80 -10.32 -1.67 -19.52
CA GLN C 80 -9.39 -1.60 -18.41
C GLN C 80 -10.18 -1.79 -17.13
N MET C 81 -9.76 -2.78 -16.35
CA MET C 81 -10.39 -3.08 -15.08
C MET C 81 -9.30 -3.09 -14.03
N ALA C 82 -9.57 -2.44 -12.90
CA ALA C 82 -8.63 -2.36 -11.82
C ALA C 82 -8.19 -3.76 -11.41
N THR C 83 -9.15 -4.68 -11.31
CA THR C 83 -8.86 -6.03 -10.85
C THR C 83 -7.94 -6.76 -11.82
N LEU C 84 -8.10 -6.48 -13.12
CA LEU C 84 -7.30 -7.11 -14.15
C LEU C 84 -5.92 -6.47 -14.28
N ASP C 85 -5.83 -5.19 -13.92
CA ASP C 85 -4.56 -4.47 -13.95
C ASP C 85 -3.53 -5.14 -13.06
N ILE C 86 -4.00 -5.67 -11.94
CA ILE C 86 -3.14 -6.37 -11.01
C ILE C 86 -2.69 -7.72 -11.58
N LEU C 87 -3.64 -8.51 -12.05
CA LEU C 87 -3.33 -9.84 -12.56
C LEU C 87 -2.45 -9.77 -13.81
N SER C 88 -2.66 -8.74 -14.63
CA SER C 88 -2.00 -8.65 -15.91
C SER C 88 -0.80 -7.70 -15.87
N ASN C 89 -0.40 -7.32 -14.65
CA ASN C 89 0.71 -6.39 -14.45
C ASN C 89 0.55 -5.12 -15.31
N ASN C 90 -0.64 -4.51 -15.24
CA ASN C 90 -1.04 -3.33 -16.02
C ASN C 90 -1.26 -3.58 -17.52
N ARG C 91 -2.08 -4.59 -17.81
CA ARG C 91 -2.55 -4.85 -19.18
C ARG C 91 -1.43 -5.39 -20.09
N LYS C 92 -0.49 -6.12 -19.51
CA LYS C 92 0.44 -6.93 -20.28
C LYS C 92 -0.14 -8.33 -20.48
N GLY C 93 0.64 -9.20 -21.12
CA GLY C 93 0.23 -10.56 -21.36
C GLY C 93 -0.57 -10.65 -22.65
N ILE C 94 -1.53 -11.56 -22.70
CA ILE C 94 -2.32 -11.79 -23.90
C ILE C 94 -3.82 -11.57 -23.65
N ALA C 95 -4.39 -12.34 -22.72
CA ALA C 95 -5.84 -12.37 -22.52
C ALA C 95 -6.46 -11.04 -22.06
N PHE C 96 -5.77 -10.31 -21.20
CA PHE C 96 -6.30 -9.08 -20.67
C PHE C 96 -5.59 -7.87 -21.23
N ALA C 97 -4.88 -8.04 -22.34
CA ALA C 97 -4.20 -6.93 -23.00
C ALA C 97 -5.08 -6.28 -24.06
N ASP C 98 -5.02 -4.95 -24.14
CA ASP C 98 -5.78 -4.26 -25.18
C ASP C 98 -5.20 -4.64 -26.54
N SER C 99 -5.99 -4.48 -27.61
CA SER C 99 -5.45 -4.69 -28.96
C SER C 99 -4.35 -3.66 -29.09
N GLY C 100 -3.33 -3.99 -29.86
CA GLY C 100 -2.13 -3.18 -29.86
C GLY C 100 -0.96 -4.08 -30.20
N ALA C 101 0.22 -3.48 -30.28
CA ALA C 101 1.40 -4.18 -30.77
C ALA C 101 1.84 -5.25 -29.79
N HIS C 102 1.84 -4.93 -28.51
CA HIS C 102 2.27 -5.87 -27.48
C HIS C 102 1.37 -7.12 -27.49
N TRP C 103 0.08 -6.96 -27.74
CA TRP C 103 -0.82 -8.11 -27.76
C TRP C 103 -0.69 -8.91 -29.05
N GLN C 104 -0.59 -8.21 -30.17
CA GLN C 104 -0.46 -8.86 -31.46
C GLN C 104 0.82 -9.69 -31.50
N LEU C 105 1.93 -9.10 -31.04
CA LEU C 105 3.22 -9.77 -31.06
C LEU C 105 3.17 -11.02 -30.21
N HIS C 106 2.75 -10.84 -28.96
CA HIS C 106 2.77 -11.92 -27.99
C HIS C 106 1.77 -13.00 -28.35
N ARG C 107 0.65 -12.63 -28.97
CA ARG C 107 -0.34 -13.62 -29.36
C ARG C 107 0.25 -14.47 -30.48
N ARG C 108 0.94 -13.81 -31.40
CA ARG C 108 1.59 -14.48 -32.52
C ARG C 108 2.61 -15.51 -32.01
N LEU C 109 3.40 -15.09 -31.03
CA LEU C 109 4.51 -15.90 -30.54
C LEU C 109 4.04 -17.13 -29.78
N ALA C 110 2.94 -17.01 -29.05
CA ALA C 110 2.45 -18.12 -28.25
C ALA C 110 1.85 -19.14 -29.20
N MET C 111 1.16 -18.64 -30.22
CA MET C 111 0.60 -19.49 -31.25
C MET C 111 1.71 -20.20 -31.98
N ALA C 112 2.81 -19.48 -32.25
CA ALA C 112 3.95 -20.06 -32.93
C ALA C 112 4.50 -21.25 -32.15
N THR C 113 4.73 -21.05 -30.86
CA THR C 113 5.27 -22.08 -30.00
C THR C 113 4.53 -23.40 -30.14
N PHE C 114 3.22 -23.36 -30.35
CA PHE C 114 2.48 -24.61 -30.40
C PHE C 114 2.87 -25.51 -31.57
N ALA C 115 3.42 -24.91 -32.62
CA ALA C 115 3.88 -25.67 -33.79
C ALA C 115 5.13 -26.50 -33.48
N LEU C 116 5.86 -26.12 -32.43
CA LEU C 116 7.03 -26.89 -31.99
C LEU C 116 6.66 -28.26 -31.43
N PHE C 117 5.35 -28.52 -31.34
CA PHE C 117 4.84 -29.75 -30.72
C PHE C 117 3.98 -30.53 -31.70
N LYS C 118 4.44 -30.54 -32.95
CA LYS C 118 3.75 -31.19 -34.06
C LYS C 118 4.65 -32.21 -34.75
N GLN C 122 8.80 -34.52 -29.57
CA GLN C 122 7.98 -33.71 -28.68
C GLN C 122 6.54 -33.55 -29.19
N LYS C 123 5.97 -34.64 -29.68
CA LYS C 123 4.58 -34.63 -30.11
C LYS C 123 3.71 -34.31 -28.90
N LEU C 124 2.71 -33.46 -29.10
CA LEU C 124 1.91 -32.99 -27.98
C LEU C 124 1.21 -34.16 -27.29
N GLU C 125 0.78 -35.13 -28.10
CA GLU C 125 0.10 -36.31 -27.61
C GLU C 125 0.93 -37.12 -26.61
N LYS C 126 2.21 -37.32 -26.93
CA LYS C 126 3.10 -38.09 -26.07
C LYS C 126 3.34 -37.39 -24.75
N ILE C 127 3.55 -36.08 -24.81
CA ILE C 127 3.66 -35.25 -23.62
C ILE C 127 2.45 -35.44 -22.71
N ILE C 128 1.25 -35.35 -23.30
CA ILE C 128 0.00 -35.47 -22.56
C ILE C 128 -0.20 -36.88 -22.01
N CYS C 129 0.04 -37.89 -22.83
CA CYS C 129 -0.13 -39.29 -22.41
C CYS C 129 0.84 -39.69 -21.29
N GLN C 130 2.05 -39.16 -21.34
CA GLN C 130 3.01 -39.45 -20.28
C GLN C 130 2.45 -38.99 -18.93
N GLU C 131 1.81 -37.82 -18.91
CA GLU C 131 1.30 -37.24 -17.66
C GLU C 131 0.02 -37.94 -17.23
N ILE C 132 -0.79 -38.36 -18.19
CA ILE C 132 -1.99 -39.10 -17.83
C ILE C 132 -1.61 -40.47 -17.27
N SER C 133 -0.51 -41.05 -17.77
CA SER C 133 -0.01 -42.33 -17.24
C SER C 133 0.36 -42.21 -15.76
N THR C 134 1.00 -41.10 -15.40
CA THR C 134 1.32 -40.81 -14.00
C THR C 134 0.03 -40.65 -13.19
N LEU C 135 -0.92 -39.91 -13.77
CA LEU C 135 -2.16 -39.60 -13.09
C LEU C 135 -2.93 -40.88 -12.76
N CYS C 136 -3.02 -41.76 -13.77
CA CYS C 136 -3.73 -43.03 -13.63
C CYS C 136 -3.08 -43.92 -12.55
N ASP C 137 -1.75 -44.01 -12.60
CA ASP C 137 -1.01 -44.80 -11.60
C ASP C 137 -1.25 -44.22 -10.20
N MET C 138 -1.39 -42.90 -10.12
CA MET C 138 -1.63 -42.20 -8.86
C MET C 138 -3.02 -42.45 -8.31
N LEU C 139 -4.02 -42.47 -9.20
CA LEU C 139 -5.39 -42.76 -8.79
C LEU C 139 -5.54 -44.23 -8.39
N ALA C 140 -4.81 -45.12 -9.06
CA ALA C 140 -4.90 -46.54 -8.78
C ALA C 140 -4.47 -46.87 -7.33
N THR C 141 -3.71 -45.97 -6.70
CA THR C 141 -3.30 -46.15 -5.31
C THR C 141 -4.44 -45.78 -4.37
N HIS C 142 -5.48 -45.17 -4.92
CA HIS C 142 -6.66 -44.82 -4.14
C HIS C 142 -7.79 -45.80 -4.38
N ASN C 143 -7.46 -46.93 -5.01
CA ASN C 143 -8.43 -47.99 -5.33
C ASN C 143 -9.40 -48.22 -4.19
N GLY C 144 -10.70 -48.04 -4.47
CA GLY C 144 -11.74 -48.32 -3.51
C GLY C 144 -12.13 -47.15 -2.62
N GLN C 145 -11.44 -46.02 -2.78
CA GLN C 145 -11.70 -44.85 -1.95
C GLN C 145 -12.60 -43.84 -2.63
N SER C 146 -13.25 -43.00 -1.81
CA SER C 146 -14.02 -41.87 -2.31
C SER C 146 -13.21 -40.59 -2.11
N ILE C 147 -12.69 -40.04 -3.20
CA ILE C 147 -11.77 -38.90 -3.13
C ILE C 147 -12.15 -37.78 -4.08
N ASP C 148 -11.51 -36.62 -3.91
CA ASP C 148 -11.60 -35.51 -4.85
C ASP C 148 -10.45 -35.68 -5.83
N ILE C 149 -10.77 -35.72 -7.12
CA ILE C 149 -9.76 -35.96 -8.15
C ILE C 149 -9.13 -34.68 -8.69
N SER C 150 -9.43 -33.54 -8.06
CA SER C 150 -8.93 -32.24 -8.52
C SER C 150 -7.40 -32.17 -8.59
N PHE C 151 -6.72 -32.45 -7.47
CA PHE C 151 -5.29 -32.21 -7.39
C PHE C 151 -4.48 -33.10 -8.34
N PRO C 152 -4.79 -34.40 -8.41
CA PRO C 152 -4.08 -35.25 -9.37
C PRO C 152 -4.27 -34.82 -10.83
N VAL C 153 -5.48 -34.43 -11.20
CA VAL C 153 -5.72 -33.90 -12.54
C VAL C 153 -4.95 -32.60 -12.73
N PHE C 154 -4.93 -31.78 -11.69
CA PHE C 154 -4.17 -30.53 -11.70
C PHE C 154 -2.67 -30.76 -11.98
N VAL C 155 -2.06 -31.70 -11.24
CA VAL C 155 -0.65 -32.04 -11.44
C VAL C 155 -0.38 -32.40 -12.89
N ALA C 156 -1.25 -33.23 -13.46
CA ALA C 156 -1.12 -33.67 -14.85
C ALA C 156 -1.07 -32.51 -15.84
N VAL C 157 -2.12 -31.68 -15.87
CA VAL C 157 -2.16 -30.56 -16.82
C VAL C 157 -1.11 -29.49 -16.52
N THR C 158 -0.81 -29.29 -15.23
CA THR C 158 0.28 -28.39 -14.84
C THR C 158 1.62 -28.83 -15.44
N ASN C 159 1.92 -30.13 -15.38
CA ASN C 159 3.15 -30.63 -15.98
C ASN C 159 3.16 -30.48 -17.49
N VAL C 160 2.02 -30.72 -18.13
CA VAL C 160 1.93 -30.54 -19.57
C VAL C 160 2.32 -29.11 -19.93
N ILE C 161 1.73 -28.14 -19.24
CA ILE C 161 1.92 -26.75 -19.62
C ILE C 161 3.33 -26.32 -19.21
N SER C 162 3.82 -26.87 -18.11
CA SER C 162 5.18 -26.57 -17.68
C SER C 162 6.20 -27.10 -18.69
N LEU C 163 5.92 -28.25 -19.30
CA LEU C 163 6.80 -28.78 -20.34
C LEU C 163 6.71 -27.93 -21.61
N ILE C 164 5.53 -27.42 -21.91
CA ILE C 164 5.36 -26.59 -23.09
C ILE C 164 6.05 -25.23 -22.90
N CYS C 165 6.01 -24.70 -21.68
CA CYS C 165 6.59 -23.39 -21.39
C CYS C 165 8.11 -23.44 -21.15
N PHE C 166 8.57 -24.46 -20.43
CA PHE C 166 9.94 -24.53 -19.95
C PHE C 166 10.69 -25.84 -20.23
N ASN C 167 10.02 -26.85 -20.75
CA ASN C 167 10.57 -28.22 -20.84
C ASN C 167 10.88 -28.84 -19.48
N THR C 168 10.08 -28.50 -18.47
CA THR C 168 10.21 -29.10 -17.14
C THR C 168 8.87 -29.61 -16.64
N SER C 169 8.94 -30.53 -15.68
CA SER C 169 7.74 -31.06 -15.04
C SER C 169 8.06 -31.33 -13.57
N TYR C 170 7.02 -31.52 -12.76
CA TYR C 170 7.16 -31.69 -11.31
C TYR C 170 6.92 -33.14 -10.92
N LYS C 171 7.81 -33.70 -10.10
CA LYS C 171 7.59 -35.04 -9.57
C LYS C 171 6.49 -34.96 -8.53
N ASN C 172 5.83 -36.09 -8.31
CA ASN C 172 4.77 -36.14 -7.31
C ASN C 172 5.39 -35.83 -5.96
N GLY C 173 4.77 -34.90 -5.23
CA GLY C 173 5.19 -34.56 -3.89
C GLY C 173 5.96 -33.25 -3.84
N ASP C 174 6.33 -32.72 -4.99
CA ASP C 174 6.97 -31.40 -5.03
C ASP C 174 5.98 -30.37 -4.46
N PRO C 175 6.40 -29.66 -3.39
CA PRO C 175 5.48 -28.67 -2.78
C PRO C 175 5.22 -27.44 -3.66
N GLU C 176 5.95 -27.30 -4.76
CA GLU C 176 5.73 -26.19 -5.66
C GLU C 176 4.35 -26.33 -6.35
N LEU C 177 3.89 -27.57 -6.49
CA LEU C 177 2.56 -27.84 -7.03
C LEU C 177 1.44 -27.29 -6.14
N ASN C 178 1.63 -27.33 -4.82
CA ASN C 178 0.64 -26.79 -3.91
C ASN C 178 0.64 -25.27 -3.93
N VAL C 179 1.84 -24.71 -4.12
CA VAL C 179 2.00 -23.27 -4.22
C VAL C 179 1.16 -22.83 -5.41
N ILE C 180 1.36 -23.48 -6.55
CA ILE C 180 0.71 -23.06 -7.78
C ILE C 180 -0.78 -23.20 -7.63
N GLN C 181 -1.19 -24.28 -6.98
CA GLN C 181 -2.60 -24.56 -6.81
C GLN C 181 -3.26 -23.50 -5.92
N ASN C 182 -2.55 -23.14 -4.84
CA ASN C 182 -3.10 -22.19 -3.87
C ASN C 182 -3.27 -20.77 -4.46
N TYR C 183 -2.31 -20.34 -5.25
CA TYR C 183 -2.39 -19.00 -5.79
C TYR C 183 -3.32 -18.90 -6.99
N ASN C 184 -3.45 -19.96 -7.76
CA ASN C 184 -4.45 -19.97 -8.83
C ASN C 184 -5.84 -19.87 -8.22
N GLU C 185 -6.05 -20.62 -7.16
CA GLU C 185 -7.33 -20.67 -6.47
C GLU C 185 -7.64 -19.31 -5.91
N GLY C 186 -6.63 -18.71 -5.27
CA GLY C 186 -6.76 -17.40 -4.66
C GLY C 186 -6.99 -16.29 -5.67
N ILE C 187 -6.29 -16.34 -6.79
CA ILE C 187 -6.48 -15.35 -7.84
C ILE C 187 -7.90 -15.41 -8.38
N ILE C 188 -8.34 -16.61 -8.74
CA ILE C 188 -9.68 -16.77 -9.28
C ILE C 188 -10.73 -16.30 -8.28
N ASP C 189 -10.52 -16.62 -7.01
CA ASP C 189 -11.53 -16.33 -6.02
C ASP C 189 -11.72 -14.83 -5.81
N ASN C 190 -10.62 -14.09 -5.81
CA ASN C 190 -10.64 -12.67 -5.46
C ASN C 190 -10.62 -11.72 -6.65
N LEU C 191 -10.52 -12.24 -7.86
CA LEU C 191 -10.49 -11.37 -9.03
C LEU C 191 -11.89 -10.78 -9.30
N SER C 192 -12.92 -11.56 -9.01
CA SER C 192 -14.30 -11.16 -9.24
C SER C 192 -15.25 -12.15 -8.58
N LYS C 193 -16.45 -11.67 -8.26
CA LYS C 193 -17.47 -12.51 -7.64
C LYS C 193 -18.47 -13.01 -8.69
N ASP C 194 -18.11 -12.90 -9.96
CA ASP C 194 -18.97 -13.38 -11.05
C ASP C 194 -18.16 -13.23 -12.33
N SER C 195 -18.83 -13.37 -13.48
CA SER C 195 -18.12 -13.18 -14.75
C SER C 195 -17.63 -11.74 -14.84
N LEU C 196 -16.54 -11.52 -15.56
CA LEU C 196 -15.93 -10.19 -15.63
C LEU C 196 -16.79 -9.21 -16.40
N VAL C 197 -17.04 -8.06 -15.77
CA VAL C 197 -17.76 -6.95 -16.37
C VAL C 197 -17.14 -5.69 -15.77
N ASP C 198 -16.88 -4.66 -16.57
CA ASP C 198 -16.27 -3.44 -16.03
C ASP C 198 -17.33 -2.52 -15.37
N LEU C 199 -18.61 -2.88 -15.46
CA LEU C 199 -19.65 -2.15 -14.74
C LEU C 199 -19.47 -2.28 -13.24
N VAL C 200 -19.20 -3.50 -12.79
CA VAL C 200 -19.02 -3.73 -11.37
C VAL C 200 -17.59 -3.33 -11.03
N PRO C 201 -17.41 -2.43 -10.04
CA PRO C 201 -16.07 -2.16 -9.49
C PRO C 201 -15.68 -3.24 -8.48
N TRP C 202 -15.17 -4.37 -8.98
CA TRP C 202 -15.00 -5.58 -8.18
C TRP C 202 -14.27 -5.42 -6.85
N LEU C 203 -13.25 -4.58 -6.83
CA LEU C 203 -12.41 -4.45 -5.65
C LEU C 203 -13.03 -3.59 -4.55
N LYS C 204 -14.06 -2.82 -4.91
CA LYS C 204 -14.55 -1.75 -4.05
C LYS C 204 -15.99 -1.94 -3.57
N ILE C 205 -16.62 -3.05 -3.93
CA ILE C 205 -18.05 -3.21 -3.60
C ILE C 205 -18.32 -3.66 -2.16
N PHE C 206 -17.43 -4.49 -1.59
CA PHE C 206 -17.58 -4.99 -0.22
C PHE C 206 -16.34 -4.70 0.62
N PRO C 207 -16.53 -4.48 1.92
CA PRO C 207 -15.41 -4.32 2.85
C PRO C 207 -14.83 -5.67 3.27
N ASN C 208 -14.06 -6.28 2.37
CA ASN C 208 -13.66 -7.68 2.52
C ASN C 208 -12.21 -8.01 2.12
N LYS C 209 -11.37 -6.99 1.94
CA LYS C 209 -9.94 -7.19 1.68
C LYS C 209 -9.66 -7.90 0.34
N THR C 210 -10.59 -7.80 -0.60
CA THR C 210 -10.44 -8.41 -1.91
C THR C 210 -9.17 -7.94 -2.61
N LEU C 211 -8.88 -6.65 -2.53
CA LEU C 211 -7.69 -6.08 -3.17
C LEU C 211 -6.39 -6.64 -2.59
N GLU C 212 -6.33 -6.71 -1.27
CA GLU C 212 -5.15 -7.19 -0.57
C GLU C 212 -4.94 -8.66 -0.91
N LYS C 213 -5.99 -9.46 -0.74
CA LYS C 213 -5.88 -10.88 -0.98
C LYS C 213 -5.45 -11.15 -2.43
N LEU C 214 -6.02 -10.40 -3.37
CA LEU C 214 -5.68 -10.57 -4.77
C LEU C 214 -4.18 -10.32 -4.96
N LYS C 215 -3.71 -9.17 -4.47
CA LYS C 215 -2.30 -8.78 -4.61
C LYS C 215 -1.34 -9.79 -3.99
N SER C 216 -1.75 -10.41 -2.88
CA SER C 216 -0.89 -11.34 -2.20
C SER C 216 -0.61 -12.58 -3.07
N HIS C 217 -1.64 -13.08 -3.73
CA HIS C 217 -1.53 -14.27 -4.56
C HIS C 217 -0.78 -13.98 -5.86
N VAL C 218 -1.03 -12.81 -6.42
CA VAL C 218 -0.35 -12.38 -7.64
C VAL C 218 1.14 -12.16 -7.34
N LYS C 219 1.45 -11.79 -6.09
CA LYS C 219 2.83 -11.55 -5.73
C LYS C 219 3.59 -12.88 -5.69
N ILE C 220 2.97 -13.89 -5.10
CA ILE C 220 3.57 -15.21 -5.00
C ILE C 220 3.78 -15.77 -6.40
N ARG C 221 2.76 -15.62 -7.24
CA ARG C 221 2.83 -16.08 -8.61
C ARG C 221 3.98 -15.40 -9.36
N ASN C 222 4.01 -14.06 -9.36
CA ASN C 222 5.05 -13.31 -10.06
C ASN C 222 6.45 -13.57 -9.51
N ASP C 223 6.54 -13.79 -8.20
CA ASP C 223 7.80 -14.08 -7.56
C ASP C 223 8.39 -15.42 -8.05
N LEU C 224 7.50 -16.37 -8.34
CA LEU C 224 7.93 -17.69 -8.80
C LEU C 224 8.37 -17.67 -10.26
N LEU C 225 7.60 -16.98 -11.10
CA LEU C 225 7.93 -16.87 -12.53
C LEU C 225 9.21 -16.08 -12.69
N ASN C 226 9.46 -15.20 -11.73
CA ASN C 226 10.69 -14.43 -11.69
C ASN C 226 11.88 -15.33 -11.39
N LYS C 227 11.71 -16.20 -10.39
CA LYS C 227 12.76 -17.14 -10.03
C LYS C 227 13.06 -18.09 -11.21
N ILE C 228 12.01 -18.58 -11.86
CA ILE C 228 12.16 -19.49 -13.00
C ILE C 228 12.84 -18.80 -14.17
N LEU C 229 12.46 -17.56 -14.43
CA LEU C 229 12.98 -16.84 -15.60
C LEU C 229 14.44 -16.51 -15.40
N GLU C 230 14.81 -16.07 -14.20
CA GLU C 230 16.17 -15.63 -13.96
C GLU C 230 17.11 -16.80 -14.08
N ASN C 231 16.75 -17.89 -13.42
CA ASN C 231 17.51 -19.12 -13.50
C ASN C 231 17.63 -19.64 -14.94
N TYR C 232 16.63 -19.34 -15.75
CA TYR C 232 16.58 -19.85 -17.10
C TYR C 232 17.53 -19.09 -18.03
N LYS C 233 17.84 -17.84 -17.70
CA LYS C 233 18.69 -17.00 -18.54
C LYS C 233 20.03 -17.67 -18.81
N GLU C 234 20.54 -18.41 -17.83
CA GLU C 234 21.81 -19.13 -17.97
C GLU C 234 21.65 -20.42 -18.80
N LYS C 235 20.41 -20.90 -18.92
CA LYS C 235 20.11 -22.14 -19.64
C LYS C 235 19.77 -21.90 -21.12
N PHE C 236 19.35 -20.69 -21.45
CA PHE C 236 18.89 -20.39 -22.80
C PHE C 236 19.99 -20.44 -23.85
N ARG C 237 19.66 -21.02 -25.00
CA ARG C 237 20.55 -21.10 -26.13
C ARG C 237 19.76 -21.03 -27.44
N SER C 238 20.20 -20.16 -28.35
CA SER C 238 19.42 -19.82 -29.53
C SER C 238 19.40 -20.93 -30.57
N ASP C 239 20.29 -21.91 -30.40
CA ASP C 239 20.36 -23.04 -31.31
C ASP C 239 19.34 -24.12 -30.96
N SER C 240 18.77 -24.01 -29.76
CA SER C 240 17.77 -24.97 -29.27
C SER C 240 16.50 -24.28 -28.77
N ILE C 241 15.51 -24.16 -29.65
CA ILE C 241 14.23 -23.53 -29.32
C ILE C 241 13.11 -24.58 -29.27
N THR C 242 12.71 -24.95 -28.05
CA THR C 242 11.85 -26.11 -27.83
C THR C 242 10.62 -25.80 -26.96
N ASN C 243 10.49 -24.55 -26.53
CA ASN C 243 9.40 -24.18 -25.65
C ASN C 243 9.04 -22.72 -25.82
N MET C 244 8.06 -22.26 -25.04
CA MET C 244 7.53 -20.93 -25.23
C MET C 244 8.48 -19.88 -24.71
N LEU C 245 9.14 -20.16 -23.59
CA LEU C 245 10.05 -19.17 -23.05
C LEU C 245 11.19 -18.94 -24.04
N ASP C 246 11.68 -20.02 -24.67
CA ASP C 246 12.74 -19.90 -25.67
C ASP C 246 12.24 -19.03 -26.83
N THR C 247 10.98 -19.24 -27.21
CA THR C 247 10.41 -18.53 -28.35
C THR C 247 10.37 -17.04 -28.07
N LEU C 248 10.02 -16.68 -26.83
CA LEU C 248 9.97 -15.29 -26.38
C LEU C 248 11.36 -14.65 -26.21
N MET C 249 12.30 -15.41 -25.63
CA MET C 249 13.67 -14.94 -25.45
C MET C 249 14.40 -14.74 -26.78
N GLN C 250 14.20 -15.67 -27.71
CA GLN C 250 14.74 -15.50 -29.05
C GLN C 250 14.17 -14.28 -29.76
N ALA C 251 12.89 -14.03 -29.55
CA ALA C 251 12.22 -12.88 -30.15
C ALA C 251 12.88 -11.58 -29.65
N LYS C 252 13.11 -11.51 -28.34
CA LYS C 252 13.78 -10.35 -27.74
C LYS C 252 15.19 -10.21 -28.28
N MET C 253 15.85 -11.34 -28.52
CA MET C 253 17.22 -11.36 -29.01
C MET C 253 17.33 -10.83 -30.44
N ASN C 254 16.37 -11.20 -31.30
CA ASN C 254 16.39 -10.78 -32.69
C ASN C 254 15.82 -9.38 -32.93
N SER C 255 15.23 -8.80 -31.90
CA SER C 255 14.74 -7.43 -31.98
C SER C 255 15.91 -6.52 -31.67
N ASP C 256 16.72 -6.94 -30.69
CA ASP C 256 17.85 -6.15 -30.22
C ASP C 256 18.92 -6.01 -31.31
N ASN C 257 19.10 -7.06 -32.11
CA ASN C 257 20.06 -7.06 -33.23
C ASN C 257 19.72 -6.00 -34.28
N GLY C 258 20.70 -5.66 -35.13
CA GLY C 258 20.56 -4.59 -36.09
C GLY C 258 20.75 -5.04 -37.52
N PRO C 262 12.44 -5.14 -36.52
CA PRO C 262 13.28 -5.75 -35.48
C PRO C 262 13.34 -4.90 -34.19
N ASP C 263 14.02 -3.75 -34.23
CA ASP C 263 14.24 -2.91 -33.03
C ASP C 263 12.93 -2.23 -32.59
N GLN C 264 11.83 -2.58 -33.24
CA GLN C 264 10.49 -2.09 -32.90
C GLN C 264 9.92 -2.86 -31.70
N ASP C 265 10.31 -4.12 -31.59
CA ASP C 265 9.74 -5.04 -30.61
C ASP C 265 10.54 -5.11 -29.33
N SER C 266 11.63 -4.36 -29.23
CA SER C 266 12.49 -4.45 -28.05
C SER C 266 11.73 -4.08 -26.77
N GLU C 267 11.07 -2.93 -26.79
CA GLU C 267 10.36 -2.46 -25.60
C GLU C 267 9.14 -3.35 -25.29
N LEU C 268 8.66 -4.07 -26.30
CA LEU C 268 7.49 -4.94 -26.15
C LEU C 268 7.86 -6.30 -25.59
N LEU C 269 9.15 -6.60 -25.53
CA LEU C 269 9.60 -7.93 -25.11
C LEU C 269 10.43 -7.85 -23.83
N SER C 270 10.07 -6.92 -22.96
CA SER C 270 10.73 -6.81 -21.66
C SER C 270 10.43 -8.07 -20.86
N ASP C 271 11.11 -8.24 -19.73
CA ASP C 271 10.92 -9.42 -18.90
C ASP C 271 9.51 -9.52 -18.33
N ASN C 272 8.87 -8.37 -18.08
CA ASN C 272 7.52 -8.35 -17.51
C ASN C 272 6.46 -8.69 -18.54
N HIS C 273 6.69 -8.30 -19.79
CA HIS C 273 5.83 -8.72 -20.86
C HIS C 273 5.88 -10.25 -20.98
N ILE C 274 7.10 -10.78 -21.03
CA ILE C 274 7.35 -12.21 -21.18
C ILE C 274 6.72 -12.95 -20.02
N LEU C 275 6.97 -12.44 -18.83
CA LEU C 275 6.49 -13.08 -17.61
C LEU C 275 4.95 -13.12 -17.52
N THR C 276 4.28 -12.05 -17.97
CA THR C 276 2.83 -11.96 -17.88
C THR C 276 2.19 -12.89 -18.91
N THR C 277 2.80 -12.95 -20.07
CA THR C 277 2.38 -13.86 -21.13
C THR C 277 2.46 -15.31 -20.66
N ILE C 278 3.59 -15.72 -20.08
CA ILE C 278 3.76 -17.09 -19.60
C ILE C 278 2.68 -17.37 -18.57
N GLY C 279 2.49 -16.42 -17.67
CA GLY C 279 1.50 -16.52 -16.61
C GLY C 279 0.07 -16.68 -17.12
N ASP C 280 -0.26 -16.00 -18.22
CA ASP C 280 -1.56 -16.20 -18.83
C ASP C 280 -1.69 -17.63 -19.34
N ILE C 281 -0.69 -18.07 -20.10
CA ILE C 281 -0.65 -19.44 -20.67
C ILE C 281 -0.67 -20.51 -19.59
N PHE C 282 0.11 -20.30 -18.54
CA PHE C 282 0.23 -21.27 -17.46
C PHE C 282 -1.10 -21.35 -16.73
N GLY C 283 -1.70 -20.19 -16.48
CA GLY C 283 -2.97 -20.13 -15.77
C GLY C 283 -4.08 -20.78 -16.57
N ALA C 284 -4.24 -20.36 -17.81
CA ALA C 284 -5.27 -20.92 -18.68
C ALA C 284 -5.07 -22.42 -18.90
N GLY C 285 -3.84 -22.82 -19.24
CA GLY C 285 -3.52 -24.21 -19.49
C GLY C 285 -3.80 -25.17 -18.34
N VAL C 286 -4.09 -24.64 -17.16
CA VAL C 286 -4.28 -25.48 -15.99
C VAL C 286 -5.68 -25.37 -15.39
N GLU C 287 -6.25 -24.17 -15.38
CA GLU C 287 -7.53 -23.96 -14.70
C GLU C 287 -8.74 -24.32 -15.57
N THR C 288 -8.62 -24.17 -16.88
CA THR C 288 -9.73 -24.47 -17.78
C THR C 288 -9.96 -25.98 -17.90
N THR C 289 -8.93 -26.69 -18.31
CA THR C 289 -9.02 -28.13 -18.48
C THR C 289 -9.33 -28.88 -17.17
N THR C 290 -8.64 -28.54 -16.09
CA THR C 290 -8.96 -29.11 -14.79
C THR C 290 -10.44 -28.95 -14.50
N SER C 291 -10.98 -27.78 -14.80
CA SER C 291 -12.37 -27.49 -14.47
C SER C 291 -13.36 -28.28 -15.34
N VAL C 292 -13.09 -28.35 -16.64
CA VAL C 292 -13.96 -29.09 -17.54
C VAL C 292 -13.97 -30.59 -17.22
N VAL C 293 -12.83 -31.15 -16.84
CA VAL C 293 -12.76 -32.55 -16.45
C VAL C 293 -13.66 -32.82 -15.25
N LYS C 294 -13.55 -31.97 -14.23
CA LYS C 294 -14.38 -32.09 -13.03
C LYS C 294 -15.87 -32.03 -13.38
N TRP C 295 -16.22 -31.09 -14.27
CA TRP C 295 -17.61 -30.93 -14.71
C TRP C 295 -18.10 -32.19 -15.41
N THR C 296 -17.24 -32.77 -16.23
CA THR C 296 -17.63 -33.94 -17.01
C THR C 296 -17.91 -35.13 -16.08
N LEU C 297 -17.03 -35.33 -15.10
CA LEU C 297 -17.23 -36.41 -14.16
C LEU C 297 -18.52 -36.19 -13.41
N ALA C 298 -18.77 -34.94 -13.04
CA ALA C 298 -19.97 -34.58 -12.28
C ALA C 298 -21.21 -34.92 -13.10
N PHE C 299 -21.24 -34.50 -14.36
CA PHE C 299 -22.35 -34.82 -15.25
C PHE C 299 -22.50 -36.32 -15.51
N LEU C 300 -21.40 -37.04 -15.57
CA LEU C 300 -21.47 -38.49 -15.78
C LEU C 300 -22.00 -39.21 -14.53
N LEU C 301 -21.65 -38.70 -13.35
CA LEU C 301 -22.22 -39.21 -12.11
C LEU C 301 -23.72 -38.98 -12.01
N HIS C 302 -24.24 -38.00 -12.75
CA HIS C 302 -25.67 -37.69 -12.79
C HIS C 302 -26.35 -38.36 -13.98
N ASN C 303 -25.59 -39.13 -14.75
CA ASN C 303 -26.14 -39.78 -15.94
C ASN C 303 -25.48 -41.13 -16.18
N PRO C 304 -25.84 -42.14 -15.38
CA PRO C 304 -25.24 -43.48 -15.46
C PRO C 304 -25.39 -44.13 -16.83
N GLN C 305 -26.48 -43.81 -17.53
CA GLN C 305 -26.76 -44.43 -18.83
C GLN C 305 -25.75 -43.97 -19.86
N VAL C 306 -25.50 -42.65 -19.89
CA VAL C 306 -24.50 -42.09 -20.79
C VAL C 306 -23.15 -42.70 -20.46
N LYS C 307 -22.84 -42.77 -19.17
CA LYS C 307 -21.59 -43.34 -18.68
C LYS C 307 -21.42 -44.78 -19.14
N LYS C 308 -22.50 -45.56 -19.05
CA LYS C 308 -22.45 -46.94 -19.47
C LYS C 308 -22.14 -47.03 -20.95
N LYS C 309 -22.73 -46.15 -21.75
CA LYS C 309 -22.45 -46.19 -23.19
C LYS C 309 -21.00 -45.82 -23.46
N LEU C 310 -20.42 -44.97 -22.60
CA LEU C 310 -19.04 -44.56 -22.81
C LEU C 310 -18.08 -45.72 -22.57
N TYR C 311 -18.27 -46.42 -21.46
CA TYR C 311 -17.49 -47.64 -21.18
C TYR C 311 -17.61 -48.65 -22.31
N GLU C 312 -18.84 -48.88 -22.78
CA GLU C 312 -19.07 -49.80 -23.89
C GLU C 312 -18.34 -49.37 -25.15
N GLU C 313 -18.33 -48.06 -25.41
CA GLU C 313 -17.73 -47.53 -26.64
C GLU C 313 -16.22 -47.72 -26.64
N ILE C 314 -15.58 -47.32 -25.56
CA ILE C 314 -14.13 -47.42 -25.50
C ILE C 314 -13.69 -48.89 -25.50
N ASP C 315 -14.39 -49.75 -24.75
CA ASP C 315 -14.06 -51.17 -24.74
C ASP C 315 -14.14 -51.75 -26.15
N GLN C 316 -15.14 -51.29 -26.90
CA GLN C 316 -15.39 -51.80 -28.25
C GLN C 316 -14.42 -51.27 -29.32
N ASN C 317 -13.96 -50.04 -29.15
CA ASN C 317 -13.18 -49.37 -30.19
C ASN C 317 -11.69 -49.26 -29.88
N VAL C 318 -11.32 -49.52 -28.64
CA VAL C 318 -9.94 -49.42 -28.18
C VAL C 318 -9.52 -50.73 -27.52
N GLY C 319 -10.38 -51.28 -26.67
CA GLY C 319 -10.04 -52.47 -25.93
C GLY C 319 -8.93 -52.25 -24.92
N PHE C 320 -8.32 -53.33 -24.45
CA PHE C 320 -7.32 -53.24 -23.39
C PHE C 320 -5.90 -53.63 -23.83
N SER C 321 -5.72 -53.80 -25.14
CA SER C 321 -4.40 -54.12 -25.71
C SER C 321 -3.48 -52.91 -25.72
N ARG C 322 -4.06 -51.74 -25.54
CA ARG C 322 -3.33 -50.49 -25.61
C ARG C 322 -4.09 -49.36 -24.94
N THR C 323 -3.36 -48.30 -24.63
CA THR C 323 -3.96 -47.07 -24.11
C THR C 323 -4.53 -46.26 -25.29
N PRO C 324 -5.46 -45.32 -25.00
CA PRO C 324 -6.04 -44.50 -26.08
C PRO C 324 -5.07 -43.50 -26.70
N THR C 325 -5.33 -43.17 -27.96
CA THR C 325 -4.58 -42.15 -28.69
C THR C 325 -5.54 -41.09 -29.28
N ILE C 326 -4.98 -39.99 -29.75
CA ILE C 326 -5.78 -38.91 -30.29
C ILE C 326 -6.55 -39.40 -31.50
N SER C 327 -5.97 -40.36 -32.19
CA SER C 327 -6.60 -40.94 -33.36
C SER C 327 -7.93 -41.59 -32.95
N ASP C 328 -8.09 -41.92 -31.67
CA ASP C 328 -9.30 -42.60 -31.24
C ASP C 328 -10.49 -41.67 -31.17
N ARG C 329 -10.25 -40.40 -31.48
CA ARG C 329 -11.33 -39.43 -31.59
C ARG C 329 -12.20 -39.78 -32.78
N ASN C 330 -11.58 -40.32 -33.81
CA ASN C 330 -12.31 -40.78 -34.99
C ASN C 330 -13.24 -41.97 -34.69
N ARG C 331 -13.16 -42.51 -33.48
CA ARG C 331 -13.90 -43.72 -33.13
C ARG C 331 -14.73 -43.56 -31.86
N LEU C 332 -14.23 -42.86 -30.86
CA LEU C 332 -14.97 -42.68 -29.62
C LEU C 332 -15.86 -41.43 -29.68
N LEU C 333 -16.90 -41.50 -30.51
CA LEU C 333 -17.70 -40.33 -30.85
C LEU C 333 -18.57 -39.85 -29.70
N LEU C 334 -19.10 -40.78 -28.91
CA LEU C 334 -19.99 -40.39 -27.84
C LEU C 334 -19.19 -39.62 -26.79
N LEU C 335 -17.92 -39.96 -26.65
CA LEU C 335 -17.06 -39.24 -25.71
C LEU C 335 -16.79 -37.81 -26.20
N GLU C 336 -16.52 -37.68 -27.49
CA GLU C 336 -16.32 -36.37 -28.09
C GLU C 336 -17.58 -35.54 -27.99
N ALA C 337 -18.73 -36.19 -28.13
CA ALA C 337 -20.03 -35.53 -28.02
C ALA C 337 -20.32 -35.16 -26.55
N THR C 338 -19.87 -36.01 -25.62
CA THR C 338 -20.03 -35.76 -24.19
C THR C 338 -19.29 -34.47 -23.82
N ILE C 339 -18.08 -34.32 -24.32
CA ILE C 339 -17.27 -33.17 -23.99
C ILE C 339 -17.87 -31.91 -24.62
N ARG C 340 -18.39 -32.03 -25.83
CA ARG C 340 -19.03 -30.92 -26.50
C ARG C 340 -20.21 -30.42 -25.70
N GLU C 341 -20.93 -31.34 -25.06
CA GLU C 341 -22.14 -30.99 -24.35
C GLU C 341 -21.82 -30.33 -23.01
N VAL C 342 -20.70 -30.71 -22.42
CA VAL C 342 -20.26 -30.10 -21.16
C VAL C 342 -19.83 -28.67 -21.42
N LEU C 343 -19.22 -28.43 -22.56
CA LEU C 343 -18.84 -27.09 -22.96
C LEU C 343 -20.02 -26.26 -23.42
N ARG C 344 -21.12 -26.92 -23.81
CA ARG C 344 -22.33 -26.17 -24.18
C ARG C 344 -23.07 -25.76 -22.93
N LEU C 345 -23.40 -26.74 -22.07
CA LEU C 345 -24.16 -26.52 -20.85
C LEU C 345 -23.44 -25.67 -19.81
N ARG C 346 -22.17 -25.98 -19.62
CA ARG C 346 -21.33 -25.32 -18.62
C ARG C 346 -20.07 -24.78 -19.28
N PRO C 347 -20.20 -23.71 -20.07
CA PRO C 347 -19.02 -23.12 -20.70
C PRO C 347 -17.99 -22.64 -19.68
N VAL C 348 -16.72 -22.79 -19.98
CA VAL C 348 -15.65 -22.37 -19.07
C VAL C 348 -15.79 -20.88 -18.80
N ALA C 349 -16.19 -20.15 -19.84
CA ALA C 349 -16.33 -18.72 -19.75
C ALA C 349 -17.69 -18.31 -20.32
N PRO C 350 -18.74 -18.43 -19.49
CA PRO C 350 -20.13 -18.23 -19.96
C PRO C 350 -20.40 -16.83 -20.50
N MET C 351 -19.44 -15.92 -20.33
CA MET C 351 -19.54 -14.61 -20.95
C MET C 351 -18.21 -14.21 -21.59
N LEU C 352 -17.47 -15.23 -22.01
CA LEU C 352 -16.17 -15.05 -22.62
C LEU C 352 -15.33 -14.16 -21.73
N ILE C 353 -14.53 -13.31 -22.36
CA ILE C 353 -13.81 -12.21 -21.72
C ILE C 353 -14.33 -10.93 -22.38
N PRO C 354 -14.59 -9.86 -21.60
CA PRO C 354 -15.19 -8.64 -22.16
C PRO C 354 -14.42 -8.06 -23.34
N HIS C 355 -15.16 -7.60 -24.35
CA HIS C 355 -14.57 -6.93 -25.51
C HIS C 355 -14.82 -5.42 -25.39
N LYS C 356 -14.20 -4.67 -26.30
CA LYS C 356 -14.35 -3.22 -26.34
C LYS C 356 -14.28 -2.71 -27.78
N ALA C 357 -15.19 -1.81 -28.14
CA ALA C 357 -15.17 -1.20 -29.46
C ALA C 357 -13.99 -0.23 -29.61
N ASN C 358 -13.12 -0.51 -30.57
CA ASN C 358 -11.91 0.29 -30.81
C ASN C 358 -12.20 1.55 -31.61
N VAL C 359 -13.28 1.49 -32.40
CA VAL C 359 -13.75 2.60 -33.20
C VAL C 359 -15.27 2.62 -33.11
N ASP C 360 -15.88 3.71 -33.58
CA ASP C 360 -17.33 3.77 -33.68
C ASP C 360 -17.77 2.76 -34.70
N SER C 361 -18.70 1.90 -34.32
CA SER C 361 -19.07 0.77 -35.15
C SER C 361 -20.54 0.48 -34.94
N SER C 362 -20.96 -0.72 -35.31
CA SER C 362 -22.35 -1.09 -35.16
C SER C 362 -22.46 -2.60 -34.95
N ILE C 363 -23.55 -2.98 -34.30
CA ILE C 363 -23.91 -4.36 -34.16
C ILE C 363 -25.38 -4.40 -34.52
N GLY C 364 -25.74 -5.16 -35.54
CA GLY C 364 -27.11 -5.22 -36.00
C GLY C 364 -27.60 -3.85 -36.40
N GLU C 365 -28.82 -3.51 -36.00
CA GLU C 365 -29.44 -2.23 -36.34
C GLU C 365 -28.85 -1.05 -35.58
N PHE C 366 -27.92 -1.33 -34.66
CA PHE C 366 -27.57 -0.37 -33.60
C PHE C 366 -26.19 0.22 -33.71
N ALA C 367 -26.08 1.48 -33.29
CA ALA C 367 -24.80 2.16 -33.25
C ALA C 367 -24.07 1.84 -31.96
N VAL C 368 -22.74 1.76 -32.04
CA VAL C 368 -21.89 1.49 -30.89
C VAL C 368 -20.70 2.46 -30.91
N ASP C 369 -20.55 3.24 -29.85
CA ASP C 369 -19.50 4.25 -29.80
C ASP C 369 -18.19 3.61 -29.41
N LYS C 370 -17.10 4.23 -29.86
CA LYS C 370 -15.76 3.82 -29.47
C LYS C 370 -15.61 3.92 -27.95
N GLY C 371 -14.88 2.95 -27.39
CA GLY C 371 -14.66 2.88 -25.96
C GLY C 371 -15.65 1.97 -25.26
N THR C 372 -16.71 1.58 -25.98
CA THR C 372 -17.81 0.82 -25.38
C THR C 372 -17.41 -0.60 -25.09
N GLU C 373 -17.73 -1.06 -23.88
CA GLU C 373 -17.53 -2.44 -23.51
C GLU C 373 -18.62 -3.31 -24.11
N VAL C 374 -18.22 -4.40 -24.74
CA VAL C 374 -19.16 -5.33 -25.37
C VAL C 374 -19.00 -6.76 -24.83
N ILE C 375 -20.08 -7.29 -24.30
CA ILE C 375 -20.07 -8.61 -23.68
C ILE C 375 -20.95 -9.55 -24.45
N ILE C 376 -20.38 -10.72 -24.80
CA ILE C 376 -21.13 -11.78 -25.45
C ILE C 376 -21.58 -12.72 -24.38
N ASN C 377 -22.90 -12.88 -24.26
CA ASN C 377 -23.49 -13.79 -23.29
C ASN C 377 -23.60 -15.18 -23.91
N LEU C 378 -22.50 -15.91 -23.81
CA LEU C 378 -22.38 -17.20 -24.47
C LEU C 378 -23.40 -18.18 -23.90
N TRP C 379 -23.70 -18.01 -22.61
CA TRP C 379 -24.68 -18.86 -21.95
C TRP C 379 -26.04 -18.73 -22.65
N ALA C 380 -26.36 -17.52 -23.11
CA ALA C 380 -27.62 -17.28 -23.80
C ALA C 380 -27.62 -17.95 -25.15
N LEU C 381 -26.53 -17.84 -25.90
CA LEU C 381 -26.36 -18.54 -27.18
C LEU C 381 -26.54 -20.06 -27.05
N HIS C 382 -26.07 -20.63 -25.95
CA HIS C 382 -26.08 -22.08 -25.73
C HIS C 382 -27.40 -22.66 -25.16
N HIS C 383 -28.29 -21.78 -24.70
CA HIS C 383 -29.57 -22.21 -24.14
C HIS C 383 -30.75 -21.61 -24.92
N ASN C 384 -30.45 -20.95 -26.02
CA ASN C 384 -31.47 -20.46 -26.94
C ASN C 384 -32.39 -21.61 -27.36
N GLU C 385 -33.67 -21.51 -26.99
CA GLU C 385 -34.64 -22.58 -27.22
C GLU C 385 -34.93 -22.84 -28.71
N LYS C 386 -34.72 -21.81 -29.53
CA LYS C 386 -34.98 -21.92 -30.96
C LYS C 386 -33.82 -22.55 -31.72
N GLU C 387 -32.67 -22.70 -31.07
CA GLU C 387 -31.50 -23.30 -31.70
C GLU C 387 -31.15 -24.66 -31.11
N TRP C 388 -31.74 -24.97 -29.95
CA TRP C 388 -31.44 -26.21 -29.25
C TRP C 388 -32.72 -26.86 -28.78
N HIS C 389 -32.75 -28.18 -28.88
CA HIS C 389 -33.84 -28.94 -28.31
C HIS C 389 -33.51 -29.28 -26.85
N GLN C 390 -34.37 -28.86 -25.94
CA GLN C 390 -34.21 -29.13 -24.51
C GLN C 390 -32.84 -28.69 -23.98
N PRO C 391 -32.57 -27.38 -23.99
CA PRO C 391 -31.23 -26.86 -23.71
C PRO C 391 -30.76 -27.10 -22.27
N ASP C 392 -31.68 -27.40 -21.37
CA ASP C 392 -31.37 -27.53 -19.96
C ASP C 392 -30.99 -28.97 -19.62
N GLN C 393 -31.16 -29.85 -20.59
CA GLN C 393 -30.83 -31.27 -20.42
C GLN C 393 -29.45 -31.56 -20.99
N PHE C 394 -28.71 -32.38 -20.24
CA PHE C 394 -27.49 -33.04 -20.71
C PHE C 394 -27.86 -34.14 -21.69
N MET C 395 -27.59 -33.93 -22.97
CA MET C 395 -27.86 -34.93 -24.01
C MET C 395 -26.75 -34.90 -25.04
N PRO C 396 -25.67 -35.65 -24.78
CA PRO C 396 -24.55 -35.64 -25.72
C PRO C 396 -24.99 -36.09 -27.10
N GLU C 397 -26.04 -36.91 -27.13
CA GLU C 397 -26.59 -37.45 -28.37
C GLU C 397 -26.92 -36.36 -29.40
N ARG C 398 -27.14 -35.14 -28.91
CA ARG C 398 -27.49 -34.02 -29.78
C ARG C 398 -26.33 -33.68 -30.72
N PHE C 399 -25.13 -34.15 -30.39
CA PHE C 399 -23.98 -33.94 -31.26
C PHE C 399 -23.69 -35.16 -32.10
N LEU C 400 -24.66 -36.08 -32.14
CA LEU C 400 -24.55 -37.26 -32.98
C LEU C 400 -25.71 -37.36 -33.96
N ASN C 401 -25.46 -38.02 -35.09
CA ASN C 401 -26.51 -38.36 -36.04
C ASN C 401 -27.31 -39.54 -35.50
N PRO C 402 -28.46 -39.83 -36.11
CA PRO C 402 -29.29 -40.90 -35.56
C PRO C 402 -28.63 -42.28 -35.58
N ALA C 403 -27.90 -42.60 -36.65
CA ALA C 403 -27.18 -43.86 -36.71
C ALA C 403 -26.15 -43.96 -35.59
N GLY C 404 -25.56 -42.83 -35.21
CA GLY C 404 -24.55 -42.78 -34.17
C GLY C 404 -23.17 -42.97 -34.78
N THR C 405 -23.09 -42.79 -36.10
CA THR C 405 -21.88 -43.07 -36.85
C THR C 405 -21.08 -41.81 -37.15
N GLN C 406 -21.61 -40.64 -36.80
CA GLN C 406 -20.83 -39.42 -36.94
C GLN C 406 -21.33 -38.23 -36.13
N LEU C 407 -20.39 -37.35 -35.83
CA LEU C 407 -20.67 -36.13 -35.10
C LEU C 407 -21.30 -35.09 -36.00
N ILE C 408 -22.21 -34.31 -35.43
CA ILE C 408 -22.85 -33.23 -36.16
C ILE C 408 -22.89 -31.94 -35.35
N SER C 409 -23.03 -30.82 -36.07
CA SER C 409 -23.20 -29.52 -35.45
C SER C 409 -24.65 -29.09 -35.64
N PRO C 410 -25.50 -29.35 -34.65
CA PRO C 410 -26.92 -29.03 -34.78
C PRO C 410 -27.24 -27.54 -34.60
N SER C 411 -26.25 -26.71 -34.31
CA SER C 411 -26.51 -25.29 -34.12
C SER C 411 -25.24 -24.44 -34.30
N VAL C 412 -25.38 -23.29 -34.92
CA VAL C 412 -24.28 -22.34 -35.03
C VAL C 412 -24.16 -21.48 -33.76
N SER C 413 -25.16 -21.58 -32.88
CA SER C 413 -25.16 -20.85 -31.62
C SER C 413 -24.31 -21.56 -30.56
N TYR C 414 -23.06 -21.85 -30.91
CA TYR C 414 -22.15 -22.62 -30.06
C TYR C 414 -20.74 -22.13 -30.31
N LEU C 415 -20.19 -21.41 -29.33
CA LEU C 415 -18.86 -20.83 -29.44
C LEU C 415 -18.11 -20.88 -28.12
N PRO C 416 -17.87 -22.09 -27.58
CA PRO C 416 -17.19 -22.27 -26.30
C PRO C 416 -15.74 -21.71 -26.28
N PHE C 417 -15.08 -21.70 -27.44
CA PHE C 417 -13.72 -21.14 -27.55
C PHE C 417 -13.73 -19.76 -28.21
N GLY C 418 -14.91 -19.17 -28.34
CA GLY C 418 -15.03 -17.88 -28.99
C GLY C 418 -14.71 -17.98 -30.46
N ALA C 419 -14.36 -16.85 -31.06
CA ALA C 419 -14.13 -16.75 -32.50
C ALA C 419 -13.47 -15.41 -32.80
N GLY C 420 -12.78 -15.34 -33.94
CA GLY C 420 -12.18 -14.09 -34.39
C GLY C 420 -10.90 -13.73 -33.66
N PRO C 421 -10.47 -12.47 -33.79
CA PRO C 421 -9.17 -11.95 -33.32
C PRO C 421 -8.77 -12.26 -31.88
N ARG C 422 -9.73 -12.37 -30.96
CA ARG C 422 -9.41 -12.62 -29.55
C ARG C 422 -9.73 -14.04 -29.11
N SER C 423 -9.84 -14.98 -30.06
CA SER C 423 -10.30 -16.34 -29.78
C SER C 423 -9.24 -17.13 -29.05
N CYS C 424 -9.66 -18.28 -28.53
CA CYS C 424 -8.78 -19.11 -27.74
C CYS C 424 -7.66 -19.62 -28.60
N ILE C 425 -6.44 -19.52 -28.09
CA ILE C 425 -5.28 -19.99 -28.82
C ILE C 425 -4.77 -21.34 -28.30
N GLY C 426 -5.41 -21.86 -27.26
CA GLY C 426 -5.08 -23.18 -26.73
C GLY C 426 -6.11 -24.27 -26.98
N GLU C 427 -6.98 -24.07 -27.96
CA GLU C 427 -8.11 -24.98 -28.18
C GLU C 427 -7.63 -26.40 -28.53
N ILE C 428 -6.68 -26.49 -29.45
CA ILE C 428 -6.19 -27.79 -29.88
C ILE C 428 -5.65 -28.55 -28.67
N LEU C 429 -4.83 -27.88 -27.87
CA LEU C 429 -4.28 -28.50 -26.67
C LEU C 429 -5.39 -28.93 -25.70
N ALA C 430 -6.37 -28.07 -25.52
CA ALA C 430 -7.41 -28.30 -24.52
C ALA C 430 -8.26 -29.48 -24.91
N ARG C 431 -8.71 -29.49 -26.16
CA ARG C 431 -9.51 -30.59 -26.68
C ARG C 431 -8.75 -31.91 -26.59
N GLN C 432 -7.43 -31.87 -26.84
CA GLN C 432 -6.64 -33.09 -26.81
C GLN C 432 -6.41 -33.59 -25.38
N GLU C 433 -6.14 -32.68 -24.47
CA GLU C 433 -6.07 -33.04 -23.06
C GLU C 433 -7.38 -33.65 -22.56
N LEU C 434 -8.49 -32.96 -22.83
CA LEU C 434 -9.83 -33.37 -22.37
C LEU C 434 -10.26 -34.73 -22.92
N PHE C 435 -9.97 -34.99 -24.18
CA PHE C 435 -10.30 -36.28 -24.75
C PHE C 435 -9.42 -37.39 -24.14
N LEU C 436 -8.12 -37.15 -24.07
CA LEU C 436 -7.21 -38.17 -23.56
C LEU C 436 -7.37 -38.43 -22.07
N ILE C 437 -7.67 -37.39 -21.29
CA ILE C 437 -7.85 -37.59 -19.87
C ILE C 437 -9.04 -38.52 -19.66
N MET C 438 -10.15 -38.25 -20.36
CA MET C 438 -11.38 -38.98 -20.13
C MET C 438 -11.26 -40.42 -20.65
N ALA C 439 -10.64 -40.57 -21.82
CA ALA C 439 -10.49 -41.89 -22.44
C ALA C 439 -9.72 -42.81 -21.52
N TRP C 440 -8.57 -42.34 -21.04
CA TRP C 440 -7.72 -43.11 -20.14
C TRP C 440 -8.41 -43.43 -18.83
N LEU C 441 -9.15 -42.49 -18.26
CA LEU C 441 -9.82 -42.72 -16.99
C LEU C 441 -10.89 -43.78 -17.15
N LEU C 442 -11.64 -43.70 -18.24
CA LEU C 442 -12.79 -44.57 -18.46
C LEU C 442 -12.34 -45.97 -18.88
N GLN C 443 -11.27 -46.04 -19.65
CA GLN C 443 -10.69 -47.32 -20.00
C GLN C 443 -10.41 -48.12 -18.73
N ARG C 444 -9.86 -47.41 -17.73
CA ARG C 444 -9.22 -48.04 -16.58
C ARG C 444 -9.99 -48.03 -15.26
N PHE C 445 -10.89 -47.06 -15.08
CA PHE C 445 -11.52 -46.82 -13.78
C PHE C 445 -13.04 -46.87 -13.79
N ASP C 446 -13.59 -47.55 -12.79
CA ASP C 446 -15.00 -47.43 -12.45
C ASP C 446 -15.07 -46.12 -11.70
N LEU C 447 -15.91 -45.21 -12.17
CA LEU C 447 -16.11 -43.91 -11.53
C LEU C 447 -17.55 -43.76 -11.05
N GLU C 448 -17.74 -43.84 -9.73
CA GLU C 448 -19.05 -44.01 -9.15
C GLU C 448 -19.31 -43.03 -8.00
N VAL C 449 -20.58 -42.83 -7.66
CA VAL C 449 -20.99 -41.97 -6.56
C VAL C 449 -20.33 -42.49 -5.27
N PRO C 450 -19.89 -41.59 -4.37
CA PRO C 450 -19.28 -42.07 -3.13
C PRO C 450 -20.26 -42.90 -2.32
N ASP C 451 -19.78 -43.64 -1.33
CA ASP C 451 -20.64 -44.55 -0.59
C ASP C 451 -21.70 -43.80 0.22
N ASP C 452 -21.37 -42.59 0.68
CA ASP C 452 -22.33 -41.76 1.39
C ASP C 452 -23.53 -41.44 0.50
N GLY C 453 -23.29 -41.45 -0.81
CA GLY C 453 -24.37 -41.32 -1.78
C GLY C 453 -24.60 -39.91 -2.30
N GLN C 454 -23.73 -38.98 -1.92
CA GLN C 454 -23.91 -37.58 -2.31
C GLN C 454 -23.53 -37.35 -3.77
N LEU C 455 -24.40 -36.68 -4.52
CA LEU C 455 -24.11 -36.26 -5.90
C LEU C 455 -23.59 -34.84 -5.91
N PRO C 456 -22.77 -34.50 -6.91
CA PRO C 456 -22.27 -33.12 -6.97
C PRO C 456 -23.34 -32.11 -7.37
N SER C 457 -23.26 -30.90 -6.85
CA SER C 457 -24.10 -29.83 -7.35
C SER C 457 -23.63 -29.44 -8.75
N LEU C 458 -24.55 -29.35 -9.69
CA LEU C 458 -24.25 -28.86 -11.04
C LEU C 458 -24.57 -27.37 -11.15
N GLU C 459 -24.92 -26.76 -10.03
CA GLU C 459 -25.31 -25.36 -9.97
C GLU C 459 -24.20 -24.45 -10.48
N GLY C 460 -23.00 -24.65 -9.94
CA GLY C 460 -21.84 -23.92 -10.41
C GLY C 460 -21.61 -22.63 -9.65
N ILE C 461 -20.38 -22.13 -9.75
CA ILE C 461 -19.94 -20.89 -9.13
C ILE C 461 -19.24 -20.07 -10.21
N PRO C 462 -19.93 -19.05 -10.77
CA PRO C 462 -19.32 -18.25 -11.84
C PRO C 462 -18.24 -17.30 -11.32
N LYS C 463 -17.05 -17.50 -11.88
CA LYS C 463 -15.91 -16.64 -11.65
C LYS C 463 -15.39 -16.28 -13.00
N VAL C 464 -14.15 -15.83 -13.06
CA VAL C 464 -13.50 -15.62 -14.32
C VAL C 464 -13.59 -16.98 -15.08
N VAL C 465 -13.64 -18.07 -14.33
CA VAL C 465 -13.93 -19.40 -14.86
C VAL C 465 -15.21 -19.91 -14.21
N PHE C 466 -16.03 -20.65 -14.96
CA PHE C 466 -17.27 -21.22 -14.41
C PHE C 466 -16.93 -22.48 -13.62
N LEU C 467 -16.89 -22.38 -12.30
CA LEU C 467 -16.39 -23.46 -11.45
C LEU C 467 -17.49 -24.37 -10.93
N ILE C 468 -17.10 -25.61 -10.59
CA ILE C 468 -18.00 -26.55 -9.93
C ILE C 468 -17.61 -26.71 -8.46
N ASP C 469 -18.58 -26.85 -7.58
CA ASP C 469 -18.26 -27.17 -6.19
C ASP C 469 -17.46 -28.47 -6.20
N SER C 470 -16.42 -28.51 -5.38
CA SER C 470 -15.58 -29.69 -5.30
C SER C 470 -16.43 -30.85 -4.81
N PHE C 471 -16.05 -32.05 -5.18
CA PHE C 471 -16.85 -33.21 -4.85
C PHE C 471 -15.99 -34.47 -4.89
N LYS C 472 -16.55 -35.56 -4.36
CA LYS C 472 -15.81 -36.79 -4.26
C LYS C 472 -16.39 -37.82 -5.21
N VAL C 473 -15.53 -38.73 -5.64
CA VAL C 473 -15.90 -39.82 -6.51
C VAL C 473 -15.36 -41.10 -5.88
N LYS C 474 -16.14 -42.17 -5.93
CA LYS C 474 -15.63 -43.49 -5.56
C LYS C 474 -14.88 -44.09 -6.76
N ILE C 475 -13.62 -44.42 -6.56
CA ILE C 475 -12.74 -44.79 -7.64
C ILE C 475 -12.22 -46.22 -7.43
N LYS C 476 -12.34 -47.03 -8.46
CA LYS C 476 -11.92 -48.44 -8.44
C LYS C 476 -11.36 -48.78 -9.80
N VAL C 477 -10.23 -49.51 -9.81
CA VAL C 477 -9.69 -50.04 -11.05
C VAL C 477 -10.73 -50.99 -11.62
N ARG C 478 -11.04 -50.86 -12.91
CA ARG C 478 -12.02 -51.73 -13.53
C ARG C 478 -11.55 -53.19 -13.48
N GLN C 479 -12.49 -54.12 -13.49
CA GLN C 479 -12.13 -55.53 -13.50
C GLN C 479 -11.54 -55.86 -14.86
N ALA C 480 -12.28 -55.50 -15.91
CA ALA C 480 -11.90 -55.78 -17.29
C ALA C 480 -10.47 -55.34 -17.57
N TRP C 481 -10.07 -54.24 -16.95
CA TRP C 481 -8.72 -53.72 -17.11
C TRP C 481 -7.75 -54.65 -16.42
N ARG C 482 -8.13 -55.09 -15.23
CA ARG C 482 -7.26 -55.94 -14.43
C ARG C 482 -7.08 -57.34 -15.07
N GLU C 483 -8.15 -57.90 -15.63
CA GLU C 483 -8.10 -59.21 -16.26
C GLU C 483 -7.13 -59.24 -17.44
N ALA C 484 -7.02 -58.12 -18.15
CA ALA C 484 -6.40 -58.12 -19.46
C ALA C 484 -4.89 -58.01 -19.39
N GLN C 485 -4.33 -57.88 -18.19
CA GLN C 485 -2.90 -57.62 -18.03
C GLN C 485 -2.08 -58.89 -17.69
N LEU D 13 47.82 -19.70 5.03
CA LEU D 13 48.60 -19.65 3.79
C LEU D 13 47.74 -19.51 2.51
N LEU D 14 46.46 -19.85 2.62
CA LEU D 14 45.52 -19.77 1.48
C LEU D 14 44.72 -18.44 1.43
N SER D 15 44.15 -18.13 0.26
CA SER D 15 43.41 -16.87 0.10
C SER D 15 41.95 -17.09 -0.15
N LEU D 16 41.11 -16.50 0.69
CA LEU D 16 39.68 -16.45 0.41
C LEU D 16 39.46 -15.73 -0.90
N PRO D 17 38.42 -16.12 -1.63
CA PRO D 17 38.07 -15.31 -2.81
C PRO D 17 37.44 -13.98 -2.36
N LEU D 18 37.83 -12.89 -3.02
CA LEU D 18 37.22 -11.59 -2.85
C LEU D 18 36.24 -11.38 -4.00
N VAL D 19 34.96 -11.28 -3.68
CA VAL D 19 33.89 -11.31 -4.68
C VAL D 19 33.05 -10.04 -4.65
N GLY D 20 33.63 -8.99 -4.06
CA GLY D 20 33.01 -7.69 -3.98
C GLY D 20 34.01 -6.74 -3.36
N SER D 21 34.14 -5.56 -3.93
CA SER D 21 35.11 -4.59 -3.45
C SER D 21 34.71 -3.16 -3.78
N LEU D 22 34.68 -2.33 -2.74
CA LEU D 22 34.48 -0.89 -2.88
C LEU D 22 35.63 -0.20 -2.16
N PRO D 23 36.76 0.01 -2.87
CA PRO D 23 37.99 0.55 -2.27
C PRO D 23 37.83 1.92 -1.65
N PHE D 24 36.86 2.73 -2.07
CA PHE D 24 36.71 4.08 -1.50
C PHE D 24 35.26 4.48 -1.30
N LEU D 25 34.99 5.19 -0.20
CA LEU D 25 33.65 5.68 0.11
C LEU D 25 33.69 7.11 0.65
N PRO D 26 32.70 7.93 0.25
CA PRO D 26 32.70 9.36 0.61
C PRO D 26 32.19 9.62 2.03
N ARG D 27 32.23 10.89 2.45
CA ARG D 27 31.71 11.31 3.75
C ARG D 27 30.91 12.61 3.60
N HIS D 28 29.66 12.47 3.15
CA HIS D 28 28.63 13.53 3.23
C HIS D 28 28.84 14.77 2.35
N GLY D 29 29.76 14.70 1.40
CA GLY D 29 29.92 15.79 0.44
C GLY D 29 28.82 15.67 -0.59
N HIS D 30 28.83 16.55 -1.59
CA HIS D 30 27.88 16.45 -2.71
C HIS D 30 28.39 15.45 -3.74
N MET D 31 27.53 14.50 -4.08
CA MET D 31 27.93 13.35 -4.89
C MET D 31 28.58 13.71 -6.24
N HIS D 32 28.24 14.88 -6.78
CA HIS D 32 28.79 15.29 -8.07
C HIS D 32 30.22 15.73 -7.88
N ASN D 33 30.51 16.22 -6.67
CA ASN D 33 31.85 16.66 -6.33
C ASN D 33 32.73 15.48 -5.90
N ASN D 34 32.11 14.41 -5.40
CA ASN D 34 32.85 13.22 -5.04
C ASN D 34 33.28 12.47 -6.28
N PHE D 35 32.36 12.33 -7.24
CA PHE D 35 32.67 11.73 -8.53
C PHE D 35 33.80 12.47 -9.23
N PHE D 36 33.79 13.80 -9.08
CA PHE D 36 34.79 14.67 -9.71
C PHE D 36 36.16 14.39 -9.11
N LYS D 37 36.20 14.20 -7.79
CA LYS D 37 37.44 13.91 -7.11
C LYS D 37 38.02 12.60 -7.58
N LEU D 38 37.16 11.60 -7.78
CA LEU D 38 37.63 10.28 -8.20
C LEU D 38 38.37 10.35 -9.53
N GLN D 39 38.07 11.40 -10.31
CA GLN D 39 38.72 11.58 -11.61
C GLN D 39 40.23 11.79 -11.44
N LYS D 40 40.61 12.38 -10.32
CA LYS D 40 42.02 12.59 -9.99
C LYS D 40 42.75 11.26 -9.87
N LYS D 41 42.01 10.22 -9.50
CA LYS D 41 42.61 8.90 -9.30
C LYS D 41 42.26 7.90 -10.41
N TYR D 42 41.18 8.15 -11.15
CA TYR D 42 40.67 7.16 -12.12
C TYR D 42 40.46 7.73 -13.52
N GLY D 43 40.57 9.04 -13.68
CA GLY D 43 40.33 9.64 -14.99
C GLY D 43 38.91 10.14 -15.24
N PRO D 44 38.63 10.54 -16.48
CA PRO D 44 37.38 11.21 -16.80
C PRO D 44 36.25 10.24 -17.14
N ILE D 45 36.51 8.95 -17.02
CA ILE D 45 35.47 7.97 -17.24
C ILE D 45 35.77 6.68 -16.48
N TYR D 46 34.78 6.25 -15.71
CA TYR D 46 34.89 5.01 -14.96
C TYR D 46 33.50 4.45 -14.65
N SER D 47 33.46 3.31 -13.97
CA SER D 47 32.22 2.61 -13.77
C SER D 47 32.16 1.89 -12.44
N VAL D 48 30.94 1.54 -12.06
CA VAL D 48 30.69 0.73 -10.88
C VAL D 48 29.73 -0.37 -11.32
N ARG D 49 29.91 -1.55 -10.76
CA ARG D 49 29.07 -2.69 -11.09
C ARG D 49 28.39 -3.14 -9.81
N MET D 50 27.07 -3.35 -9.87
CA MET D 50 26.32 -3.87 -8.73
C MET D 50 25.30 -4.84 -9.25
N GLY D 51 25.54 -6.12 -8.96
CA GLY D 51 24.80 -7.18 -9.59
C GLY D 51 25.02 -7.06 -11.08
N THR D 52 23.93 -7.06 -11.82
CA THR D 52 23.97 -6.99 -13.26
C THR D 52 24.00 -5.54 -13.73
N LYS D 53 23.66 -4.60 -12.84
CA LYS D 53 23.65 -3.19 -13.19
C LYS D 53 25.07 -2.62 -13.27
N THR D 54 25.34 -1.91 -14.36
CA THR D 54 26.57 -1.15 -14.48
C THR D 54 26.22 0.32 -14.68
N THR D 55 26.99 1.18 -14.03
CA THR D 55 26.86 2.60 -14.25
C THR D 55 28.21 3.20 -14.63
N VAL D 56 28.21 3.99 -15.69
CA VAL D 56 29.37 4.75 -16.13
C VAL D 56 29.18 6.24 -15.79
N ILE D 57 30.18 6.85 -15.17
CA ILE D 57 30.18 8.28 -14.93
C ILE D 57 31.22 8.96 -15.84
N VAL D 58 30.80 10.05 -16.47
CA VAL D 58 31.59 10.73 -17.47
C VAL D 58 31.83 12.18 -17.03
N GLY D 59 33.10 12.61 -17.06
CA GLY D 59 33.51 13.86 -16.45
C GLY D 59 34.37 14.71 -17.36
N HIS D 60 34.25 14.50 -18.67
CA HIS D 60 34.99 15.28 -19.65
C HIS D 60 34.10 15.56 -20.87
N HIS D 61 34.25 16.77 -21.43
CA HIS D 61 33.32 17.30 -22.45
C HIS D 61 33.38 16.56 -23.77
N GLN D 62 34.57 16.10 -24.15
CA GLN D 62 34.72 15.26 -25.34
C GLN D 62 33.87 14.00 -25.20
N LEU D 63 33.95 13.37 -24.04
CA LEU D 63 33.24 12.15 -23.76
C LEU D 63 31.74 12.42 -23.62
N ALA D 64 31.42 13.46 -22.86
CA ALA D 64 30.03 13.88 -22.71
C ALA D 64 29.39 14.15 -24.07
N LYS D 65 30.06 14.92 -24.91
CA LYS D 65 29.52 15.25 -26.22
C LYS D 65 29.33 14.01 -27.09
N GLU D 66 30.15 12.98 -26.88
CA GLU D 66 29.99 11.76 -27.65
C GLU D 66 28.70 11.05 -27.21
N VAL D 67 28.47 11.06 -25.91
CA VAL D 67 27.29 10.45 -25.32
C VAL D 67 25.99 11.16 -25.68
N LEU D 68 26.05 12.49 -25.72
CA LEU D 68 24.86 13.32 -25.91
C LEU D 68 24.60 13.65 -27.36
N ILE D 69 25.68 13.87 -28.11
CA ILE D 69 25.56 14.34 -29.49
C ILE D 69 25.94 13.30 -30.54
N LYS D 70 27.23 12.97 -30.65
CA LYS D 70 27.69 12.12 -31.75
C LYS D 70 27.01 10.77 -31.78
N LYS D 71 26.93 10.11 -30.63
CA LYS D 71 26.17 8.86 -30.51
C LYS D 71 24.94 9.10 -29.62
N GLY D 72 24.29 10.24 -29.86
CA GLY D 72 23.16 10.65 -29.04
C GLY D 72 22.01 9.67 -29.04
N LYS D 73 21.71 9.07 -30.20
CA LYS D 73 20.65 8.06 -30.28
C LYS D 73 20.98 6.82 -29.44
N ASP D 74 22.24 6.41 -29.47
CA ASP D 74 22.68 5.22 -28.74
C ASP D 74 22.45 5.35 -27.24
N PHE D 75 22.62 6.56 -26.73
CA PHE D 75 22.52 6.81 -25.28
C PHE D 75 21.27 7.60 -24.86
N SER D 76 20.25 7.66 -25.73
CA SER D 76 19.09 8.50 -25.47
C SER D 76 18.09 7.84 -24.50
N GLY D 77 18.45 6.67 -23.99
CA GLY D 77 17.58 5.94 -23.10
C GLY D 77 17.55 6.52 -21.70
N ARG D 78 16.60 6.05 -20.89
CA ARG D 78 16.49 6.44 -19.49
C ARG D 78 16.39 5.20 -18.65
N PRO D 79 17.19 5.11 -17.58
CA PRO D 79 17.06 3.95 -16.68
C PRO D 79 15.74 3.92 -15.92
N GLN D 80 15.22 2.71 -15.69
CA GLN D 80 14.05 2.53 -14.83
C GLN D 80 14.51 2.73 -13.39
N MET D 81 13.76 3.54 -12.64
CA MET D 81 14.04 3.81 -11.24
C MET D 81 12.73 3.90 -10.48
N ALA D 82 12.65 3.14 -9.39
CA ALA D 82 11.44 3.04 -8.59
C ALA D 82 10.91 4.43 -8.22
N THR D 83 11.80 5.31 -7.81
CA THR D 83 11.40 6.64 -7.38
C THR D 83 10.81 7.42 -8.57
N LEU D 84 11.42 7.27 -9.74
CA LEU D 84 10.94 7.95 -10.95
C LEU D 84 9.65 7.33 -11.50
N ASP D 85 9.47 6.03 -11.29
CA ASP D 85 8.25 5.34 -11.69
C ASP D 85 7.04 5.99 -11.03
N ILE D 86 7.19 6.36 -9.76
CA ILE D 86 6.12 6.99 -9.01
C ILE D 86 5.78 8.34 -9.63
N LEU D 87 6.79 9.19 -9.80
CA LEU D 87 6.59 10.53 -10.32
C LEU D 87 6.05 10.56 -11.76
N SER D 88 6.56 9.65 -12.59
CA SER D 88 6.27 9.66 -14.04
C SER D 88 5.13 8.73 -14.43
N ASN D 89 4.44 8.19 -13.41
CA ASN D 89 3.30 7.29 -13.60
C ASN D 89 3.72 6.12 -14.51
N ASN D 90 4.85 5.50 -14.19
CA ASN D 90 5.42 4.38 -14.94
C ASN D 90 6.00 4.76 -16.29
N ARG D 91 6.93 5.70 -16.27
CA ARG D 91 7.73 6.04 -17.44
C ARG D 91 6.93 6.70 -18.56
N LYS D 92 5.90 7.45 -18.18
CA LYS D 92 5.21 8.29 -19.13
C LYS D 92 5.83 9.69 -19.13
N GLY D 93 5.22 10.61 -19.87
CA GLY D 93 5.72 11.97 -19.99
C GLY D 93 6.89 12.07 -20.95
N ILE D 94 7.81 12.98 -20.67
CA ILE D 94 8.98 13.16 -21.51
C ILE D 94 10.25 12.88 -20.71
N ALA D 95 10.48 13.69 -19.67
CA ALA D 95 11.76 13.70 -18.98
C ALA D 95 12.28 12.32 -18.54
N PHE D 96 11.43 11.51 -17.90
CA PHE D 96 11.87 10.22 -17.35
C PHE D 96 11.34 9.05 -18.15
N ALA D 97 10.92 9.32 -19.38
CA ALA D 97 10.38 8.30 -20.25
C ALA D 97 11.53 7.71 -21.07
N ASP D 98 11.48 6.40 -21.28
CA ASP D 98 12.46 5.74 -22.11
C ASP D 98 12.32 6.26 -23.53
N SER D 99 13.34 5.98 -24.34
CA SER D 99 13.47 6.53 -25.68
C SER D 99 12.55 5.82 -26.68
N GLY D 100 11.28 5.70 -26.35
CA GLY D 100 10.34 4.96 -27.17
C GLY D 100 9.47 5.84 -28.05
N ALA D 101 8.34 5.28 -28.46
CA ALA D 101 7.40 5.96 -29.33
C ALA D 101 6.73 7.11 -28.58
N HIS D 102 6.30 6.80 -27.35
CA HIS D 102 5.62 7.76 -26.50
C HIS D 102 6.48 9.00 -26.25
N TRP D 103 7.74 8.78 -25.86
CA TRP D 103 8.63 9.89 -25.55
C TRP D 103 8.81 10.77 -26.79
N GLN D 104 8.99 10.13 -27.95
CA GLN D 104 9.27 10.85 -29.17
C GLN D 104 8.08 11.71 -29.62
N LEU D 105 6.89 11.19 -29.44
CA LEU D 105 5.67 11.86 -29.82
C LEU D 105 5.40 13.06 -28.93
N HIS D 106 5.47 12.84 -27.62
CA HIS D 106 5.14 13.91 -26.67
C HIS D 106 6.21 15.00 -26.66
N ARG D 107 7.47 14.62 -26.79
CA ARG D 107 8.53 15.63 -26.88
C ARG D 107 8.28 16.49 -28.11
N ARG D 108 7.86 15.85 -29.19
CA ARG D 108 7.63 16.52 -30.45
C ARG D 108 6.47 17.49 -30.29
N LEU D 109 5.37 17.01 -29.72
CA LEU D 109 4.19 17.85 -29.53
C LEU D 109 4.47 19.02 -28.58
N ALA D 110 5.21 18.77 -27.50
CA ALA D 110 5.53 19.83 -26.56
C ALA D 110 6.40 20.87 -27.24
N MET D 111 7.32 20.43 -28.10
CA MET D 111 8.19 21.35 -28.82
C MET D 111 7.38 22.19 -29.80
N ALA D 112 6.39 21.55 -30.42
CA ALA D 112 5.57 22.22 -31.43
C ALA D 112 4.76 23.36 -30.82
N THR D 113 4.17 23.08 -29.65
CA THR D 113 3.35 24.05 -28.93
C THR D 113 4.07 25.39 -28.73
N PHE D 114 5.39 25.36 -28.56
CA PHE D 114 6.12 26.60 -28.34
C PHE D 114 6.07 27.54 -29.54
N ALA D 115 5.75 26.99 -30.72
CA ALA D 115 5.63 27.78 -31.94
C ALA D 115 4.40 28.67 -31.92
N LEU D 116 3.42 28.29 -31.11
CA LEU D 116 2.18 29.05 -30.97
C LEU D 116 2.37 30.32 -30.12
N PHE D 117 3.63 30.61 -29.75
CA PHE D 117 3.93 31.70 -28.83
C PHE D 117 5.04 32.64 -29.32
N LYS D 118 5.30 32.66 -30.62
CA LYS D 118 6.45 33.39 -31.16
C LYS D 118 6.12 34.76 -31.77
N ASP D 119 4.85 35.02 -32.07
CA ASP D 119 4.46 36.27 -32.73
C ASP D 119 2.98 36.62 -32.60
N GLY D 120 2.71 37.77 -31.98
CA GLY D 120 1.35 38.25 -31.83
C GLY D 120 1.06 38.74 -30.42
N ASP D 121 -0.17 38.50 -29.96
CA ASP D 121 -0.58 38.91 -28.62
C ASP D 121 -0.21 37.83 -27.61
N GLN D 122 -0.14 36.58 -28.06
CA GLN D 122 0.35 35.50 -27.23
C GLN D 122 1.84 35.33 -27.44
N LYS D 123 2.53 36.41 -27.78
CA LYS D 123 3.98 36.38 -27.89
C LYS D 123 4.56 36.09 -26.52
N LEU D 124 5.49 35.14 -26.47
CA LEU D 124 6.10 34.69 -25.22
C LEU D 124 6.52 35.88 -24.38
N GLU D 125 7.21 36.82 -25.02
CA GLU D 125 7.74 37.98 -24.33
C GLU D 125 6.62 38.77 -23.63
N LYS D 126 5.51 38.97 -24.33
CA LYS D 126 4.37 39.70 -23.77
C LYS D 126 3.73 38.97 -22.58
N ILE D 127 3.62 37.65 -22.70
CA ILE D 127 3.10 36.81 -21.62
C ILE D 127 4.01 36.88 -20.39
N ILE D 128 5.31 36.86 -20.63
CA ILE D 128 6.30 36.90 -19.55
C ILE D 128 6.25 38.27 -18.87
N CYS D 129 6.44 39.32 -19.65
CA CYS D 129 6.54 40.69 -19.10
C CYS D 129 5.32 41.09 -18.29
N GLN D 130 4.15 40.63 -18.72
CA GLN D 130 2.91 40.84 -17.96
C GLN D 130 3.02 40.29 -16.54
N GLU D 131 3.57 39.08 -16.40
CA GLU D 131 3.73 38.45 -15.08
C GLU D 131 4.83 39.11 -14.27
N ILE D 132 5.84 39.65 -14.96
CA ILE D 132 6.92 40.34 -14.28
C ILE D 132 6.39 41.66 -13.68
N SER D 133 5.50 42.32 -14.42
CA SER D 133 4.84 43.53 -13.93
C SER D 133 4.08 43.22 -12.63
N THR D 134 3.29 42.16 -12.65
CA THR D 134 2.59 41.72 -11.45
C THR D 134 3.54 41.37 -10.29
N LEU D 135 4.62 40.69 -10.62
CA LEU D 135 5.65 40.39 -9.62
C LEU D 135 6.18 41.68 -9.03
N CYS D 136 6.54 42.61 -9.90
CA CYS D 136 7.16 43.87 -9.49
C CYS D 136 6.24 44.69 -8.58
N ASP D 137 4.97 44.76 -8.94
CA ASP D 137 4.00 45.45 -8.11
C ASP D 137 3.86 44.76 -6.75
N MET D 138 3.98 43.43 -6.74
CA MET D 138 3.86 42.67 -5.50
C MET D 138 5.08 42.82 -4.58
N LEU D 139 6.27 42.95 -5.15
CA LEU D 139 7.48 43.14 -4.35
C LEU D 139 7.52 44.56 -3.82
N ALA D 140 6.87 45.46 -4.56
CA ALA D 140 6.80 46.87 -4.19
C ALA D 140 6.04 47.07 -2.89
N THR D 141 5.09 46.17 -2.62
CA THR D 141 4.33 46.23 -1.38
C THR D 141 5.19 45.80 -0.17
N HIS D 142 6.42 45.37 -0.45
CA HIS D 142 7.37 45.03 0.60
C HIS D 142 8.50 46.06 0.67
N ASN D 143 8.27 47.22 0.08
CA ASN D 143 9.26 48.30 0.06
C ASN D 143 9.88 48.47 1.44
N GLY D 144 11.20 48.45 1.51
CA GLY D 144 11.90 48.64 2.77
C GLY D 144 12.00 47.40 3.65
N GLN D 145 11.27 46.34 3.29
CA GLN D 145 11.24 45.10 4.08
C GLN D 145 12.30 44.07 3.62
N SER D 146 12.62 43.12 4.50
CA SER D 146 13.54 42.01 4.19
C SER D 146 12.78 40.69 4.12
N ILE D 147 12.76 40.10 2.93
CA ILE D 147 11.88 38.95 2.66
C ILE D 147 12.51 37.86 1.81
N ASP D 148 11.97 36.65 1.96
CA ASP D 148 12.26 35.56 1.04
C ASP D 148 11.51 35.85 -0.25
N ILE D 149 12.24 35.88 -1.35
CA ILE D 149 11.69 36.30 -2.64
C ILE D 149 11.05 35.11 -3.40
N SER D 150 11.20 33.92 -2.85
CA SER D 150 10.82 32.69 -3.54
C SER D 150 9.39 32.70 -4.06
N PHE D 151 8.42 32.93 -3.18
CA PHE D 151 7.02 32.72 -3.54
C PHE D 151 6.52 33.65 -4.67
N PRO D 152 6.84 34.96 -4.60
CA PRO D 152 6.44 35.84 -5.71
C PRO D 152 6.99 35.41 -7.07
N VAL D 153 8.29 35.15 -7.14
CA VAL D 153 8.92 34.68 -8.37
C VAL D 153 8.23 33.41 -8.88
N PHE D 154 7.95 32.51 -7.93
CA PHE D 154 7.25 31.25 -8.22
C PHE D 154 5.89 31.51 -8.87
N VAL D 155 5.11 32.41 -8.29
CA VAL D 155 3.78 32.76 -8.79
C VAL D 155 3.85 33.29 -10.23
N ALA D 156 4.86 34.08 -10.52
CA ALA D 156 5.01 34.64 -11.86
C ALA D 156 5.28 33.53 -12.88
N VAL D 157 6.30 32.71 -12.63
CA VAL D 157 6.68 31.69 -13.60
C VAL D 157 5.63 30.58 -13.68
N THR D 158 4.96 30.29 -12.56
CA THR D 158 3.84 29.36 -12.59
C THR D 158 2.77 29.88 -13.55
N ASN D 159 2.55 31.20 -13.53
CA ASN D 159 1.54 31.81 -14.40
C ASN D 159 1.92 31.72 -15.88
N VAL D 160 3.18 32.02 -16.21
CA VAL D 160 3.63 31.91 -17.59
C VAL D 160 3.35 30.51 -18.10
N ILE D 161 3.70 29.50 -17.31
CA ILE D 161 3.64 28.13 -17.81
C ILE D 161 2.19 27.63 -17.81
N SER D 162 1.39 28.17 -16.92
CA SER D 162 -0.04 27.82 -16.90
C SER D 162 -0.70 28.34 -18.17
N LEU D 163 -0.32 29.54 -18.60
CA LEU D 163 -0.84 30.16 -19.81
C LEU D 163 -0.42 29.37 -21.03
N ILE D 164 0.84 28.95 -21.06
CA ILE D 164 1.32 28.10 -22.16
C ILE D 164 0.59 26.75 -22.17
N CYS D 165 0.28 26.22 -20.99
CA CYS D 165 -0.35 24.90 -20.90
C CYS D 165 -1.87 24.93 -21.12
N PHE D 166 -2.55 25.89 -20.49
CA PHE D 166 -4.02 25.93 -20.52
C PHE D 166 -4.66 27.29 -20.89
N ASN D 167 -3.84 28.31 -21.15
CA ASN D 167 -4.32 29.71 -21.24
C ASN D 167 -5.07 30.13 -19.98
N THR D 168 -4.47 29.91 -18.82
CA THR D 168 -5.00 30.43 -17.56
C THR D 168 -3.88 30.87 -16.61
N SER D 169 -4.26 31.65 -15.60
CA SER D 169 -3.30 32.18 -14.65
C SER D 169 -4.01 32.38 -13.33
N TYR D 170 -3.26 32.43 -12.24
CA TYR D 170 -3.87 32.58 -10.93
C TYR D 170 -3.67 34.00 -10.45
N LYS D 171 -4.72 34.53 -9.82
CA LYS D 171 -4.61 35.82 -9.18
C LYS D 171 -3.81 35.61 -7.91
N ASN D 172 -3.08 36.64 -7.51
CA ASN D 172 -2.45 36.67 -6.20
C ASN D 172 -3.48 36.23 -5.16
N GLY D 173 -3.04 35.40 -4.22
CA GLY D 173 -3.89 35.00 -3.12
C GLY D 173 -4.65 33.71 -3.33
N ASP D 174 -4.76 33.26 -4.59
CA ASP D 174 -5.42 31.97 -4.87
C ASP D 174 -4.68 30.89 -4.08
N PRO D 175 -5.42 30.09 -3.28
CA PRO D 175 -4.73 29.07 -2.47
C PRO D 175 -4.14 27.91 -3.28
N GLU D 176 -4.62 27.73 -4.51
CA GLU D 176 -4.12 26.65 -5.35
C GLU D 176 -2.66 26.86 -5.68
N LEU D 177 -2.20 28.11 -5.57
CA LEU D 177 -0.80 28.41 -5.80
C LEU D 177 0.01 27.78 -4.69
N ASN D 178 -0.46 27.93 -3.46
CA ASN D 178 0.26 27.38 -2.32
C ASN D 178 0.24 25.85 -2.35
N VAL D 179 -0.75 25.29 -3.02
CA VAL D 179 -0.87 23.84 -3.16
C VAL D 179 0.22 23.34 -4.10
N ILE D 180 0.41 24.06 -5.21
CA ILE D 180 1.40 23.67 -6.19
C ILE D 180 2.81 23.79 -5.62
N GLN D 181 3.11 24.88 -4.94
CA GLN D 181 4.44 25.01 -4.38
C GLN D 181 4.68 23.86 -3.37
N ASN D 182 3.65 23.52 -2.61
CA ASN D 182 3.83 22.52 -1.57
C ASN D 182 4.11 21.13 -2.14
N TYR D 183 3.40 20.73 -3.18
CA TYR D 183 3.65 19.42 -3.74
C TYR D 183 4.90 19.41 -4.65
N ASN D 184 5.25 20.57 -5.22
CA ASN D 184 6.50 20.67 -5.96
C ASN D 184 7.66 20.48 -4.99
N GLU D 185 7.55 21.13 -3.84
CA GLU D 185 8.62 21.10 -2.84
C GLU D 185 8.80 19.72 -2.25
N GLY D 186 7.67 19.03 -2.05
CA GLY D 186 7.67 17.72 -1.41
C GLY D 186 8.03 16.60 -2.37
N ILE D 187 7.72 16.79 -3.64
CA ILE D 187 8.18 15.85 -4.65
C ILE D 187 9.70 15.90 -4.72
N ILE D 188 10.24 17.11 -4.84
CA ILE D 188 11.67 17.32 -4.93
C ILE D 188 12.40 16.83 -3.67
N ASP D 189 11.78 16.99 -2.50
CA ASP D 189 12.47 16.61 -1.28
C ASP D 189 12.55 15.10 -1.07
N ASN D 190 11.54 14.37 -1.55
CA ASN D 190 11.42 12.93 -1.32
C ASN D 190 11.81 12.06 -2.53
N LEU D 191 12.03 12.68 -3.69
CA LEU D 191 12.42 11.94 -4.90
C LEU D 191 13.81 11.33 -4.81
N SER D 192 14.70 12.00 -4.08
CA SER D 192 16.07 11.51 -3.86
C SER D 192 16.75 12.43 -2.85
N LYS D 193 17.95 12.02 -2.43
CA LYS D 193 18.76 12.80 -1.49
C LYS D 193 20.06 13.35 -2.12
N ASP D 194 20.17 13.21 -3.44
CA ASP D 194 21.25 13.84 -4.20
C ASP D 194 20.81 13.77 -5.64
N SER D 195 21.69 14.08 -6.57
CA SER D 195 21.35 13.94 -7.98
C SER D 195 20.99 12.50 -8.30
N LEU D 196 20.07 12.32 -9.24
CA LEU D 196 19.59 10.98 -9.59
C LEU D 196 20.71 10.05 -10.09
N VAL D 197 20.72 8.84 -9.54
CA VAL D 197 21.61 7.77 -9.96
C VAL D 197 20.88 6.47 -9.67
N ASP D 198 20.77 5.58 -10.64
CA ASP D 198 20.09 4.30 -10.45
C ASP D 198 20.91 3.29 -9.60
N LEU D 199 22.18 3.60 -9.38
CA LEU D 199 23.00 2.85 -8.41
C LEU D 199 22.37 2.84 -7.03
N VAL D 200 21.63 3.90 -6.70
CA VAL D 200 21.13 4.12 -5.34
C VAL D 200 19.64 3.83 -5.21
N PRO D 201 19.26 2.83 -4.36
CA PRO D 201 17.84 2.58 -4.10
C PRO D 201 17.23 3.67 -3.19
N TRP D 202 16.95 4.83 -3.77
CA TRP D 202 16.51 6.00 -3.02
C TRP D 202 15.38 5.75 -2.01
N LEU D 203 14.43 4.88 -2.37
CA LEU D 203 13.27 4.64 -1.50
C LEU D 203 13.54 3.64 -0.39
N LYS D 204 14.70 2.97 -0.41
CA LYS D 204 14.95 1.82 0.46
C LYS D 204 16.19 1.96 1.36
N ILE D 205 16.89 3.07 1.28
CA ILE D 205 18.16 3.19 2.00
C ILE D 205 18.00 3.54 3.47
N PHE D 206 16.92 4.24 3.84
CA PHE D 206 16.75 4.63 5.24
C PHE D 206 15.39 4.20 5.80
N PRO D 207 15.33 3.98 7.12
CA PRO D 207 14.06 3.71 7.80
C PRO D 207 13.29 5.01 8.01
N ASN D 208 13.05 5.72 6.91
CA ASN D 208 12.21 6.90 6.90
C ASN D 208 10.99 6.51 6.07
N LYS D 209 10.20 7.49 5.62
CA LYS D 209 8.96 7.18 4.90
C LYS D 209 8.96 7.88 3.55
N THR D 210 10.11 7.81 2.88
CA THR D 210 10.33 8.46 1.59
C THR D 210 9.22 8.10 0.59
N LEU D 211 9.03 6.79 0.39
CA LEU D 211 8.05 6.26 -0.54
C LEU D 211 6.65 6.81 -0.25
N GLU D 212 6.27 6.72 1.02
CA GLU D 212 4.94 7.15 1.45
C GLU D 212 4.74 8.62 1.13
N LYS D 213 5.73 9.42 1.53
CA LYS D 213 5.61 10.87 1.36
C LYS D 213 5.62 11.27 -0.12
N LEU D 214 6.51 10.66 -0.90
CA LEU D 214 6.61 11.00 -2.31
C LEU D 214 5.26 10.77 -2.96
N LYS D 215 4.69 9.60 -2.65
CA LYS D 215 3.42 9.19 -3.24
C LYS D 215 2.29 10.15 -2.88
N SER D 216 2.29 10.66 -1.65
CA SER D 216 1.24 11.56 -1.19
C SER D 216 1.25 12.88 -1.94
N HIS D 217 2.45 13.38 -2.22
CA HIS D 217 2.62 14.62 -2.96
C HIS D 217 2.29 14.39 -4.44
N VAL D 218 2.67 13.23 -4.98
CA VAL D 218 2.39 12.96 -6.39
C VAL D 218 0.89 12.76 -6.60
N LYS D 219 0.22 12.25 -5.55
CA LYS D 219 -1.21 12.04 -5.56
C LYS D 219 -1.97 13.37 -5.65
N ILE D 220 -1.56 14.33 -4.84
CA ILE D 220 -2.15 15.65 -4.83
C ILE D 220 -1.99 16.30 -6.20
N ARG D 221 -0.78 16.28 -6.72
CA ARG D 221 -0.52 16.83 -8.04
C ARG D 221 -1.33 16.12 -9.14
N ASN D 222 -1.38 14.78 -9.08
CA ASN D 222 -2.12 14.00 -10.06
C ASN D 222 -3.64 14.24 -10.01
N ASP D 223 -4.16 14.44 -8.81
CA ASP D 223 -5.57 14.74 -8.65
C ASP D 223 -5.86 16.09 -9.27
N LEU D 224 -4.98 17.07 -9.03
CA LEU D 224 -5.23 18.43 -9.50
C LEU D 224 -5.27 18.49 -11.02
N LEU D 225 -4.27 17.89 -11.65
CA LEU D 225 -4.17 17.84 -13.10
C LEU D 225 -5.35 17.09 -13.71
N ASN D 226 -5.81 16.05 -13.05
CA ASN D 226 -6.98 15.33 -13.52
C ASN D 226 -8.21 16.24 -13.46
N LYS D 227 -8.39 16.92 -12.34
CA LYS D 227 -9.53 17.80 -12.21
C LYS D 227 -9.52 18.84 -13.32
N ILE D 228 -8.34 19.31 -13.69
CA ILE D 228 -8.19 20.27 -14.77
C ILE D 228 -8.48 19.62 -16.13
N LEU D 229 -7.93 18.43 -16.35
CA LEU D 229 -8.12 17.76 -17.62
C LEU D 229 -9.58 17.42 -17.89
N GLU D 230 -10.33 17.06 -16.85
CA GLU D 230 -11.76 16.76 -17.00
C GLU D 230 -12.57 18.03 -17.29
N ASN D 231 -12.23 19.13 -16.62
CA ASN D 231 -12.93 20.41 -16.82
C ASN D 231 -12.67 21.02 -18.18
N TYR D 232 -11.57 20.60 -18.80
CA TYR D 232 -11.13 21.24 -20.03
C TYR D 232 -11.72 20.53 -21.23
N LYS D 233 -12.24 19.32 -21.01
CA LYS D 233 -12.88 18.57 -22.09
C LYS D 233 -14.10 19.32 -22.66
N GLU D 234 -14.77 20.10 -21.80
CA GLU D 234 -15.95 20.88 -22.19
C GLU D 234 -15.56 22.23 -22.81
N LYS D 235 -14.28 22.57 -22.76
CA LYS D 235 -13.79 23.85 -23.27
C LYS D 235 -13.00 23.70 -24.58
N PHE D 236 -12.51 22.50 -24.84
CA PHE D 236 -11.65 22.25 -26.01
C PHE D 236 -12.43 22.47 -27.30
N ARG D 237 -11.75 22.94 -28.33
CA ARG D 237 -12.37 23.09 -29.64
C ARG D 237 -11.31 22.99 -30.74
N SER D 238 -11.67 22.32 -31.83
CA SER D 238 -10.72 21.97 -32.89
C SER D 238 -10.28 23.14 -33.74
N ASP D 239 -10.97 24.27 -33.63
CA ASP D 239 -10.65 25.43 -34.44
C ASP D 239 -9.84 26.47 -33.66
N SER D 240 -9.47 26.14 -32.43
CA SER D 240 -8.74 27.08 -31.56
C SER D 240 -7.66 26.37 -30.74
N ILE D 241 -6.52 26.17 -31.37
CA ILE D 241 -5.38 25.52 -30.72
C ILE D 241 -4.40 26.57 -30.28
N THR D 242 -4.46 26.92 -28.99
CA THR D 242 -3.74 28.07 -28.47
C THR D 242 -2.74 27.72 -27.38
N ASN D 243 -2.74 26.47 -26.93
CA ASN D 243 -1.86 26.06 -25.85
C ASN D 243 -1.38 24.62 -26.02
N MET D 244 -0.75 24.06 -24.99
CA MET D 244 -0.20 22.70 -25.08
C MET D 244 -1.24 21.61 -24.89
N LEU D 245 -2.19 21.83 -24.00
CA LEU D 245 -3.26 20.85 -23.81
C LEU D 245 -4.07 20.68 -25.11
N ASP D 246 -4.29 21.77 -25.84
CA ASP D 246 -4.98 21.72 -27.14
C ASP D 246 -4.20 20.88 -28.15
N THR D 247 -2.90 21.17 -28.24
CA THR D 247 -1.98 20.46 -29.12
C THR D 247 -2.05 18.95 -28.88
N LEU D 248 -2.06 18.57 -27.60
CA LEU D 248 -2.15 17.17 -27.23
C LEU D 248 -3.52 16.57 -27.54
N MET D 249 -4.59 17.27 -27.17
CA MET D 249 -5.96 16.82 -27.46
C MET D 249 -6.24 16.74 -28.96
N GLN D 250 -5.77 17.73 -29.70
CA GLN D 250 -5.88 17.71 -31.16
C GLN D 250 -5.17 16.49 -31.76
N ALA D 251 -4.01 16.14 -31.18
CA ALA D 251 -3.18 15.05 -31.69
C ALA D 251 -3.88 13.70 -31.54
N LYS D 252 -4.53 13.52 -30.38
CA LYS D 252 -5.32 12.31 -30.15
C LYS D 252 -6.55 12.29 -31.06
N MET D 253 -7.18 13.45 -31.20
CA MET D 253 -8.37 13.59 -32.02
C MET D 253 -8.06 13.23 -33.48
N ASN D 254 -6.81 13.44 -33.89
CA ASN D 254 -6.34 13.02 -35.20
C ASN D 254 -5.91 11.55 -35.20
N SER D 255 -6.61 10.76 -34.40
CA SER D 255 -6.58 9.31 -34.52
C SER D 255 -8.04 8.88 -34.65
N ASP D 256 -8.54 9.01 -35.88
CA ASP D 256 -9.93 8.69 -36.20
C ASP D 256 -10.02 8.24 -37.67
N ASP D 265 -2.49 5.08 -33.15
CA ASP D 265 -1.51 5.96 -32.54
C ASP D 265 -2.01 6.62 -31.26
N SER D 266 -3.33 6.54 -31.03
CA SER D 266 -3.93 7.18 -29.86
C SER D 266 -3.72 6.35 -28.60
N GLU D 267 -3.07 5.20 -28.78
CA GLU D 267 -2.58 4.36 -27.68
C GLU D 267 -1.68 5.21 -26.79
N LEU D 268 -0.90 6.09 -27.43
CA LEU D 268 0.13 6.90 -26.78
C LEU D 268 -0.40 8.21 -26.25
N LEU D 269 -1.68 8.48 -26.48
CA LEU D 269 -2.25 9.75 -26.08
C LEU D 269 -3.42 9.57 -25.12
N SER D 270 -3.27 8.59 -24.23
CA SER D 270 -4.24 8.40 -23.16
C SER D 270 -4.24 9.64 -22.26
N ASP D 271 -5.16 9.67 -21.31
CA ASP D 271 -5.23 10.78 -20.39
C ASP D 271 -4.02 10.84 -19.45
N ASN D 272 -3.63 9.69 -18.92
CA ASN D 272 -2.45 9.62 -18.06
C ASN D 272 -1.19 10.02 -18.83
N HIS D 273 -1.13 9.69 -20.12
CA HIS D 273 -0.02 10.15 -20.93
C HIS D 273 0.00 11.66 -21.00
N ILE D 274 -1.12 12.24 -21.43
CA ILE D 274 -1.25 13.69 -21.56
C ILE D 274 -0.96 14.38 -20.22
N LEU D 275 -1.52 13.83 -19.16
CA LEU D 275 -1.37 14.36 -17.82
C LEU D 275 0.09 14.40 -17.37
N THR D 276 0.79 13.28 -17.56
CA THR D 276 2.17 13.16 -17.08
C THR D 276 3.10 14.11 -17.83
N THR D 277 2.82 14.29 -19.12
CA THR D 277 3.57 15.24 -19.96
C THR D 277 3.35 16.69 -19.49
N ILE D 278 2.09 17.05 -19.25
CA ILE D 278 1.78 18.36 -18.69
C ILE D 278 2.51 18.55 -17.37
N GLY D 279 2.56 17.49 -16.56
CA GLY D 279 3.17 17.56 -15.24
C GLY D 279 4.66 17.82 -15.29
N ASP D 280 5.31 17.29 -16.33
CA ASP D 280 6.74 17.49 -16.53
C ASP D 280 7.02 18.94 -16.88
N ILE D 281 6.26 19.45 -17.84
CA ILE D 281 6.46 20.82 -18.32
C ILE D 281 6.12 21.83 -17.23
N PHE D 282 5.05 21.56 -16.47
CA PHE D 282 4.66 22.42 -15.37
C PHE D 282 5.74 22.43 -14.28
N GLY D 283 6.26 21.24 -13.96
CA GLY D 283 7.26 21.09 -12.92
C GLY D 283 8.58 21.73 -13.31
N ALA D 284 8.99 21.49 -14.54
CA ALA D 284 10.27 22.00 -15.00
C ALA D 284 10.17 23.50 -15.22
N GLY D 285 8.99 23.96 -15.62
CA GLY D 285 8.81 25.34 -16.00
C GLY D 285 8.85 26.27 -14.82
N VAL D 286 8.77 25.71 -13.62
CA VAL D 286 8.64 26.50 -12.41
C VAL D 286 9.85 26.37 -11.51
N GLU D 287 10.28 25.14 -11.27
CA GLU D 287 11.32 24.89 -10.27
C GLU D 287 12.71 25.28 -10.77
N THR D 288 12.91 25.21 -12.08
CA THR D 288 14.22 25.47 -12.62
C THR D 288 14.50 26.97 -12.56
N THR D 289 13.69 27.73 -13.29
CA THR D 289 13.85 29.17 -13.44
C THR D 289 13.70 29.93 -12.11
N THR D 290 12.80 29.46 -11.23
CA THR D 290 12.73 30.00 -9.87
C THR D 290 14.05 29.80 -9.13
N SER D 291 14.65 28.62 -9.29
CA SER D 291 15.87 28.32 -8.55
C SER D 291 17.08 29.10 -9.08
N VAL D 292 17.14 29.31 -10.38
CA VAL D 292 18.24 30.07 -10.95
C VAL D 292 18.17 31.54 -10.54
N VAL D 293 16.96 32.11 -10.53
CA VAL D 293 16.76 33.49 -10.08
C VAL D 293 17.27 33.62 -8.65
N LYS D 294 16.78 32.73 -7.78
CA LYS D 294 17.20 32.73 -6.39
C LYS D 294 18.72 32.66 -6.23
N TRP D 295 19.37 31.84 -7.06
CA TRP D 295 20.82 31.72 -7.05
C TRP D 295 21.50 33.03 -7.48
N THR D 296 20.98 33.64 -8.53
CA THR D 296 21.60 34.85 -9.06
C THR D 296 21.57 35.96 -8.01
N LEU D 297 20.42 36.15 -7.36
CA LEU D 297 20.30 37.15 -6.31
C LEU D 297 21.29 36.87 -5.17
N ALA D 298 21.45 35.58 -4.85
CA ALA D 298 22.37 35.18 -3.78
C ALA D 298 23.81 35.53 -4.13
N PHE D 299 24.22 35.21 -5.36
CA PHE D 299 25.56 35.56 -5.81
C PHE D 299 25.78 37.09 -5.82
N LEU D 300 24.81 37.83 -6.36
CA LEU D 300 24.89 39.30 -6.44
C LEU D 300 24.93 39.94 -5.04
N LEU D 301 24.40 39.25 -4.05
CA LEU D 301 24.54 39.67 -2.67
C LEU D 301 25.94 39.38 -2.13
N HIS D 302 26.66 38.51 -2.83
CA HIS D 302 28.05 38.17 -2.47
C HIS D 302 29.04 38.93 -3.35
N ASN D 303 28.52 39.71 -4.28
CA ASN D 303 29.34 40.38 -5.28
C ASN D 303 28.79 41.74 -5.64
N PRO D 304 28.86 42.68 -4.69
CA PRO D 304 28.32 44.04 -4.89
C PRO D 304 28.94 44.75 -6.09
N GLN D 305 30.17 44.42 -6.44
CA GLN D 305 30.84 45.08 -7.56
C GLN D 305 30.09 44.80 -8.85
N VAL D 306 29.79 43.53 -9.06
CA VAL D 306 29.08 43.10 -10.26
C VAL D 306 27.68 43.72 -10.25
N LYS D 307 27.05 43.70 -9.07
CA LYS D 307 25.72 44.26 -8.89
C LYS D 307 25.71 45.72 -9.33
N LYS D 308 26.74 46.46 -8.91
CA LYS D 308 26.87 47.88 -9.22
C LYS D 308 26.91 48.09 -10.73
N LYS D 309 27.82 47.38 -11.39
CA LYS D 309 27.98 47.49 -12.83
C LYS D 309 26.70 47.11 -13.59
N LEU D 310 25.87 46.26 -12.98
CA LEU D 310 24.62 45.82 -13.61
C LEU D 310 23.59 46.93 -13.54
N TYR D 311 23.57 47.65 -12.42
CA TYR D 311 22.72 48.82 -12.29
C TYR D 311 23.15 49.91 -13.29
N GLU D 312 24.45 50.10 -13.44
CA GLU D 312 24.98 51.07 -14.38
C GLU D 312 24.63 50.68 -15.81
N GLU D 313 24.87 49.42 -16.15
CA GLU D 313 24.64 48.91 -17.50
C GLU D 313 23.21 49.17 -17.97
N ILE D 314 22.24 48.90 -17.10
CA ILE D 314 20.84 48.95 -17.51
C ILE D 314 20.34 50.39 -17.59
N ASP D 315 20.89 51.24 -16.72
CA ASP D 315 20.50 52.64 -16.71
C ASP D 315 20.93 53.33 -18.00
N GLN D 316 22.13 53.00 -18.49
CA GLN D 316 22.67 53.60 -19.70
C GLN D 316 22.06 53.09 -21.01
N ASN D 317 21.47 51.90 -20.98
CA ASN D 317 21.04 51.22 -22.19
C ASN D 317 19.53 51.04 -22.28
N VAL D 318 18.89 51.01 -21.12
CA VAL D 318 17.44 50.90 -21.04
C VAL D 318 16.89 52.25 -20.56
N GLY D 319 17.45 52.73 -19.45
CA GLY D 319 16.92 53.92 -18.80
C GLY D 319 15.56 53.66 -18.20
N PHE D 320 14.77 54.71 -18.01
CA PHE D 320 13.53 54.59 -17.26
C PHE D 320 12.29 54.96 -18.06
N SER D 321 12.46 55.20 -19.35
CA SER D 321 11.35 55.58 -20.22
C SER D 321 10.51 54.36 -20.63
N ARG D 322 11.11 53.19 -20.56
CA ARG D 322 10.39 51.96 -20.87
C ARG D 322 10.88 50.81 -20.01
N THR D 323 10.12 49.72 -20.04
CA THR D 323 10.51 48.51 -19.35
C THR D 323 11.45 47.69 -20.26
N PRO D 324 12.23 46.76 -19.67
CA PRO D 324 13.18 46.01 -20.49
C PRO D 324 12.51 45.04 -21.45
N THR D 325 13.19 44.77 -22.56
CA THR D 325 12.70 43.96 -23.66
C THR D 325 13.75 42.91 -23.94
N ILE D 326 13.39 41.79 -24.56
CA ILE D 326 14.39 40.76 -24.88
C ILE D 326 15.39 41.28 -25.92
N SER D 327 14.98 42.29 -26.67
CA SER D 327 15.88 42.96 -27.62
C SER D 327 17.01 43.68 -26.88
N ASP D 328 16.84 43.89 -25.57
CA ASP D 328 17.87 44.54 -24.77
C ASP D 328 18.97 43.57 -24.36
N ARG D 329 18.87 42.31 -24.77
CA ARG D 329 19.94 41.37 -24.48
C ARG D 329 21.12 41.58 -25.43
N ASN D 330 20.95 42.50 -26.38
CA ASN D 330 22.04 42.99 -27.22
C ASN D 330 22.86 44.03 -26.47
N ARG D 331 22.24 44.65 -25.45
CA ARG D 331 22.85 45.77 -24.75
C ARG D 331 23.24 45.40 -23.33
N LEU D 332 22.40 44.61 -22.68
CA LEU D 332 22.67 44.21 -21.30
C LEU D 332 23.59 42.98 -21.26
N LEU D 333 24.80 43.13 -21.77
CA LEU D 333 25.70 42.00 -21.91
C LEU D 333 26.18 41.46 -20.56
N LEU D 334 26.53 42.36 -19.65
CA LEU D 334 27.03 41.92 -18.35
C LEU D 334 25.96 41.11 -17.60
N LEU D 335 24.70 41.37 -17.89
CA LEU D 335 23.61 40.64 -17.25
C LEU D 335 23.48 39.26 -17.88
N GLU D 336 23.51 39.21 -19.20
CA GLU D 336 23.44 37.95 -19.93
C GLU D 336 24.65 37.10 -19.56
N ALA D 337 25.80 37.76 -19.39
CA ALA D 337 27.04 37.09 -19.02
C ALA D 337 26.95 36.62 -17.58
N THR D 338 26.24 37.38 -16.76
CA THR D 338 26.03 37.03 -15.36
C THR D 338 25.14 35.78 -15.20
N ILE D 339 24.09 35.69 -16.00
CA ILE D 339 23.22 34.53 -15.95
C ILE D 339 24.02 33.28 -16.34
N ARG D 340 24.88 33.42 -17.34
CA ARG D 340 25.71 32.29 -17.82
C ARG D 340 26.62 31.75 -16.72
N GLU D 341 27.17 32.65 -15.92
CA GLU D 341 28.10 32.28 -14.87
C GLU D 341 27.37 31.60 -13.72
N VAL D 342 26.10 31.96 -13.54
CA VAL D 342 25.28 31.27 -12.54
C VAL D 342 25.01 29.85 -13.02
N LEU D 343 24.71 29.72 -14.30
CA LEU D 343 24.38 28.42 -14.87
C LEU D 343 25.61 27.53 -14.96
N ARG D 344 26.80 28.13 -14.89
CA ARG D 344 28.04 27.36 -14.90
C ARG D 344 28.37 26.87 -13.50
N LEU D 345 28.39 27.80 -12.54
CA LEU D 345 28.86 27.54 -11.19
C LEU D 345 27.90 26.67 -10.38
N ARG D 346 26.62 26.86 -10.66
CA ARG D 346 25.56 26.13 -9.98
C ARG D 346 24.56 25.66 -11.02
N PRO D 347 24.96 24.69 -11.85
CA PRO D 347 23.99 24.21 -12.84
C PRO D 347 22.73 23.66 -12.16
N VAL D 348 21.58 23.81 -12.80
CA VAL D 348 20.31 23.31 -12.27
C VAL D 348 20.37 21.81 -12.07
N ALA D 349 21.04 21.12 -12.99
CA ALA D 349 21.22 19.68 -12.93
C ALA D 349 22.71 19.35 -13.07
N PRO D 350 23.47 19.39 -11.96
CA PRO D 350 24.92 19.13 -12.03
C PRO D 350 25.29 17.74 -12.57
N MET D 351 24.32 16.82 -12.66
CA MET D 351 24.57 15.52 -13.25
C MET D 351 23.51 15.20 -14.28
N LEU D 352 22.97 16.24 -14.89
CA LEU D 352 21.88 16.13 -15.86
C LEU D 352 20.77 15.22 -15.35
N ILE D 353 20.22 14.41 -16.24
CA ILE D 353 19.37 13.29 -15.87
C ILE D 353 20.07 12.04 -16.42
N PRO D 354 19.98 10.90 -15.70
CA PRO D 354 20.71 9.72 -16.17
C PRO D 354 20.30 9.25 -17.57
N HIS D 355 21.29 8.87 -18.37
CA HIS D 355 21.08 8.31 -19.70
C HIS D 355 21.26 6.81 -19.62
N LYS D 356 20.86 6.10 -20.67
CA LYS D 356 20.98 4.65 -20.71
C LYS D 356 21.32 4.23 -22.12
N ALA D 357 22.33 3.39 -22.26
CA ALA D 357 22.68 2.81 -23.56
C ALA D 357 21.57 1.91 -24.11
N ASN D 358 21.02 2.29 -25.26
CA ASN D 358 19.94 1.53 -25.91
C ASN D 358 20.48 0.36 -26.72
N VAL D 359 21.77 0.40 -27.00
CA VAL D 359 22.43 -0.66 -27.74
C VAL D 359 23.88 -0.72 -27.29
N ASP D 360 24.54 -1.83 -27.58
CA ASP D 360 25.98 -1.92 -27.37
C ASP D 360 26.59 -0.78 -28.16
N SER D 361 27.49 -0.04 -27.54
CA SER D 361 28.06 1.14 -28.17
C SER D 361 29.42 1.39 -27.56
N SER D 362 29.90 2.62 -27.67
CA SER D 362 31.22 2.96 -27.17
C SER D 362 31.33 4.43 -26.81
N ILE D 363 32.16 4.71 -25.82
CA ILE D 363 32.47 6.05 -25.40
C ILE D 363 33.98 6.11 -25.47
N GLY D 364 34.50 6.78 -26.49
CA GLY D 364 35.94 6.99 -26.63
C GLY D 364 36.76 5.71 -26.54
N GLU D 365 36.51 4.74 -27.41
CA GLU D 365 37.32 3.53 -27.45
C GLU D 365 37.09 2.56 -26.26
N PHE D 366 36.22 2.94 -25.32
CA PHE D 366 35.77 2.01 -24.27
C PHE D 366 34.42 1.41 -24.64
N ALA D 367 34.19 0.16 -24.28
CA ALA D 367 32.96 -0.53 -24.65
C ALA D 367 31.91 -0.36 -23.57
N VAL D 368 30.69 -0.08 -24.02
CA VAL D 368 29.55 0.11 -23.13
C VAL D 368 28.44 -0.86 -23.51
N ASP D 369 28.06 -1.69 -22.55
CA ASP D 369 27.02 -2.68 -22.75
C ASP D 369 25.61 -2.08 -22.76
N LYS D 370 24.76 -2.62 -23.62
CA LYS D 370 23.36 -2.23 -23.67
C LYS D 370 22.76 -2.31 -22.27
N GLY D 371 21.97 -1.30 -21.93
CA GLY D 371 21.25 -1.26 -20.67
C GLY D 371 22.03 -0.55 -19.58
N THR D 372 23.27 -0.18 -19.89
CA THR D 372 24.14 0.56 -18.97
C THR D 372 23.68 2.01 -18.73
N GLU D 373 23.61 2.35 -17.45
CA GLU D 373 23.27 3.69 -17.02
C GLU D 373 24.50 4.56 -17.26
N VAL D 374 24.29 5.70 -17.91
CA VAL D 374 25.37 6.65 -18.18
C VAL D 374 25.03 8.00 -17.58
N ILE D 375 25.93 8.53 -16.77
CA ILE D 375 25.72 9.81 -16.10
C ILE D 375 26.81 10.82 -16.43
N ILE D 376 26.37 11.97 -16.94
CA ILE D 376 27.29 13.06 -17.28
C ILE D 376 27.45 14.00 -16.10
N ASN D 377 28.65 14.04 -15.54
CA ASN D 377 28.94 14.94 -14.46
C ASN D 377 29.17 16.34 -15.04
N LEU D 378 28.12 17.15 -15.05
CA LEU D 378 28.21 18.47 -15.64
C LEU D 378 29.05 19.36 -14.74
N TRP D 379 28.93 19.14 -13.44
CA TRP D 379 29.72 19.88 -12.48
C TRP D 379 31.19 19.80 -12.87
N ALA D 380 31.64 18.61 -13.26
CA ALA D 380 33.03 18.39 -13.66
C ALA D 380 33.40 19.20 -14.90
N LEU D 381 32.51 19.23 -15.88
CA LEU D 381 32.78 19.99 -17.09
C LEU D 381 32.92 21.46 -16.75
N HIS D 382 32.12 21.92 -15.80
CA HIS D 382 32.03 23.34 -15.46
C HIS D 382 33.12 23.82 -14.50
N HIS D 383 33.83 22.88 -13.87
CA HIS D 383 34.90 23.20 -12.92
C HIS D 383 36.26 22.61 -13.37
N ASN D 384 36.30 22.12 -14.60
CA ASN D 384 37.55 21.68 -15.21
C ASN D 384 38.56 22.81 -15.21
N GLU D 385 39.67 22.64 -14.51
CA GLU D 385 40.63 23.73 -14.35
C GLU D 385 41.43 24.06 -15.62
N LYS D 386 41.59 23.08 -16.51
CA LYS D 386 42.29 23.32 -17.76
C LYS D 386 41.41 24.06 -18.76
N GLU D 387 40.10 24.10 -18.50
CA GLU D 387 39.16 24.70 -19.45
C GLU D 387 38.63 26.03 -18.93
N TRP D 388 38.77 26.28 -17.64
CA TRP D 388 38.23 27.49 -17.03
C TRP D 388 39.27 28.19 -16.15
N HIS D 389 39.39 29.50 -16.30
CA HIS D 389 40.24 30.25 -15.40
C HIS D 389 39.54 30.44 -14.04
N GLN D 390 40.09 29.85 -12.99
CA GLN D 390 39.55 30.01 -11.65
C GLN D 390 38.09 29.60 -11.56
N PRO D 391 37.80 28.32 -11.89
CA PRO D 391 36.44 27.80 -12.02
C PRO D 391 35.60 27.94 -10.75
N ASP D 392 36.25 28.11 -9.61
CA ASP D 392 35.55 28.27 -8.33
C ASP D 392 35.04 29.71 -8.13
N GLN D 393 35.62 30.66 -8.86
CA GLN D 393 35.27 32.06 -8.72
C GLN D 393 34.08 32.45 -9.59
N PHE D 394 33.26 33.34 -9.05
CA PHE D 394 32.14 33.92 -9.77
C PHE D 394 32.66 35.10 -10.58
N MET D 395 32.81 34.89 -11.89
CA MET D 395 33.41 35.88 -12.76
C MET D 395 32.63 36.00 -14.07
N PRO D 396 31.49 36.71 -14.04
CA PRO D 396 30.69 36.94 -15.25
C PRO D 396 31.52 37.51 -16.39
N GLU D 397 32.63 38.14 -16.04
CA GLU D 397 33.55 38.74 -17.01
C GLU D 397 34.08 37.69 -17.99
N ARG D 398 34.14 36.44 -17.54
CA ARG D 398 34.70 35.37 -18.34
C ARG D 398 33.89 35.13 -19.61
N PHE D 399 32.61 35.47 -19.58
CA PHE D 399 31.76 35.33 -20.76
C PHE D 399 31.75 36.62 -21.61
N LEU D 400 32.60 37.56 -21.23
CA LEU D 400 32.74 38.80 -21.99
C LEU D 400 34.18 38.91 -22.48
N ASN D 401 34.36 39.50 -23.66
CA ASN D 401 35.70 39.86 -24.12
C ASN D 401 36.28 40.94 -23.22
N PRO D 402 37.61 41.14 -23.28
CA PRO D 402 38.23 42.12 -22.37
C PRO D 402 37.61 43.51 -22.49
N ALA D 403 37.09 43.83 -23.66
CA ALA D 403 36.50 45.13 -23.93
C ALA D 403 35.09 45.27 -23.37
N GLY D 404 34.44 44.14 -23.08
CA GLY D 404 33.08 44.14 -22.56
C GLY D 404 32.05 44.44 -23.64
N THR D 405 32.49 44.36 -24.89
CA THR D 405 31.68 44.81 -26.01
C THR D 405 30.87 43.68 -26.62
N GLN D 406 31.23 42.44 -26.31
CA GLN D 406 30.46 41.31 -26.79
C GLN D 406 30.58 40.06 -25.89
N LEU D 407 29.55 39.23 -25.95
CA LEU D 407 29.53 37.96 -25.25
C LEU D 407 30.42 36.96 -25.97
N ILE D 408 31.07 36.09 -25.20
CA ILE D 408 31.95 35.06 -25.77
C ILE D 408 31.65 33.70 -25.19
N SER D 409 32.20 32.68 -25.83
CA SER D 409 32.11 31.30 -25.36
C SER D 409 33.50 30.85 -24.93
N PRO D 410 33.89 31.15 -23.68
CA PRO D 410 35.26 30.96 -23.22
C PRO D 410 35.72 29.51 -23.20
N SER D 411 34.79 28.56 -23.08
CA SER D 411 35.10 27.15 -23.00
C SER D 411 34.10 26.28 -23.76
N VAL D 412 34.59 25.17 -24.31
CA VAL D 412 33.73 24.20 -24.98
C VAL D 412 33.08 23.27 -23.96
N SER D 413 33.52 23.38 -22.71
CA SER D 413 33.08 22.50 -21.61
C SER D 413 31.91 23.09 -20.79
N TYR D 414 30.78 23.34 -21.44
CA TYR D 414 29.67 24.09 -20.84
C TYR D 414 28.35 23.67 -21.48
N LEU D 415 27.53 22.94 -20.73
CA LEU D 415 26.30 22.35 -21.24
C LEU D 415 25.16 22.38 -20.22
N PRO D 416 24.81 23.58 -19.69
CA PRO D 416 23.75 23.69 -18.67
C PRO D 416 22.39 23.17 -19.13
N PHE D 417 22.13 23.18 -20.44
CA PHE D 417 20.88 22.66 -20.99
C PHE D 417 21.05 21.30 -21.69
N GLY D 418 22.23 20.71 -21.52
CA GLY D 418 22.57 19.46 -22.19
C GLY D 418 22.78 19.67 -23.68
N ALA D 419 22.52 18.62 -24.45
CA ALA D 419 22.69 18.63 -25.90
C ALA D 419 22.11 17.33 -26.43
N GLY D 420 21.67 17.33 -27.68
CA GLY D 420 21.26 16.09 -28.32
C GLY D 420 19.82 15.68 -28.08
N PRO D 421 19.47 14.44 -28.48
CA PRO D 421 18.12 13.87 -28.39
C PRO D 421 17.35 14.17 -27.11
N ARG D 422 18.02 14.23 -25.96
CA ARG D 422 17.36 14.52 -24.68
C ARG D 422 17.61 15.95 -24.17
N SER D 423 18.02 16.83 -25.07
CA SER D 423 18.33 18.20 -24.70
C SER D 423 17.11 18.88 -24.13
N CYS D 424 17.37 19.91 -23.35
CA CYS D 424 16.31 20.70 -22.79
C CYS D 424 15.45 21.23 -23.93
N ILE D 425 14.13 21.18 -23.75
CA ILE D 425 13.20 21.72 -24.73
C ILE D 425 12.57 23.04 -24.24
N GLY D 426 13.00 23.51 -23.07
CA GLY D 426 12.49 24.74 -22.51
C GLY D 426 13.52 25.85 -22.51
N GLU D 427 14.66 25.60 -23.13
CA GLU D 427 15.79 26.52 -23.08
C GLU D 427 15.42 27.95 -23.44
N ILE D 428 14.75 28.13 -24.59
CA ILE D 428 14.43 29.46 -25.04
C ILE D 428 13.51 30.16 -24.05
N LEU D 429 12.48 29.45 -23.59
CA LEU D 429 11.60 29.98 -22.58
C LEU D 429 12.35 30.43 -21.33
N ALA D 430 13.28 29.60 -20.87
CA ALA D 430 13.94 29.80 -19.59
C ALA D 430 14.91 30.96 -19.65
N ARG D 431 15.67 31.01 -20.74
CA ARG D 431 16.61 32.11 -20.94
C ARG D 431 15.86 33.45 -20.97
N GLN D 432 14.73 33.48 -21.66
CA GLN D 432 13.95 34.72 -21.76
C GLN D 432 13.35 35.15 -20.42
N GLU D 433 12.79 34.20 -19.67
CA GLU D 433 12.27 34.48 -18.33
C GLU D 433 13.37 35.00 -17.39
N LEU D 434 14.54 34.37 -17.41
CA LEU D 434 15.63 34.74 -16.50
C LEU D 434 16.12 36.16 -16.82
N PHE D 435 16.24 36.47 -18.10
CA PHE D 435 16.80 37.73 -18.51
C PHE D 435 15.84 38.87 -18.18
N LEU D 436 14.57 38.69 -18.55
CA LEU D 436 13.54 39.68 -18.29
C LEU D 436 13.27 39.88 -16.80
N ILE D 437 13.23 38.80 -16.05
CA ILE D 437 13.04 38.90 -14.59
C ILE D 437 14.17 39.73 -13.98
N MET D 438 15.40 39.39 -14.32
CA MET D 438 16.56 40.06 -13.72
C MET D 438 16.70 41.53 -14.17
N ALA D 439 16.32 41.83 -15.41
CA ALA D 439 16.43 43.19 -15.94
C ALA D 439 15.34 44.08 -15.34
N TRP D 440 14.11 43.58 -15.32
CA TRP D 440 13.00 44.29 -14.69
C TRP D 440 13.26 44.56 -13.21
N LEU D 441 13.82 43.58 -12.51
CA LEU D 441 14.04 43.73 -11.07
C LEU D 441 15.11 44.75 -10.77
N LEU D 442 16.12 44.81 -11.63
CA LEU D 442 17.29 45.68 -11.41
C LEU D 442 17.01 47.09 -11.89
N GLN D 443 16.10 47.24 -12.84
CA GLN D 443 15.62 48.56 -13.21
C GLN D 443 14.95 49.23 -12.01
N ARG D 444 14.22 48.42 -11.24
CA ARG D 444 13.20 48.93 -10.32
C ARG D 444 13.51 48.82 -8.83
N PHE D 445 14.35 47.86 -8.45
CA PHE D 445 14.58 47.53 -7.03
C PHE D 445 16.04 47.53 -6.64
N ASP D 446 16.30 48.03 -5.43
CA ASP D 446 17.59 47.83 -4.81
C ASP D 446 17.48 46.51 -4.09
N LEU D 447 18.59 45.76 -4.05
CA LEU D 447 18.59 44.39 -3.53
C LEU D 447 19.80 44.23 -2.64
N GLU D 448 19.59 44.40 -1.35
CA GLU D 448 20.70 44.53 -0.41
C GLU D 448 20.64 43.42 0.62
N VAL D 449 21.77 43.15 1.25
CA VAL D 449 21.81 42.24 2.38
C VAL D 449 20.78 42.74 3.39
N PRO D 450 19.98 41.83 3.97
CA PRO D 450 19.01 42.30 4.97
C PRO D 450 19.72 42.89 6.19
N ASP D 451 19.00 43.67 6.99
CA ASP D 451 19.64 44.45 8.06
C ASP D 451 20.27 43.59 9.16
N ASP D 452 19.86 42.32 9.26
CA ASP D 452 20.50 41.38 10.18
C ASP D 452 21.93 41.04 9.74
N GLY D 453 22.27 41.39 8.50
CA GLY D 453 23.62 41.28 7.98
C GLY D 453 24.02 39.91 7.46
N GLN D 454 23.08 38.96 7.47
CA GLN D 454 23.39 37.57 7.10
C GLN D 454 23.37 37.31 5.60
N LEU D 455 24.47 36.76 5.10
CA LEU D 455 24.55 36.41 3.69
C LEU D 455 23.96 35.02 3.47
N PRO D 456 23.43 34.78 2.27
CA PRO D 456 22.95 33.43 1.93
C PRO D 456 24.07 32.41 1.63
N SER D 457 23.91 31.19 2.13
CA SER D 457 24.83 30.12 1.80
C SER D 457 24.79 29.87 0.29
N LEU D 458 25.95 29.54 -0.28
CA LEU D 458 26.04 29.18 -1.69
C LEU D 458 26.45 27.72 -1.84
N GLU D 459 26.46 27.00 -0.71
CA GLU D 459 26.84 25.58 -0.68
C GLU D 459 25.87 24.75 -1.51
N GLY D 460 24.59 25.05 -1.38
CA GLY D 460 23.59 24.40 -2.19
C GLY D 460 23.15 23.09 -1.58
N ILE D 461 22.18 22.47 -2.23
CA ILE D 461 21.54 21.25 -1.75
C ILE D 461 21.21 20.41 -2.98
N PRO D 462 22.03 19.38 -3.23
CA PRO D 462 21.82 18.68 -4.49
C PRO D 462 20.61 17.75 -4.42
N LYS D 463 19.68 17.95 -5.34
CA LYS D 463 18.50 17.10 -5.47
C LYS D 463 18.32 16.89 -6.96
N VAL D 464 17.11 16.54 -7.37
CA VAL D 464 16.82 16.45 -8.78
C VAL D 464 17.06 17.84 -9.41
N VAL D 465 16.99 18.86 -8.56
CA VAL D 465 17.32 20.24 -8.89
C VAL D 465 18.35 20.70 -7.86
N PHE D 466 19.32 21.49 -8.30
CA PHE D 466 20.34 22.01 -7.39
C PHE D 466 19.77 23.25 -6.67
N LEU D 467 19.40 23.08 -5.41
CA LEU D 467 18.66 24.09 -4.67
C LEU D 467 19.57 24.93 -3.80
N ILE D 468 19.22 26.20 -3.63
CA ILE D 468 19.87 27.05 -2.65
C ILE D 468 19.05 27.07 -1.35
N ASP D 469 19.72 27.20 -0.23
CA ASP D 469 19.03 27.35 1.05
C ASP D 469 18.27 28.65 0.98
N SER D 470 17.08 28.68 1.55
CA SER D 470 16.28 29.90 1.57
C SER D 470 16.99 31.01 2.35
N PHE D 471 16.76 32.23 1.92
CA PHE D 471 17.42 33.38 2.50
C PHE D 471 16.56 34.61 2.22
N LYS D 472 16.86 35.70 2.92
CA LYS D 472 16.09 36.92 2.76
C LYS D 472 16.92 37.97 2.04
N VAL D 473 16.21 38.90 1.40
CA VAL D 473 16.82 40.03 0.74
C VAL D 473 16.05 41.28 1.12
N LYS D 474 16.77 42.35 1.45
CA LYS D 474 16.14 43.65 1.67
C LYS D 474 15.87 44.28 0.32
N ILE D 475 14.62 44.67 0.12
CA ILE D 475 14.18 45.19 -1.15
C ILE D 475 13.62 46.61 -0.98
N LYS D 476 14.13 47.54 -1.80
CA LYS D 476 13.63 48.91 -1.84
C LYS D 476 13.47 49.32 -3.30
N VAL D 477 12.49 50.17 -3.59
CA VAL D 477 12.41 50.78 -4.91
C VAL D 477 13.57 51.76 -5.05
N ARG D 478 14.21 51.77 -6.22
CA ARG D 478 15.44 52.54 -6.40
C ARG D 478 15.19 54.04 -6.34
N GLN D 479 16.22 54.79 -5.99
CA GLN D 479 16.18 56.24 -6.03
C GLN D 479 15.93 56.66 -7.46
N ALA D 480 16.67 56.06 -8.38
CA ALA D 480 16.58 56.42 -9.79
C ALA D 480 15.20 56.15 -10.37
N TRP D 481 14.60 55.02 -10.00
CA TRP D 481 13.29 54.66 -10.53
C TRP D 481 12.27 55.68 -10.05
N ARG D 482 12.53 56.21 -8.87
CA ARG D 482 11.61 57.11 -8.20
C ARG D 482 11.67 58.50 -8.85
N GLU D 483 12.88 59.05 -8.89
CA GLU D 483 13.15 60.37 -9.47
C GLU D 483 12.73 60.44 -10.92
N ALA D 484 12.64 59.29 -11.56
CA ALA D 484 12.17 59.23 -12.94
C ALA D 484 10.65 59.14 -13.00
N GLN D 485 9.97 59.75 -12.03
CA GLN D 485 8.51 59.81 -12.03
C GLN D 485 7.97 61.21 -11.71
CHA HEM E . 22.93 -13.68 21.88
CHB HEM E . 19.51 -16.28 19.63
CHC HEM E . 16.40 -15.32 23.25
CHD HEM E . 19.88 -12.86 25.63
C1A HEM E . 22.25 -14.42 20.93
C2A HEM E . 22.74 -14.73 19.60
C3A HEM E . 21.80 -15.44 18.98
C4A HEM E . 20.69 -15.61 19.89
CMA HEM E . 21.84 -16.01 17.53
CAA HEM E . 24.11 -14.23 19.07
CBA HEM E . 25.01 -15.36 18.63
CGA HEM E . 26.36 -14.78 18.28
O1A HEM E . 27.31 -15.59 18.16
O2A HEM E . 26.48 -13.54 18.14
C1B HEM E . 18.36 -16.23 20.40
C2B HEM E . 17.10 -16.86 20.06
C3B HEM E . 16.21 -16.61 21.05
C4B HEM E . 16.89 -15.80 22.06
CMB HEM E . 16.85 -17.65 18.78
CAB HEM E . 14.74 -17.12 21.02
CBB HEM E . 13.82 -16.83 21.94
C1C HEM E . 17.11 -14.65 24.25
C2C HEM E . 16.61 -14.37 25.57
C3C HEM E . 17.54 -13.69 26.25
C4C HEM E . 18.69 -13.52 25.36
CMC HEM E . 15.22 -14.80 26.10
CAC HEM E . 17.34 -13.23 27.73
CBC HEM E . 18.29 -12.64 28.46
C1D HEM E . 21.00 -12.79 24.81
C2D HEM E . 22.17 -11.99 25.08
C3D HEM E . 23.13 -12.25 23.92
C4D HEM E . 22.42 -13.18 23.07
CMD HEM E . 22.41 -11.06 26.30
CAD HEM E . 24.54 -11.66 23.65
CBD HEM E . 25.63 -12.61 24.17
CGD HEM E . 27.01 -12.10 23.86
O1D HEM E . 27.95 -12.39 24.66
O2D HEM E . 27.20 -11.40 22.83
NA HEM E . 21.00 -14.97 21.08
NB HEM E . 18.20 -15.60 21.63
NC HEM E . 18.37 -14.12 24.16
ND HEM E . 21.17 -13.48 23.61
FE HEM E . 19.73 -14.76 22.80
HHB HEM E . 19.49 -16.85 18.84
HHC HEM E . 15.45 -15.46 23.42
HHD HEM E . 19.95 -12.40 26.49
HMA HEM E . 21.96 -15.27 16.90
HMAA HEM E . 21.01 -16.48 17.34
HMAB HEM E . 22.60 -16.63 17.46
HAA HEM E . 24.56 -13.73 19.78
HAAA HEM E . 23.96 -13.64 18.32
HBA HEM E . 24.63 -15.79 17.85
HBAA HEM E . 25.10 -16.00 19.34
HMB HEM E . 17.01 -17.08 18.00
HMBA HEM E . 15.94 -17.98 18.76
HMBB HEM E . 17.46 -18.41 18.74
HAB HEM E . 14.48 -17.69 20.29
HBB HEM E . 12.92 -17.18 21.86
HBBA HEM E . 14.06 -16.25 22.69
HMC HEM E . 15.11 -14.51 27.01
HMCA HEM E . 15.15 -15.77 26.06
HMCB HEM E . 14.53 -14.41 25.54
HAC HEM E . 16.48 -13.38 28.14
HBC HEM E . 18.09 -12.38 29.39
HBCA HEM E . 19.16 -12.47 28.09
HMD HEM E . 23.30 -10.64 26.21
HMDA HEM E . 22.37 -11.59 27.12
HMDB HEM E . 21.72 -10.36 26.31
HAD HEM E . 24.62 -10.80 24.11
HADA HEM E . 24.66 -11.53 22.70
HBD HEM E . 25.51 -13.47 23.77
HBDA HEM E . 25.53 -12.69 25.13
HHA HEM E . 23.87 -13.49 21.70
CAA 3QZ F . 18.25 -11.63 18.43
CAB 3QZ F . 18.01 -4.43 20.00
CAC 3QZ F . 19.91 -8.09 19.10
OAD 3QZ F . 20.30 -12.43 19.32
OAE 3QZ F . 15.24 -2.29 23.37
OAF 3QZ F . 18.71 -10.91 20.78
CAG 3QZ F . 17.35 -3.36 23.05
CAH 3QZ F . 19.44 -4.63 23.03
CAI 3QZ F . 15.48 -3.35 21.19
CAJ 3QZ F . 19.67 -6.27 22.94
CAK 3QZ F . 17.11 -7.28 19.99
CAL 3QZ F . 20.61 -8.76 22.05
CAM 3QZ F . 15.85 -4.88 21.28
CAN 3QZ F . 17.67 -8.87 19.82
CAO 3QZ F . 20.77 -10.29 21.52
CAP 3QZ F . 19.51 -11.51 19.32
CAQ 3QZ F . 15.96 -2.93 22.62
CAR 3QZ F . 18.01 -4.34 22.44
CAS 3QZ F . 19.14 -6.83 21.52
CAT 3QZ F . 17.73 -6.49 21.37
CAU 3QZ F . 19.28 -8.33 21.49
CAV 3QZ F . 17.45 -5.05 21.31
CAW 3QZ F . 19.12 -8.89 20.16
CAX 3QZ F . 19.82 -10.30 20.13
HAA 3QZ F . 18.32 -12.44 17.89
HAAA 3QZ F . 18.19 -10.85 17.85
HAAB 3QZ F . 17.46 -11.68 19.00
HAB 3QZ F . 17.27 -4.29 19.36
HABA 3QZ F . 18.42 -3.55 20.21
HABB 3QZ F . 18.68 -5.02 19.61
HAC 3QZ F . 20.76 -7.80 19.49
HACA 3QZ F . 20.07 -8.66 18.32
HACB 3QZ F . 19.40 -7.31 18.84
HOAF 3QZ F . 18.96 -11.71 21.11
HAG 3QZ F . 17.77 -2.91 23.81
HAH 3QZ F . 20.16 -4.20 22.52
HAHA 3QZ F . 19.57 -4.24 23.91
HAI 3QZ F . 14.56 -3.20 20.90
HAIA 3QZ F . 15.96 -2.84 20.52
HAJ 3QZ F . 19.19 -6.71 23.67
HAJA 3QZ F . 20.62 -6.47 23.01
HAK 3QZ F . 16.14 -7.29 20.04
HAKA 3QZ F . 17.37 -6.77 19.20
HAL 3QZ F . 20.62 -8.74 23.02
HALA 3QZ F . 21.33 -8.21 21.69
HAM 3QZ F . 15.54 -5.19 22.16
HAMA 3QZ F . 15.55 -5.29 20.45
HAN 3QZ F . 17.55 -9.16 18.89
HANA 3QZ F . 17.18 -9.47 20.42
HAO 3QZ F . 21.71 -10.48 21.30
HAOA 3QZ F . 20.43 -10.92 22.19
HAS 3QZ F . 19.66 -6.43 20.79
HAT 3QZ F . 17.25 -6.84 22.14
HAU 3QZ F . 18.57 -8.70 22.07
CHA HEM G . -28.49 12.11 15.28
CHB HEM G . -24.57 14.83 14.37
CHC HEM G . -22.65 13.46 18.59
CHD HEM G . -26.70 11.06 19.69
C1A HEM G . -27.56 12.91 14.64
C2A HEM G . -27.62 13.33 13.25
C3A HEM G . -26.55 14.08 13.00
C4A HEM G . -25.76 14.17 14.22
CMA HEM G . -26.18 14.73 11.64
CAA HEM G . -28.74 12.91 12.30
CBA HEM G . -29.54 14.08 11.77
CGA HEM G . -30.53 13.49 10.80
O1A HEM G . -31.28 14.27 10.19
O2A HEM G . -30.57 12.24 10.64
C1B HEM G . -23.69 14.67 15.42
C2B HEM G . -22.37 15.26 15.51
C3B HEM G . -21.82 14.86 16.69
C4B HEM G . -22.82 14.03 17.35
CMB HEM G . -21.81 16.13 14.39
CAB HEM G . -20.46 15.13 17.39
CBB HEM G . -19.53 15.95 16.94
C1C HEM G . -23.61 12.76 19.28
C2C HEM G . -23.50 12.34 20.65
C3C HEM G . -24.62 11.66 20.95
C4C HEM G . -25.47 11.66 19.78
CMC HEM G . -22.24 12.69 21.48
CAC HEM G . -25.10 10.98 22.24
CBC HEM G . -24.56 11.20 23.43
C1D HEM G . -27.51 11.04 18.59
C2D HEM G . -28.68 10.19 18.43
C3D HEM G . -29.25 10.52 17.05
C4D HEM G . -28.36 11.52 16.52
CMD HEM G . -29.22 9.19 19.47
CAD HEM G . -30.51 9.92 16.36
CBD HEM G . -31.62 10.96 16.47
CGD HEM G . -32.86 10.49 15.76
O1D HEM G . -33.99 10.80 16.23
O2D HEM G . -32.73 9.81 14.72
NA HEM G . -26.42 13.45 15.21
NB HEM G . -23.93 13.93 16.56
NC HEM G . -24.83 12.34 18.77
ND HEM G . -27.35 11.79 17.44
FE HEM G . -25.72 13.07 17.09
HHB HEM G . -24.41 15.60 13.77
HHC HEM G . -21.74 13.44 18.96
HHD HEM G . -27.03 10.61 20.49
HMA HEM G . -26.07 14.04 10.97
HMAA HEM G . -25.33 15.23 11.74
HMAB HEM G . -26.89 15.36 11.38
HAA HEM G . -29.35 12.32 12.77
HAAA HEM G . -28.36 12.43 11.55
HBA HEM G . -28.95 14.70 11.30
HBAA HEM G . -30.00 14.54 12.48
HMB HEM G . -21.77 15.63 13.56
HMBA HEM G . -20.91 16.44 14.62
HMBB HEM G . -22.39 16.91 14.26
HAB HEM G . -20.29 14.66 18.21
HBB HEM G . -18.70 16.06 17.43
HBBA HEM G . -19.66 16.43 16.11
HMC HEM G . -21.46 12.30 21.06
HMCA HEM G . -22.34 12.33 22.38
HMCB HEM G . -22.13 13.65 21.53
HAC HEM G . -25.84 10.37 22.19
HBC HEM G . -24.90 10.74 24.21
HBCA HEM G . -23.80 11.81 23.52
HMD HEM G . -30.02 8.76 19.10
HMDA HEM G . -29.45 9.66 20.29
HMDB HEM G . -28.54 8.51 19.65
HAD HEM G . -30.77 9.10 16.80
HADA HEM G . -30.32 9.75 15.42
HBD HEM G . -31.33 11.80 16.09
HBDA HEM G . -31.84 11.10 17.42
HHA HEM G . -29.33 11.96 14.80
CAA 3QZ H . -23.11 10.92 13.42
CAB 3QZ H . -22.77 3.39 14.15
CAC 3QZ H . -24.75 7.00 12.98
OAD 3QZ H . -25.42 11.05 12.91
OAE 3QZ H . -21.38 0.59 17.63
OAF 3QZ H . -24.26 9.74 15.15
CAG 3QZ H . -23.26 1.94 16.97
CAH 3QZ H . -25.23 3.30 16.45
CAI 3QZ H . -20.79 2.30 15.99
CAJ 3QZ H . -25.33 4.92 16.71
CAK 3QZ H . -22.19 6.22 14.53
CAL 3QZ H . -26.25 7.41 15.67
CAM 3QZ H . -21.30 3.77 16.22
CAN 3QZ H . -22.80 7.80 14.26
CAO 3QZ H . -26.35 8.96 15.19
CAP 3QZ H . -24.57 10.39 13.48
CAQ 3QZ H . -21.78 1.52 16.94
CAR 3QZ H . -23.68 3.03 16.36
CAS 3QZ H . -24.54 5.61 15.48
CAT 3QZ H . -23.11 5.33 15.67
CAU 3QZ H . -24.77 7.10 15.48
CAV 3QZ H . -22.78 3.90 15.61
CAW 3QZ H . -24.29 7.74 14.26
CAX 3QZ H . -25.04 9.12 14.13
HAA 3QZ H . -22.53 10.22 13.08
HAAA 3QZ H . -23.07 11.70 12.82
HAAB 3QZ H . -22.82 11.18 14.32
HAB 3QZ H . -23.44 3.88 13.64
HABA 3QZ H . -22.98 2.44 14.14
HABB 3QZ H . -21.90 3.55 13.76
HAC 3QZ H . -24.75 7.61 12.22
HACA 3QZ H . -25.66 6.65 13.12
HACB 3QZ H . -24.15 6.26 12.80
HOAF 3QZ H . -24.64 10.51 15.40
HAG 3QZ H . -23.89 1.37 17.44
HAH 3QZ H . -25.71 3.10 15.63
HAHA 3QZ H . -25.67 2.74 17.10
HAI 3QZ H . -20.74 2.08 15.05
HAIA 3QZ H . -19.87 2.14 16.29
HAJ 3QZ H . -26.26 5.21 16.73
HAJA 3QZ H . -24.88 5.15 17.55
HAK 3QZ H . -21.29 6.29 14.85
HAKA 3QZ H . -22.19 5.75 13.68
HAL 3QZ H . -26.51 7.32 16.60
HALA 3QZ H . -26.79 6.84 15.10
HAM 3QZ H . -21.40 3.89 17.18
HAMA 3QZ H . -20.73 4.35 15.68
HAN 3QZ H . -22.48 8.39 14.96
HANA 3QZ H . -22.46 8.12 13.40
HAO 3QZ H . -26.25 9.56 15.95
HAOA 3QZ H . -27.18 9.12 14.73
HAS 3QZ H . -24.84 5.23 14.64
HAT 3QZ H . -22.86 5.65 16.56
HAU 3QZ H . -24.28 7.48 16.23
CHA HEM I . -9.10 -16.92 -24.85
CHB HEM I . -12.08 -20.67 -23.92
CHC HEM I . -8.28 -23.45 -22.69
CHD HEM I . -5.27 -19.79 -23.71
C1A HEM I . -10.25 -17.64 -24.61
C2A HEM I . -11.60 -17.13 -24.51
C3A HEM I . -12.43 -18.16 -24.25
C4A HEM I . -11.62 -19.37 -24.16
CMA HEM I . -13.96 -18.10 -24.07
CAA HEM I . -11.99 -15.64 -24.69
CBA HEM I . -12.68 -15.48 -26.04
CGA HEM I . -13.00 -14.03 -26.35
O1A HEM I . -13.62 -13.79 -27.42
O2A HEM I . -12.64 -13.14 -25.53
C1B HEM I . -11.31 -21.76 -23.51
C2B HEM I . -11.83 -23.06 -23.14
C3B HEM I . -10.78 -23.83 -22.78
C4B HEM I . -9.57 -23.04 -22.94
CMB HEM I . -13.35 -23.35 -23.17
CAB HEM I . -10.69 -25.30 -22.31
CBB HEM I . -11.68 -26.19 -22.36
C1C HEM I . -7.11 -22.73 -22.93
C2C HEM I . -5.76 -23.26 -22.91
C3C HEM I . -4.92 -22.23 -23.18
C4C HEM I . -5.74 -21.05 -23.39
CMC HEM I . -5.50 -24.75 -22.59
CAC HEM I . -3.39 -22.14 -23.32
CBC HEM I . -2.59 -23.20 -23.36
C1D HEM I . -6.01 -18.67 -24.04
C2D HEM I . -5.47 -17.34 -24.17
C3D HEM I . -6.67 -16.44 -24.53
C4D HEM I . -7.81 -17.32 -24.57
CMD HEM I . -3.98 -16.92 -23.98
CAD HEM I . -6.67 -14.92 -24.78
CBD HEM I . -6.37 -14.62 -26.24
CGD HEM I . -6.66 -13.16 -26.58
O1D HEM I . -6.35 -12.74 -27.72
O2D HEM I . -7.21 -12.41 -25.71
NA HEM I . -10.31 -19.01 -24.38
NB HEM I . -9.92 -21.78 -23.38
NC HEM I . -7.05 -21.40 -23.24
ND HEM I . -7.38 -18.63 -24.29
FE HEM I . -8.63 -20.28 -23.93
HHB HEM I . -13.03 -20.83 -24.04
HHC HEM I . -8.17 -24.35 -22.30
HHD HEM I . -4.29 -19.68 -23.70
HMA HEM I . -14.17 -17.51 -23.32
HMAA HEM I . -14.30 -19.00 -23.89
HMAB HEM I . -14.37 -17.75 -24.89
HAA HEM I . -11.20 -15.09 -24.66
HAAA HEM I . -12.60 -15.38 -23.97
HBA HEM I . -13.50 -15.99 -26.04
HBAA HEM I . -12.10 -15.82 -26.73
HMB HEM I . -13.81 -22.75 -22.57
HMBA HEM I . -13.51 -24.27 -22.90
HMBB HEM I . -13.68 -23.23 -24.07
HAB HEM I . -9.85 -25.60 -21.95
HBB HEM I . -11.54 -27.09 -22.04
HBBA HEM I . -12.55 -25.93 -22.72
HMC HEM I . -5.84 -24.97 -21.71
HMCA HEM I . -4.54 -24.93 -22.62
HMCB HEM I . -5.94 -25.31 -23.25
HAC HEM I . -2.98 -21.26 -23.37
HBC HEM I . -1.63 -23.08 -23.44
HBCA HEM I . -2.96 -24.08 -23.31
HMD HEM I . -3.89 -15.96 -24.13
HMDA HEM I . -3.42 -17.41 -24.62
HMDB HEM I . -3.70 -17.15 -23.07
HAD HEM I . -6.00 -14.50 -24.22
HADA HEM I . -7.54 -14.56 -24.56
HBD HEM I . -6.91 -15.19 -26.81
HBDA HEM I . -5.44 -14.79 -26.42
HHA HEM I . -9.22 -16.02 -25.22
CAA 3QZ J . -11.19 -19.39 -20.01
CAB 3QZ J . -7.13 -16.17 -14.38
CAC 3QZ J . -9.51 -16.27 -17.99
OAD 3QZ J . -10.97 -17.59 -21.55
OAE 3QZ J . -3.17 -17.85 -12.30
OAF 3QZ J . -8.83 -18.82 -20.27
CAG 3QZ J . -3.93 -16.66 -14.23
CAH 3QZ J . -4.48 -15.54 -16.33
CAI 3QZ J . -5.58 -18.02 -12.66
CAJ 3QZ J . -5.17 -16.16 -17.70
CAK 3QZ J . -8.23 -18.30 -16.20
CAL 3QZ J . -6.93 -16.38 -19.84
CAM 3QZ J . -6.04 -18.45 -14.11
CAN 3QZ J . -8.93 -18.63 -17.71
CAO 3QZ J . -7.97 -16.90 -20.96
CAP 3QZ J . -10.47 -18.13 -20.58
CAQ 3QZ J . -4.12 -17.54 -13.00
CAR 3QZ J . -4.86 -16.53 -15.16
CAS 3QZ J . -6.68 -16.61 -17.40
CAT 3QZ J . -6.67 -17.62 -16.34
CAU 3QZ J . -7.25 -17.22 -18.63
CAV 3QZ J . -6.16 -17.16 -15.05
CAW 3QZ J . -8.70 -17.44 -18.57
CAX 3QZ J . -9.24 -17.48 -20.05
HAA 3QZ J . -10.62 -20.17 -20.14
HAAA 3QZ J . -11.35 -19.27 -19.05
HAAB 3QZ J . -12.03 -19.52 -20.47
HAB 3QZ J . -7.62 -15.68 -15.07
HABA 3QZ J . -6.62 -15.54 -13.84
HABB 3QZ J . -7.76 -16.65 -13.82
HAC 3QZ J . -9.29 -16.16 -17.04
HACA 3QZ J . -10.46 -16.45 -18.08
HACB 3QZ J . -9.29 -15.45 -18.47
HOAF 3QZ J . -7.95 -18.89 -20.13
HAG 3QZ J . -3.08 -16.19 -14.35
HAH 3QZ J . -4.83 -14.64 -16.20
HAHA 3QZ J . -3.52 -15.38 -16.37
HAI 3QZ J . -6.22 -17.41 -12.25
HAIA 3QZ J . -5.53 -18.75 -12.02
HAJ 3QZ J . -5.16 -15.48 -18.40
HAJA 3QZ J . -4.67 -16.94 -18.00
HAK 3QZ J . -8.18 -19.12 -15.68
HAKA 3QZ J . -8.81 -17.67 -15.72
HAL 3QZ J . -6.00 -16.52 -20.14
HALA 3QZ J . -7.07 -15.43 -19.66
HAM 3QZ J . -5.32 -18.99 -14.48
HAMA 3QZ J . -6.96 -18.79 -14.01
HAN 3QZ J . -9.89 -18.79 -17.61
HANA 3QZ J . -8.50 -19.42 -18.11
HAO 3QZ J . -8.27 -16.15 -21.52
HAOA 3QZ J . -7.58 -17.61 -21.50
HAS 3QZ J . -7.22 -15.84 -17.12
HAT 3QZ J . -6.07 -18.34 -16.64
HAU 3QZ J . -6.82 -18.09 -18.76
CHA HEM K . 15.57 18.29 -19.78
CHB HEM K . 18.23 21.96 -18.07
CHC HEM K . 14.22 24.73 -17.77
CHD HEM K . 11.65 21.22 -19.95
C1A HEM K . 16.62 19.02 -19.27
C2A HEM K . 17.94 18.49 -18.96
C3A HEM K . 18.69 19.49 -18.49
C4A HEM K . 17.87 20.70 -18.49
CMA HEM K . 20.16 19.42 -18.02
CAA HEM K . 18.34 17.01 -19.15
CBA HEM K . 19.38 16.80 -20.26
CGA HEM K . 19.70 15.34 -20.40
O1A HEM K . 20.59 15.00 -21.23
O2A HEM K . 19.05 14.49 -19.72
C1B HEM K . 17.36 23.01 -17.82
C2B HEM K . 17.76 24.28 -17.24
C3B HEM K . 16.64 25.06 -17.15
C4B HEM K . 15.54 24.29 -17.68
CMB HEM K . 19.22 24.55 -16.83
CAB HEM K . 16.40 26.50 -16.63
CBB HEM K . 17.35 27.31 -16.17
C1C HEM K . 13.18 24.06 -18.41
C2C HEM K . 11.87 24.61 -18.73
C3C HEM K . 11.16 23.63 -19.33
C4C HEM K . 12.01 22.45 -19.41
CMC HEM K . 11.52 26.07 -18.39
CAC HEM K . 9.72 23.60 -19.91
CBC HEM K . 8.84 24.58 -19.83
C1D HEM K . 12.44 20.08 -20.03
C2D HEM K . 11.97 18.75 -20.40
C3D HEM K . 13.20 17.85 -20.35
C4D HEM K . 14.28 18.71 -19.95
CMD HEM K . 10.53 18.32 -20.78
CAD HEM K . 13.26 16.33 -20.67
CBD HEM K . 13.68 16.12 -22.12
CGD HEM K . 13.80 14.64 -22.42
O1D HEM K . 13.75 14.24 -23.61
O2D HEM K . 13.94 13.84 -21.47
NA HEM K . 16.61 20.37 -18.97
NB HEM K . 16.01 23.04 -18.08
NC HEM K . 13.22 22.75 -18.83
ND HEM K . 13.80 20.01 -19.77
FE HEM K . 14.96 21.67 -19.12
HHB HEM K . 19.18 22.10 -17.87
HHC HEM K . 13.99 25.56 -17.29
HHD HEM K . 10.75 21.16 -20.31
HMA HEM K . 20.24 18.78 -17.28
HMAA HEM K . 20.45 20.30 -17.73
HMAB HEM K . 20.72 19.12 -18.77
HAA HEM K . 17.55 16.48 -19.35
HAAA HEM K . 18.72 16.68 -18.31
HBA HEM K . 20.18 17.29 -20.05
HBAA HEM K . 19.02 17.13 -21.10
HMB HEM K . 19.49 23.91 -16.16
HMBA HEM K . 19.29 25.44 -16.46
HMBB HEM K . 19.80 24.47 -17.61
HAB HEM K . 15.50 26.83 -16.64
HBB HEM K . 17.12 28.20 -15.86
HBBA HEM K . 18.27 27.01 -16.15
HMC HEM K . 11.58 26.21 -17.42
HMCA HEM K . 10.61 26.26 -18.67
HMCB HEM K . 12.13 26.67 -18.83
HAC HEM K . 9.45 22.80 -20.37
HBC HEM K . 7.95 24.48 -20.23
HBCA HEM K . 9.08 25.41 -19.38
HMD HEM K . 10.53 17.36 -20.98
HMDA HEM K . 10.23 18.82 -21.56
HMDB HEM K . 9.93 18.50 -20.02
HAD HEM K . 12.38 15.95 -20.52
HADA HEM K . 13.90 15.91 -20.08
HBD HEM K . 14.54 16.55 -22.27
HBDA HEM K . 13.02 16.52 -22.71
HHA HEM K . 15.78 17.37 -20.04
CAA 3QZ L . 16.18 20.53 -14.67
CAB 3QZ L . 10.80 16.86 -10.69
CAC 3QZ L . 14.13 17.26 -13.22
OAD 3QZ L . 16.51 18.67 -16.12
OAE 3QZ L . 6.51 18.70 -9.38
OAF 3QZ L . 13.97 19.83 -15.51
CAG 3QZ L . 7.70 17.76 -11.19
CAH 3QZ L . 8.62 16.87 -13.21
CAI 3QZ L . 8.96 18.82 -9.07
CAJ 3QZ L . 9.99 16.94 -14.14
CAK 3QZ L . 12.34 19.34 -11.85
CAL 3QZ L . 12.16 17.42 -15.72
CAM 3QZ L . 9.93 19.26 -10.25
CAN 3QZ L . 13.52 19.60 -13.04
CAO 3QZ L . 13.50 17.90 -16.48
CAP 3QZ L . 15.72 19.23 -15.38
CAQ 3QZ L . 7.62 18.46 -9.85
CAR 3QZ L . 8.84 17.62 -11.85
CAS 3QZ L . 11.27 17.60 -13.42
CAT 3QZ L . 10.90 18.62 -12.43
CAU 3QZ L . 12.14 18.24 -14.45
CAV 3QZ L . 10.11 18.08 -11.35
CAW 3QZ L . 13.50 18.44 -13.98
CAX 3QZ L . 14.43 18.52 -15.23
HAA 3QZ L . 15.65 21.27 -14.99
HAAA 3QZ L . 17.13 20.68 -14.84
HAAB 3QZ L . 16.04 20.42 -13.70
HAB 3QZ L . 11.77 16.96 -10.76
HABA 3QZ L . 10.55 16.80 -9.75
HABB 3QZ L . 10.53 16.04 -11.15
HAC 3QZ L . 15.11 17.36 -13.20
HACA 3QZ L . 13.90 16.42 -13.67
HACB 3QZ L . 13.80 17.23 -12.31
HOAF 3QZ L . 14.27 20.09 -16.31
HAG 3QZ L . 6.88 17.43 -11.59
HAH 3QZ L . 7.90 17.28 -13.74
HAHA 3QZ L . 8.24 15.97 -13.08
HAI 3QZ L . 8.94 19.47 -8.36
HAIA 3QZ L . 9.26 18.03 -8.58
HAJ 3QZ L . 10.21 16.03 -14.43
HAJA 3QZ L . 9.78 17.47 -14.93
HAK 3QZ L . 12.71 18.77 -11.15
HAKA 3QZ L . 12.10 20.21 -11.44
HAL 3QZ L . 12.20 16.47 -15.52
HALA 3QZ L . 11.38 17.62 -16.28
HAM 3QZ L . 9.47 19.98 -10.71
HAMA 3QZ L . 10.80 19.37 -9.85
HAN 3QZ L . 14.41 19.67 -12.62
HANA 3QZ L . 13.33 20.42 -13.53
HAO 3QZ L . 13.96 17.13 -16.89
HAOA 3QZ L . 13.30 18.58 -17.15
HAS 3QZ L . 11.78 16.90 -12.97
HAT 3QZ L . 10.38 19.30 -12.88
HAU 3QZ L . 11.75 19.12 -14.66
#